data_2LHT
#
_entry.id   2LHT
#
_entity_poly.entity_id   1
_entity_poly.type   'polypeptide(L)'
_entity_poly.pdbx_seq_one_letter_code
;ADVFDPPTQYGYDGKPLDASFCRTAGSREKDCRKDVQACDKKYDDQGRETACAKGIREKYKPAVVYGYDGKPLDLGFCTL
AGIREVDCRKDAQTCDKKYESDKCLNAIKEKYKPVVDPNPPA
;
_entity_poly.pdbx_strand_id   A
#
# COMPACT_ATOMS: atom_id res chain seq x y z
N ALA A 1 -30.79 -30.44 -11.57
CA ALA A 1 -30.14 -29.16 -11.21
C ALA A 1 -29.24 -28.69 -12.35
N ASP A 2 -29.58 -27.56 -12.94
CA ASP A 2 -28.84 -27.04 -14.08
C ASP A 2 -28.07 -25.80 -13.70
N VAL A 3 -28.52 -25.10 -12.68
CA VAL A 3 -27.89 -23.87 -12.25
C VAL A 3 -26.84 -24.14 -11.18
N PHE A 4 -25.62 -23.75 -11.46
CA PHE A 4 -24.53 -23.85 -10.50
C PHE A 4 -23.75 -22.54 -10.47
N ASP A 5 -23.69 -21.92 -9.31
CA ASP A 5 -22.98 -20.64 -9.15
C ASP A 5 -21.52 -20.77 -9.55
N PRO A 6 -21.04 -19.83 -10.36
CA PRO A 6 -19.65 -19.83 -10.83
C PRO A 6 -18.65 -19.64 -9.69
N PRO A 7 -17.50 -20.32 -9.77
CA PRO A 7 -16.45 -20.21 -8.76
C PRO A 7 -15.95 -18.78 -8.63
N THR A 8 -16.28 -18.15 -7.50
CA THR A 8 -15.94 -16.76 -7.28
C THR A 8 -14.62 -16.65 -6.52
N GLN A 9 -13.81 -17.69 -6.60
CA GLN A 9 -12.54 -17.73 -5.92
C GLN A 9 -11.48 -16.97 -6.71
N TYR A 10 -11.29 -15.70 -6.37
CA TYR A 10 -10.24 -14.88 -6.95
C TYR A 10 -9.51 -14.16 -5.84
N GLY A 11 -8.58 -13.28 -6.22
CA GLY A 11 -7.86 -12.51 -5.23
C GLY A 11 -8.34 -11.07 -5.20
N TYR A 12 -8.81 -10.60 -6.34
CA TYR A 12 -9.28 -9.23 -6.47
C TYR A 12 -10.43 -9.16 -7.48
N ASP A 13 -11.08 -10.30 -7.69
CA ASP A 13 -12.13 -10.47 -8.73
C ASP A 13 -11.51 -10.51 -10.12
N GLY A 14 -11.95 -11.46 -10.93
CA GLY A 14 -11.39 -11.63 -12.25
C GLY A 14 -10.26 -12.62 -12.27
N LYS A 15 -9.22 -12.34 -11.48
CA LYS A 15 -8.10 -13.24 -11.33
C LYS A 15 -7.67 -13.33 -9.87
N PRO A 16 -6.93 -14.38 -9.50
CA PRO A 16 -6.32 -14.50 -8.17
C PRO A 16 -5.02 -13.70 -8.08
N LEU A 17 -4.32 -13.81 -6.96
CA LEU A 17 -3.00 -13.22 -6.86
C LEU A 17 -2.04 -13.97 -7.76
N ASP A 18 -1.77 -13.41 -8.93
CA ASP A 18 -0.93 -14.06 -9.92
C ASP A 18 0.08 -13.08 -10.48
N ALA A 19 0.87 -13.54 -11.44
CA ALA A 19 1.94 -12.73 -12.03
C ALA A 19 1.39 -11.51 -12.77
N SER A 20 0.20 -11.65 -13.37
CA SER A 20 -0.39 -10.59 -14.18
C SER A 20 -0.60 -9.32 -13.35
N PHE A 21 -0.92 -9.52 -12.08
CA PHE A 21 -1.13 -8.40 -11.16
C PHE A 21 0.18 -7.63 -10.95
N CYS A 22 1.28 -8.36 -10.86
CA CYS A 22 2.57 -7.76 -10.55
C CYS A 22 3.30 -7.31 -11.80
N ARG A 23 2.78 -7.68 -12.97
CA ARG A 23 3.38 -7.30 -14.24
C ARG A 23 3.44 -5.78 -14.38
N THR A 24 2.44 -5.10 -13.83
CA THR A 24 2.32 -3.67 -13.96
C THR A 24 3.24 -2.94 -12.96
N ALA A 25 4.01 -3.71 -12.20
CA ALA A 25 4.93 -3.14 -11.21
C ALA A 25 6.30 -2.89 -11.82
N GLY A 26 6.61 -3.65 -12.86
CA GLY A 26 7.88 -3.49 -13.56
C GLY A 26 9.06 -4.02 -12.76
N SER A 27 9.54 -3.22 -11.81
CA SER A 27 10.70 -3.57 -11.01
C SER A 27 10.39 -4.75 -10.10
N ARG A 28 9.27 -4.66 -9.41
CA ARG A 28 8.86 -5.68 -8.44
C ARG A 28 8.18 -6.86 -9.14
N GLU A 29 8.16 -6.83 -10.46
CA GLU A 29 7.64 -7.93 -11.25
C GLU A 29 8.54 -9.15 -11.10
N LYS A 30 9.85 -8.88 -11.01
CA LYS A 30 10.84 -9.95 -10.88
C LYS A 30 10.72 -10.62 -9.52
N ASP A 31 10.39 -9.83 -8.52
CA ASP A 31 10.22 -10.32 -7.16
C ASP A 31 8.98 -11.19 -7.06
N CYS A 32 7.87 -10.65 -7.56
CA CYS A 32 6.56 -11.27 -7.43
C CYS A 32 6.46 -12.60 -8.16
N ARG A 33 7.12 -12.72 -9.30
CA ARG A 33 6.98 -13.90 -10.14
C ARG A 33 7.47 -15.14 -9.39
N LYS A 34 8.56 -15.00 -8.65
CA LYS A 34 9.05 -16.09 -7.81
C LYS A 34 8.25 -16.19 -6.51
N ASP A 35 7.96 -15.03 -5.92
CA ASP A 35 7.34 -14.94 -4.60
C ASP A 35 5.94 -15.55 -4.60
N VAL A 36 5.19 -15.28 -5.66
CA VAL A 36 3.83 -15.80 -5.80
C VAL A 36 3.82 -17.33 -5.82
N GLN A 37 4.90 -17.92 -6.33
CA GLN A 37 5.03 -19.36 -6.40
C GLN A 37 5.45 -19.94 -5.06
N ALA A 38 6.18 -19.14 -4.29
CA ALA A 38 6.65 -19.56 -2.98
C ALA A 38 5.49 -19.61 -1.98
N CYS A 39 4.61 -18.62 -2.08
CA CYS A 39 3.42 -18.58 -1.25
C CYS A 39 2.29 -19.31 -1.96
N ASP A 40 2.13 -20.58 -1.65
CA ASP A 40 1.24 -21.45 -2.41
C ASP A 40 -0.19 -21.43 -1.88
N LYS A 41 -0.35 -21.63 -0.58
CA LYS A 41 -1.68 -21.68 0.02
C LYS A 41 -2.47 -20.41 -0.27
N LYS A 42 -1.80 -19.26 -0.23
CA LYS A 42 -2.37 -17.97 -0.65
C LYS A 42 -3.52 -17.47 0.23
N TYR A 43 -4.62 -18.22 0.30
CA TYR A 43 -5.82 -17.71 0.93
C TYR A 43 -6.16 -18.49 2.20
N ASP A 44 -6.84 -17.82 3.11
CA ASP A 44 -7.32 -18.42 4.35
C ASP A 44 -8.47 -19.39 4.04
N ASP A 45 -8.76 -20.29 4.97
CA ASP A 45 -9.88 -21.24 4.82
C ASP A 45 -11.19 -20.51 4.54
N GLN A 46 -11.36 -19.35 5.15
CA GLN A 46 -12.55 -18.53 4.95
C GLN A 46 -12.56 -17.88 3.57
N GLY A 47 -11.41 -17.92 2.89
CA GLY A 47 -11.30 -17.28 1.59
C GLY A 47 -10.77 -15.87 1.71
N ARG A 48 -10.34 -15.50 2.91
CA ARG A 48 -9.80 -14.18 3.18
C ARG A 48 -8.31 -14.16 2.86
N GLU A 49 -7.76 -12.97 2.70
CA GLU A 49 -6.34 -12.81 2.46
C GLU A 49 -5.54 -13.16 3.71
N THR A 50 -4.48 -13.91 3.53
CA THR A 50 -3.63 -14.34 4.63
C THR A 50 -2.62 -13.25 4.98
N ALA A 51 -1.83 -13.50 6.01
CA ALA A 51 -0.73 -12.63 6.36
C ALA A 51 0.27 -12.54 5.20
N CYS A 52 0.41 -13.64 4.47
CA CYS A 52 1.31 -13.69 3.32
C CYS A 52 0.72 -12.87 2.17
N ALA A 53 -0.56 -13.11 1.88
CA ALA A 53 -1.28 -12.36 0.84
C ALA A 53 -1.29 -10.86 1.12
N LYS A 54 -1.26 -10.49 2.40
CA LYS A 54 -1.33 -9.09 2.78
C LYS A 54 0.03 -8.43 2.55
N GLY A 55 1.09 -9.19 2.80
CA GLY A 55 2.43 -8.70 2.54
C GLY A 55 2.69 -8.50 1.06
N ILE A 56 1.99 -9.29 0.24
CA ILE A 56 2.17 -9.24 -1.20
C ILE A 56 1.55 -7.96 -1.76
N ARG A 57 0.26 -7.77 -1.50
CA ARG A 57 -0.46 -6.57 -1.93
C ARG A 57 0.22 -5.28 -1.45
N GLU A 58 0.96 -5.35 -0.36
CA GLU A 58 1.66 -4.18 0.18
C GLU A 58 2.91 -3.84 -0.64
N LYS A 59 3.58 -4.85 -1.19
CA LYS A 59 4.79 -4.61 -1.98
C LYS A 59 4.42 -4.27 -3.41
N TYR A 60 3.48 -5.01 -3.96
CA TYR A 60 3.07 -4.85 -5.35
C TYR A 60 1.82 -3.96 -5.38
N LYS A 61 1.81 -3.07 -4.41
CA LYS A 61 0.71 -2.12 -4.17
C LYS A 61 0.42 -1.26 -5.39
N PRO A 62 -0.88 -1.00 -5.66
CA PRO A 62 -1.29 0.02 -6.63
C PRO A 62 -1.35 1.38 -5.95
N ALA A 63 -1.95 2.37 -6.62
CA ALA A 63 -2.05 3.68 -6.03
C ALA A 63 -3.27 3.75 -5.12
N VAL A 64 -3.05 3.43 -3.85
CA VAL A 64 -4.09 3.43 -2.83
C VAL A 64 -3.45 3.47 -1.45
N VAL A 65 -4.10 4.18 -0.53
CA VAL A 65 -3.60 4.25 0.83
C VAL A 65 -4.25 3.18 1.71
N TYR A 66 -3.44 2.22 2.15
CA TYR A 66 -3.90 1.16 3.03
C TYR A 66 -3.23 1.27 4.38
N GLY A 67 -3.97 0.97 5.43
CA GLY A 67 -3.43 1.02 6.77
C GLY A 67 -3.04 -0.35 7.27
N TYR A 68 -2.57 -0.40 8.52
CA TYR A 68 -2.14 -1.65 9.14
C TYR A 68 -3.31 -2.62 9.29
N ASP A 69 -4.52 -2.07 9.25
CA ASP A 69 -5.74 -2.84 9.42
C ASP A 69 -6.00 -3.76 8.24
N GLY A 70 -5.27 -3.55 7.15
CA GLY A 70 -5.51 -4.31 5.94
C GLY A 70 -6.66 -3.74 5.15
N LYS A 71 -7.00 -2.49 5.46
CA LYS A 71 -8.09 -1.80 4.81
C LYS A 71 -7.60 -0.47 4.25
N PRO A 72 -8.29 0.09 3.24
CA PRO A 72 -7.89 1.35 2.60
C PRO A 72 -8.38 2.58 3.37
N LEU A 73 -8.22 2.57 4.69
CA LEU A 73 -8.61 3.72 5.51
C LEU A 73 -7.54 4.81 5.44
N ASP A 74 -7.98 6.05 5.35
CA ASP A 74 -7.09 7.19 5.17
C ASP A 74 -7.06 8.07 6.41
N LEU A 75 -6.15 7.73 7.33
CA LEU A 75 -6.00 8.47 8.60
C LEU A 75 -5.03 7.74 9.54
N GLY A 76 -4.87 6.43 9.33
CA GLY A 76 -4.09 5.60 10.23
C GLY A 76 -2.71 6.13 10.53
N PHE A 77 -1.97 6.51 9.50
CA PHE A 77 -0.57 6.93 9.66
C PHE A 77 -0.46 8.41 10.00
N CYS A 78 -1.60 9.07 10.09
CA CYS A 78 -1.61 10.50 10.35
C CYS A 78 -2.21 10.83 11.71
N THR A 79 -2.97 9.90 12.26
CA THR A 79 -3.65 10.13 13.53
C THR A 79 -2.66 10.16 14.70
N LEU A 80 -1.42 9.75 14.44
CA LEU A 80 -0.40 9.75 15.47
C LEU A 80 0.16 11.15 15.66
N ALA A 81 0.15 11.93 14.60
CA ALA A 81 0.71 13.27 14.62
C ALA A 81 -0.24 14.26 15.28
N GLY A 82 -1.38 14.48 14.66
CA GLY A 82 -2.34 15.43 15.18
C GLY A 82 -2.62 16.55 14.21
N ILE A 83 -1.92 17.66 14.34
CA ILE A 83 -2.11 18.80 13.45
C ILE A 83 -1.57 18.51 12.06
N ARG A 84 -0.41 17.87 11.99
CA ARG A 84 0.21 17.55 10.70
C ARG A 84 -0.54 16.46 9.95
N GLU A 85 -1.61 15.94 10.56
CA GLU A 85 -2.49 14.97 9.92
C GLU A 85 -3.07 15.56 8.65
N VAL A 86 -3.30 16.87 8.69
CA VAL A 86 -3.84 17.59 7.55
C VAL A 86 -2.88 17.55 6.36
N ASP A 87 -1.59 17.69 6.65
CA ASP A 87 -0.57 17.74 5.60
C ASP A 87 -0.31 16.36 5.01
N CYS A 88 0.04 15.40 5.88
CA CYS A 88 0.36 14.05 5.44
C CYS A 88 -0.79 13.40 4.69
N ARG A 89 -2.02 13.76 5.05
CA ARG A 89 -3.20 13.19 4.38
C ARG A 89 -3.17 13.49 2.89
N LYS A 90 -2.62 14.65 2.54
CA LYS A 90 -2.55 15.07 1.14
C LYS A 90 -1.45 14.30 0.41
N ASP A 91 -0.24 14.38 0.96
CA ASP A 91 0.95 13.83 0.32
C ASP A 91 1.03 12.30 0.41
N ALA A 92 0.24 11.70 1.29
CA ALA A 92 0.30 10.25 1.55
C ALA A 92 0.21 9.41 0.27
N GLN A 93 -0.68 9.80 -0.64
CA GLN A 93 -0.90 9.03 -1.86
C GLN A 93 0.23 9.23 -2.86
N THR A 94 1.09 10.20 -2.61
CA THR A 94 2.22 10.48 -3.48
C THR A 94 3.36 9.50 -3.17
N CYS A 95 3.44 9.09 -1.91
CA CYS A 95 4.37 8.05 -1.49
C CYS A 95 3.79 6.66 -1.74
N ASP A 96 3.13 6.48 -2.88
CA ASP A 96 2.35 5.27 -3.12
C ASP A 96 3.22 4.08 -3.54
N LYS A 97 3.98 4.19 -4.64
CA LYS A 97 4.86 3.09 -5.02
C LYS A 97 6.31 3.51 -5.23
N LYS A 98 6.53 4.27 -6.29
CA LYS A 98 7.86 4.31 -6.89
C LYS A 98 8.37 5.71 -7.16
N TYR A 99 7.75 6.37 -8.14
CA TYR A 99 8.28 7.59 -8.75
C TYR A 99 8.29 8.75 -7.76
N GLU A 100 7.13 9.11 -7.26
CA GLU A 100 7.00 10.32 -6.45
C GLU A 100 7.27 10.03 -4.99
N SER A 101 7.61 8.79 -4.67
CA SER A 101 7.85 8.39 -3.29
C SER A 101 8.99 9.20 -2.67
N ASP A 102 10.07 9.39 -3.41
CA ASP A 102 11.23 10.13 -2.93
C ASP A 102 10.88 11.60 -2.67
N LYS A 103 10.16 12.19 -3.61
CA LYS A 103 9.82 13.61 -3.54
C LYS A 103 8.75 13.85 -2.48
N CYS A 104 7.87 12.87 -2.31
CA CYS A 104 6.84 12.93 -1.29
C CYS A 104 7.47 12.83 0.10
N LEU A 105 8.48 11.98 0.21
CA LEU A 105 9.21 11.81 1.47
C LEU A 105 9.85 13.13 1.87
N ASN A 106 10.39 13.83 0.89
CA ASN A 106 10.98 15.16 1.10
C ASN A 106 9.96 16.14 1.64
N ALA A 107 8.71 15.95 1.26
CA ALA A 107 7.64 16.86 1.63
C ALA A 107 7.20 16.59 3.07
N ILE A 108 7.41 15.36 3.51
CA ILE A 108 6.95 14.92 4.83
C ILE A 108 7.94 15.33 5.90
N LYS A 109 9.20 15.48 5.52
CA LYS A 109 10.26 15.76 6.49
C LYS A 109 10.12 17.17 7.03
N GLU A 110 9.74 18.10 6.15
CA GLU A 110 9.63 19.49 6.55
C GLU A 110 8.36 19.74 7.38
N LYS A 111 7.48 18.74 7.41
CA LYS A 111 6.26 18.85 8.19
C LYS A 111 6.60 18.84 9.68
N TYR A 112 7.69 18.16 10.01
CA TYR A 112 8.12 18.03 11.40
C TYR A 112 9.47 18.72 11.59
N LYS A 113 9.78 19.65 10.70
CA LYS A 113 11.05 20.38 10.73
C LYS A 113 11.22 21.11 12.05
N PRO A 114 12.34 20.86 12.75
CA PRO A 114 12.63 21.49 14.04
C PRO A 114 13.02 22.97 13.90
N VAL A 115 12.02 23.83 13.97
CA VAL A 115 12.26 25.28 13.94
C VAL A 115 12.29 25.83 15.36
N VAL A 116 12.43 24.94 16.31
CA VAL A 116 12.46 25.30 17.72
C VAL A 116 13.89 25.60 18.17
N ASP A 117 14.04 26.35 19.24
CA ASP A 117 15.33 26.68 19.79
C ASP A 117 15.99 25.44 20.40
N PRO A 118 17.31 25.30 20.27
CA PRO A 118 18.05 24.13 20.74
C PRO A 118 18.02 24.00 22.26
N ASN A 119 18.30 22.79 22.74
CA ASN A 119 18.31 22.51 24.17
C ASN A 119 19.56 23.14 24.80
N PRO A 120 19.42 23.68 26.02
CA PRO A 120 20.51 24.37 26.72
C PRO A 120 21.76 23.49 26.86
N PRO A 121 22.88 23.92 26.26
CA PRO A 121 24.15 23.21 26.34
C PRO A 121 24.79 23.37 27.72
N ALA A 122 24.60 22.38 28.57
CA ALA A 122 25.10 22.45 29.94
C ALA A 122 25.90 21.20 30.27
N ALA A 1 -31.36 -29.10 -16.41
CA ALA A 1 -29.91 -28.86 -16.65
C ALA A 1 -29.17 -30.18 -16.66
N ASP A 2 -27.89 -30.12 -17.02
CA ASP A 2 -27.06 -31.31 -17.03
C ASP A 2 -26.31 -31.41 -15.70
N VAL A 3 -25.45 -30.42 -15.48
CA VAL A 3 -24.69 -30.30 -14.23
C VAL A 3 -23.63 -29.22 -14.38
N PHE A 4 -23.42 -28.43 -13.35
CA PHE A 4 -22.38 -27.42 -13.33
C PHE A 4 -21.77 -27.32 -11.95
N ASP A 5 -20.46 -27.19 -11.90
CA ASP A 5 -19.75 -27.12 -10.63
C ASP A 5 -19.88 -25.74 -10.01
N PRO A 6 -19.79 -25.68 -8.66
CA PRO A 6 -19.86 -24.41 -7.93
C PRO A 6 -18.74 -23.45 -8.34
N PRO A 7 -18.99 -22.14 -8.28
CA PRO A 7 -18.00 -21.13 -8.64
C PRO A 7 -16.75 -21.22 -7.77
N THR A 8 -15.65 -21.64 -8.37
CA THR A 8 -14.38 -21.74 -7.67
C THR A 8 -13.90 -20.35 -7.24
N GLN A 9 -13.48 -20.24 -5.99
CA GLN A 9 -12.95 -18.97 -5.50
C GLN A 9 -11.54 -18.76 -6.05
N TYR A 10 -11.45 -18.11 -7.20
CA TYR A 10 -10.17 -17.85 -7.83
C TYR A 10 -9.40 -16.80 -7.05
N GLY A 11 -9.88 -15.57 -7.08
CA GLY A 11 -9.22 -14.50 -6.38
C GLY A 11 -9.91 -13.16 -6.61
N TYR A 12 -9.55 -12.48 -7.68
CA TYR A 12 -10.13 -11.18 -7.99
C TYR A 12 -11.35 -11.32 -8.90
N ASP A 13 -11.29 -12.25 -9.85
CA ASP A 13 -12.34 -12.40 -10.85
C ASP A 13 -12.14 -13.68 -11.66
N GLY A 14 -11.15 -13.68 -12.53
CA GLY A 14 -10.89 -14.85 -13.36
C GLY A 14 -9.86 -15.77 -12.76
N LYS A 15 -8.80 -15.19 -12.22
CA LYS A 15 -7.71 -15.96 -11.64
C LYS A 15 -7.40 -15.44 -10.23
N PRO A 16 -6.56 -16.18 -9.47
CA PRO A 16 -6.09 -15.74 -8.16
C PRO A 16 -4.95 -14.73 -8.28
N LEU A 17 -4.43 -14.30 -7.14
CA LEU A 17 -3.26 -13.43 -7.12
C LEU A 17 -2.06 -14.18 -7.67
N ASP A 18 -1.48 -13.64 -8.73
CA ASP A 18 -0.32 -14.24 -9.38
C ASP A 18 0.62 -13.17 -9.90
N ALA A 19 1.86 -13.57 -10.21
CA ALA A 19 2.88 -12.66 -10.71
C ALA A 19 2.44 -11.96 -11.99
N SER A 20 1.50 -12.56 -12.71
CA SER A 20 0.97 -12.00 -13.94
C SER A 20 0.32 -10.62 -13.70
N PHE A 21 -0.16 -10.42 -12.49
CA PHE A 21 -0.78 -9.15 -12.11
C PHE A 21 0.27 -8.05 -11.96
N CYS A 22 1.48 -8.45 -11.58
CA CYS A 22 2.54 -7.51 -11.24
C CYS A 22 3.42 -7.16 -12.44
N ARG A 23 3.05 -7.65 -13.63
CA ARG A 23 3.91 -7.57 -14.81
C ARG A 23 4.22 -6.13 -15.25
N THR A 24 3.53 -5.15 -14.69
CA THR A 24 3.79 -3.76 -15.04
C THR A 24 4.18 -2.95 -13.79
N ALA A 25 4.50 -3.66 -12.72
CA ALA A 25 4.80 -3.00 -11.45
C ALA A 25 6.29 -2.66 -11.32
N GLY A 26 7.06 -2.95 -12.37
CA GLY A 26 8.47 -2.58 -12.41
C GLY A 26 9.28 -3.17 -11.26
N SER A 27 9.59 -2.32 -10.29
CA SER A 27 10.38 -2.74 -9.14
C SER A 27 9.60 -3.67 -8.22
N ARG A 28 8.29 -3.74 -8.41
CA ARG A 28 7.46 -4.65 -7.65
C ARG A 28 7.11 -5.87 -8.50
N GLU A 29 7.48 -5.79 -9.77
CA GLU A 29 7.19 -6.83 -10.75
C GLU A 29 8.00 -8.09 -10.48
N LYS A 30 9.32 -7.93 -10.51
CA LYS A 30 10.24 -9.05 -10.40
C LYS A 30 10.20 -9.66 -9.00
N ASP A 31 10.02 -8.80 -8.00
CA ASP A 31 9.89 -9.26 -6.63
C ASP A 31 8.63 -10.11 -6.48
N CYS A 32 7.59 -9.70 -7.19
CA CYS A 32 6.32 -10.40 -7.19
C CYS A 32 6.45 -11.78 -7.85
N ARG A 33 7.34 -11.88 -8.83
CA ARG A 33 7.55 -13.13 -9.55
C ARG A 33 8.00 -14.23 -8.60
N LYS A 34 8.91 -13.90 -7.69
CA LYS A 34 9.42 -14.86 -6.72
C LYS A 34 8.43 -15.10 -5.58
N ASP A 35 7.99 -14.02 -4.93
CA ASP A 35 7.25 -14.12 -3.68
C ASP A 35 5.85 -14.70 -3.87
N VAL A 36 5.17 -14.31 -4.93
CA VAL A 36 3.78 -14.72 -5.12
C VAL A 36 3.69 -16.18 -5.57
N GLN A 37 4.59 -16.60 -6.44
CA GLN A 37 4.59 -17.99 -6.91
C GLN A 37 5.07 -18.93 -5.82
N ALA A 38 5.88 -18.41 -4.92
CA ALA A 38 6.34 -19.17 -3.76
C ALA A 38 5.18 -19.46 -2.82
N CYS A 39 4.17 -18.61 -2.87
CA CYS A 39 2.97 -18.80 -2.07
C CYS A 39 2.07 -19.83 -2.73
N ASP A 40 1.89 -20.97 -2.07
CA ASP A 40 1.14 -22.07 -2.66
C ASP A 40 -0.34 -22.01 -2.32
N LYS A 41 -0.62 -22.00 -1.03
CA LYS A 41 -1.99 -22.06 -0.53
C LYS A 41 -2.85 -20.93 -1.08
N LYS A 42 -2.29 -19.72 -1.14
CA LYS A 42 -2.99 -18.53 -1.65
C LYS A 42 -4.14 -18.10 -0.74
N TYR A 43 -5.16 -18.93 -0.59
CA TYR A 43 -6.35 -18.56 0.15
C TYR A 43 -6.67 -19.62 1.19
N ASP A 44 -7.13 -19.19 2.35
CA ASP A 44 -7.34 -20.09 3.48
C ASP A 44 -8.67 -20.84 3.35
N ASP A 45 -8.92 -21.71 4.31
CA ASP A 45 -10.03 -22.66 4.25
C ASP A 45 -11.38 -21.94 4.30
N GLN A 46 -11.41 -20.80 4.97
CA GLN A 46 -12.66 -20.03 5.13
C GLN A 46 -13.02 -19.30 3.84
N GLY A 47 -12.13 -19.33 2.86
CA GLY A 47 -12.32 -18.54 1.67
C GLY A 47 -11.68 -17.18 1.81
N ARG A 48 -10.96 -17.01 2.91
CA ARG A 48 -10.34 -15.74 3.23
C ARG A 48 -8.88 -15.70 2.82
N GLU A 49 -8.37 -14.49 2.70
CA GLU A 49 -6.98 -14.29 2.35
C GLU A 49 -6.06 -14.80 3.45
N THR A 50 -5.05 -15.56 3.07
CA THR A 50 -4.09 -16.10 4.02
C THR A 50 -3.22 -15.00 4.60
N ALA A 51 -2.40 -15.34 5.58
CA ALA A 51 -1.40 -14.42 6.10
C ALA A 51 -0.46 -14.01 4.97
N CYS A 52 -0.11 -14.98 4.14
CA CYS A 52 0.69 -14.75 2.95
C CYS A 52 0.00 -13.74 2.03
N ALA A 53 -1.28 -13.96 1.80
CA ALA A 53 -2.08 -13.09 0.94
C ALA A 53 -2.19 -11.69 1.53
N LYS A 54 -2.12 -11.61 2.85
CA LYS A 54 -2.31 -10.35 3.55
C LYS A 54 -1.03 -9.53 3.46
N GLY A 55 0.09 -10.21 3.60
CA GLY A 55 1.39 -9.57 3.46
C GLY A 55 1.61 -9.06 2.05
N ILE A 56 1.03 -9.75 1.08
CA ILE A 56 1.19 -9.40 -0.33
C ILE A 56 0.42 -8.12 -0.64
N ARG A 57 -0.82 -8.05 -0.15
CA ARG A 57 -1.68 -6.88 -0.36
C ARG A 57 -0.97 -5.57 -0.05
N GLU A 58 -0.31 -5.51 1.10
CA GLU A 58 0.32 -4.27 1.55
C GLU A 58 1.71 -4.09 0.94
N LYS A 59 2.33 -5.20 0.54
CA LYS A 59 3.68 -5.18 -0.01
C LYS A 59 3.66 -4.84 -1.50
N TYR A 60 2.60 -5.24 -2.17
CA TYR A 60 2.48 -5.01 -3.61
C TYR A 60 1.27 -4.14 -3.90
N LYS A 61 1.00 -3.21 -2.99
CA LYS A 61 -0.12 -2.28 -3.12
C LYS A 61 -0.11 -1.60 -4.51
N PRO A 62 -1.28 -1.43 -5.11
CA PRO A 62 -1.40 -0.77 -6.42
C PRO A 62 -1.24 0.73 -6.29
N ALA A 63 -2.29 1.39 -5.82
CA ALA A 63 -2.19 2.76 -5.36
C ALA A 63 -3.15 2.96 -4.20
N VAL A 64 -2.65 2.68 -3.00
CA VAL A 64 -3.42 2.82 -1.77
C VAL A 64 -2.47 2.79 -0.57
N VAL A 65 -2.28 3.93 0.06
CA VAL A 65 -1.46 3.98 1.25
C VAL A 65 -2.20 3.32 2.41
N TYR A 66 -1.59 2.30 2.99
CA TYR A 66 -2.21 1.56 4.06
C TYR A 66 -1.96 2.24 5.41
N GLY A 67 -3.05 2.44 6.13
CA GLY A 67 -2.98 3.11 7.42
C GLY A 67 -2.46 2.21 8.51
N TYR A 68 -2.28 2.78 9.68
CA TYR A 68 -1.69 2.06 10.81
C TYR A 68 -2.61 0.96 11.32
N ASP A 69 -3.89 1.01 10.96
CA ASP A 69 -4.84 0.00 11.40
C ASP A 69 -5.07 -1.05 10.30
N GLY A 70 -4.48 -0.81 9.14
CA GLY A 70 -4.55 -1.78 8.05
C GLY A 70 -5.52 -1.42 6.93
N LYS A 71 -6.20 -0.28 7.06
CA LYS A 71 -7.09 0.17 5.99
C LYS A 71 -6.30 0.84 4.88
N PRO A 72 -6.72 0.69 3.62
CA PRO A 72 -6.13 1.40 2.50
C PRO A 72 -6.78 2.77 2.31
N LEU A 73 -6.33 3.74 3.08
CA LEU A 73 -6.89 5.08 3.04
C LEU A 73 -5.79 6.12 3.21
N ASP A 74 -5.89 7.22 2.48
CA ASP A 74 -4.90 8.27 2.60
C ASP A 74 -5.18 9.13 3.82
N LEU A 75 -4.91 8.55 4.98
CA LEU A 75 -5.05 9.21 6.28
C LEU A 75 -4.16 8.54 7.33
N GLY A 76 -3.45 7.48 6.93
CA GLY A 76 -2.77 6.64 7.91
C GLY A 76 -1.51 7.24 8.48
N PHE A 77 -0.78 7.99 7.67
CA PHE A 77 0.50 8.55 8.11
C PHE A 77 0.31 9.93 8.73
N CYS A 78 -0.76 10.60 8.33
CA CYS A 78 -0.95 11.99 8.70
C CYS A 78 -1.66 12.14 10.05
N THR A 79 -2.28 11.07 10.52
CA THR A 79 -3.00 11.11 11.79
C THR A 79 -2.03 11.31 12.96
N LEU A 80 -0.75 11.06 12.72
CA LEU A 80 0.28 11.25 13.73
C LEU A 80 0.75 12.71 13.77
N ALA A 81 0.21 13.53 12.88
CA ALA A 81 0.65 14.91 12.74
C ALA A 81 -0.18 15.86 13.59
N GLY A 82 -1.43 16.05 13.21
CA GLY A 82 -2.29 16.98 13.93
C GLY A 82 -2.79 18.10 13.03
N ILE A 83 -2.19 19.28 13.15
CA ILE A 83 -2.56 20.41 12.30
C ILE A 83 -1.89 20.29 10.93
N ARG A 84 -0.69 19.71 10.92
CA ARG A 84 0.05 19.48 9.69
C ARG A 84 -0.47 18.25 8.96
N GLU A 85 -1.52 17.65 9.52
CA GLU A 85 -2.18 16.51 8.92
C GLU A 85 -2.85 16.90 7.61
N VAL A 86 -3.34 18.14 7.57
CA VAL A 86 -4.11 18.64 6.43
C VAL A 86 -3.33 18.55 5.13
N ASP A 87 -2.14 19.15 5.10
CA ASP A 87 -1.34 19.17 3.88
C ASP A 87 -0.73 17.79 3.62
N CYS A 88 -0.38 17.09 4.69
CA CYS A 88 0.13 15.73 4.59
C CYS A 88 -0.81 14.83 3.79
N ARG A 89 -2.11 15.00 3.98
CA ARG A 89 -3.12 14.17 3.35
C ARG A 89 -3.00 14.27 1.82
N LYS A 90 -2.77 15.48 1.34
CA LYS A 90 -2.58 15.72 -0.09
C LYS A 90 -1.19 15.29 -0.53
N ASP A 91 -0.20 15.59 0.31
CA ASP A 91 1.20 15.52 -0.06
C ASP A 91 1.74 14.09 -0.08
N ALA A 92 1.51 13.37 1.01
CA ALA A 92 2.17 12.08 1.27
C ALA A 92 1.97 11.07 0.14
N GLN A 93 0.86 11.15 -0.55
CA GLN A 93 0.53 10.16 -1.58
C GLN A 93 1.44 10.30 -2.81
N THR A 94 2.17 11.41 -2.88
CA THR A 94 3.11 11.62 -3.99
C THR A 94 4.21 10.55 -3.97
N CYS A 95 4.50 10.05 -2.78
CA CYS A 95 5.42 8.94 -2.57
C CYS A 95 4.83 7.61 -3.10
N ASP A 96 4.23 7.65 -4.29
CA ASP A 96 3.46 6.53 -4.81
C ASP A 96 4.31 5.29 -5.09
N LYS A 97 5.27 5.37 -6.01
CA LYS A 97 6.15 4.23 -6.24
C LYS A 97 7.64 4.60 -6.22
N LYS A 98 8.09 5.29 -7.27
CA LYS A 98 9.51 5.59 -7.43
C LYS A 98 9.76 7.06 -7.80
N TYR A 99 9.36 7.40 -9.01
CA TYR A 99 9.67 8.69 -9.65
C TYR A 99 9.31 9.90 -8.81
N GLU A 100 8.16 9.86 -8.17
CA GLU A 100 7.69 11.02 -7.42
C GLU A 100 7.88 10.82 -5.92
N SER A 101 8.55 9.74 -5.55
CA SER A 101 8.73 9.40 -4.15
C SER A 101 9.74 10.33 -3.48
N ASP A 102 10.84 10.62 -4.17
CA ASP A 102 11.85 11.52 -3.63
C ASP A 102 11.36 12.96 -3.71
N LYS A 103 10.54 13.25 -4.73
CA LYS A 103 9.84 14.53 -4.85
C LYS A 103 8.99 14.77 -3.62
N CYS A 104 8.34 13.70 -3.18
CA CYS A 104 7.49 13.74 -2.01
C CYS A 104 8.34 13.79 -0.74
N LEU A 105 9.42 13.04 -0.73
CA LEU A 105 10.31 12.97 0.43
C LEU A 105 10.94 14.33 0.74
N ASN A 106 11.55 14.98 -0.26
CA ASN A 106 12.21 16.27 -0.05
C ASN A 106 11.23 17.35 0.42
N ALA A 107 9.97 17.18 0.08
CA ALA A 107 8.95 18.14 0.47
C ALA A 107 8.58 17.93 1.93
N ILE A 108 8.24 16.68 2.23
CA ILE A 108 7.92 16.26 3.59
C ILE A 108 9.02 16.60 4.59
N LYS A 109 10.28 16.52 4.18
CA LYS A 109 11.38 16.63 5.13
C LYS A 109 11.60 18.10 5.53
N GLU A 110 11.56 19.00 4.55
CA GLU A 110 11.80 20.42 4.79
C GLU A 110 10.65 21.05 5.58
N LYS A 111 9.53 20.35 5.66
CA LYS A 111 8.42 20.81 6.48
C LYS A 111 8.72 20.63 7.96
N TYR A 112 9.53 19.62 8.28
CA TYR A 112 9.75 19.23 9.67
C TYR A 112 11.19 19.46 10.12
N LYS A 113 11.85 20.47 9.58
CA LYS A 113 13.21 20.78 10.01
C LYS A 113 13.18 21.56 11.33
N PRO A 114 14.11 21.26 12.25
CA PRO A 114 14.16 21.89 13.57
C PRO A 114 14.67 23.33 13.54
N VAL A 115 13.79 24.25 13.16
CA VAL A 115 14.10 25.68 13.22
C VAL A 115 13.20 26.35 14.25
N VAL A 116 12.35 25.55 14.86
CA VAL A 116 11.42 26.02 15.88
C VAL A 116 11.96 25.67 17.25
N ASP A 117 11.69 26.50 18.26
CA ASP A 117 12.10 26.22 19.63
C ASP A 117 11.47 24.90 20.08
N PRO A 118 12.28 23.85 20.24
CA PRO A 118 11.77 22.50 20.44
C PRO A 118 11.20 22.25 21.85
N ASN A 119 12.05 21.78 22.75
CA ASN A 119 11.60 21.38 24.07
C ASN A 119 12.52 21.92 25.15
N PRO A 120 11.94 22.31 26.30
CA PRO A 120 12.71 22.69 27.48
C PRO A 120 13.17 21.47 28.26
N PRO A 121 14.15 21.62 29.17
CA PRO A 121 14.64 20.53 30.01
C PRO A 121 13.52 19.87 30.81
N ALA A 122 13.23 18.61 30.49
CA ALA A 122 12.17 17.88 31.15
C ALA A 122 12.71 17.06 32.30
N ALA A 1 -9.83 -34.81 10.09
CA ALA A 1 -10.16 -33.72 9.15
C ALA A 1 -10.19 -34.24 7.72
N ASP A 2 -9.05 -34.13 7.02
CA ASP A 2 -8.87 -34.67 5.67
C ASP A 2 -9.64 -33.90 4.61
N VAL A 3 -10.84 -33.43 4.94
CA VAL A 3 -11.66 -32.69 4.00
C VAL A 3 -11.01 -31.37 3.59
N PHE A 4 -10.68 -31.25 2.32
CA PHE A 4 -10.13 -30.04 1.77
C PHE A 4 -10.76 -29.73 0.42
N ASP A 5 -11.34 -28.55 0.30
CA ASP A 5 -11.88 -28.11 -0.97
C ASP A 5 -10.81 -27.39 -1.76
N PRO A 6 -10.79 -27.56 -3.10
CA PRO A 6 -9.83 -26.89 -3.96
C PRO A 6 -9.94 -25.38 -3.84
N PRO A 7 -8.79 -24.69 -3.66
CA PRO A 7 -8.74 -23.24 -3.44
C PRO A 7 -9.66 -22.46 -4.37
N THR A 8 -10.80 -22.06 -3.83
CA THR A 8 -11.78 -21.30 -4.59
C THR A 8 -11.88 -19.89 -4.02
N GLN A 9 -10.95 -19.59 -3.12
CA GLN A 9 -10.87 -18.28 -2.51
C GLN A 9 -10.04 -17.37 -3.40
N TYR A 10 -10.70 -16.69 -4.33
CA TYR A 10 -9.99 -15.84 -5.28
C TYR A 10 -9.75 -14.45 -4.69
N GLY A 11 -8.79 -13.74 -5.27
CA GLY A 11 -8.53 -12.38 -4.86
C GLY A 11 -9.53 -11.41 -5.45
N TYR A 12 -10.06 -11.80 -6.60
CA TYR A 12 -11.07 -11.01 -7.30
C TYR A 12 -12.10 -11.93 -7.95
N ASP A 13 -11.65 -12.77 -8.87
CA ASP A 13 -12.48 -13.76 -9.52
C ASP A 13 -11.63 -14.67 -10.40
N GLY A 14 -12.08 -15.91 -10.61
CA GLY A 14 -11.33 -16.84 -11.41
C GLY A 14 -10.16 -17.44 -10.65
N LYS A 15 -9.19 -16.62 -10.32
CA LYS A 15 -8.01 -17.04 -9.57
C LYS A 15 -7.65 -16.00 -8.52
N PRO A 16 -6.79 -16.36 -7.56
CA PRO A 16 -6.18 -15.41 -6.63
C PRO A 16 -5.20 -14.48 -7.37
N LEU A 17 -4.55 -13.58 -6.64
CA LEU A 17 -3.60 -12.66 -7.25
C LEU A 17 -2.44 -13.44 -7.87
N ASP A 18 -2.29 -13.31 -9.18
CA ASP A 18 -1.26 -14.03 -9.92
C ASP A 18 -0.13 -13.09 -10.33
N ALA A 19 1.04 -13.66 -10.57
CA ALA A 19 2.23 -12.89 -10.93
C ALA A 19 2.04 -12.14 -12.24
N SER A 20 1.13 -12.63 -13.07
CA SER A 20 0.84 -12.00 -14.36
C SER A 20 0.42 -10.54 -14.19
N PHE A 21 -0.05 -10.18 -13.00
CA PHE A 21 -0.46 -8.82 -12.72
C PHE A 21 0.76 -7.90 -12.61
N CYS A 22 1.85 -8.46 -12.10
CA CYS A 22 3.03 -7.66 -11.78
C CYS A 22 3.86 -7.31 -13.03
N ARG A 23 3.46 -7.85 -14.17
CA ARG A 23 4.19 -7.59 -15.42
C ARG A 23 3.95 -6.17 -15.92
N THR A 24 2.92 -5.52 -15.38
CA THR A 24 2.63 -4.15 -15.75
C THR A 24 3.42 -3.17 -14.88
N ALA A 25 4.01 -3.71 -13.82
CA ALA A 25 4.85 -2.92 -12.92
C ALA A 25 6.27 -2.87 -13.46
N GLY A 26 6.79 -4.03 -13.84
CA GLY A 26 8.12 -4.11 -14.42
C GLY A 26 9.21 -4.12 -13.37
N SER A 27 9.17 -3.14 -12.48
CA SER A 27 10.17 -2.99 -11.42
C SER A 27 10.24 -4.25 -10.55
N ARG A 28 9.08 -4.72 -10.11
CA ARG A 28 9.00 -5.89 -9.25
C ARG A 28 8.42 -7.08 -10.00
N GLU A 29 8.59 -7.09 -11.31
CA GLU A 29 8.11 -8.19 -12.15
C GLU A 29 8.77 -9.50 -11.74
N LYS A 30 10.10 -9.48 -11.67
CA LYS A 30 10.88 -10.66 -11.36
C LYS A 30 10.72 -11.06 -9.90
N ASP A 31 10.63 -10.04 -9.04
CA ASP A 31 10.46 -10.23 -7.61
C ASP A 31 9.08 -10.83 -7.31
N CYS A 32 8.09 -10.41 -8.08
CA CYS A 32 6.71 -10.86 -7.88
C CYS A 32 6.54 -12.35 -8.16
N ARG A 33 6.93 -12.77 -9.36
CA ARG A 33 6.80 -14.17 -9.77
C ARG A 33 7.49 -15.11 -8.80
N LYS A 34 8.53 -14.62 -8.13
CA LYS A 34 9.29 -15.45 -7.22
C LYS A 34 8.49 -15.63 -5.93
N ASP A 35 7.94 -14.53 -5.41
CA ASP A 35 7.12 -14.56 -4.21
C ASP A 35 5.85 -15.38 -4.44
N VAL A 36 5.34 -15.32 -5.67
CA VAL A 36 4.12 -16.05 -6.02
C VAL A 36 4.35 -17.55 -5.96
N GLN A 37 5.55 -18.00 -6.34
CA GLN A 37 5.87 -19.42 -6.36
C GLN A 37 6.14 -19.93 -4.96
N ALA A 38 6.60 -19.03 -4.09
CA ALA A 38 6.91 -19.40 -2.71
C ALA A 38 5.68 -19.29 -1.81
N CYS A 39 4.53 -19.06 -2.41
CA CYS A 39 3.28 -18.93 -1.67
C CYS A 39 2.11 -19.27 -2.58
N ASP A 40 1.79 -20.55 -2.70
CA ASP A 40 0.76 -21.03 -3.63
C ASP A 40 -0.63 -20.73 -3.12
N LYS A 41 -0.85 -21.03 -1.86
CA LYS A 41 -2.16 -20.96 -1.28
C LYS A 41 -2.26 -19.69 -0.46
N LYS A 42 -2.62 -18.61 -1.15
CA LYS A 42 -2.44 -17.25 -0.64
C LYS A 42 -3.60 -16.79 0.24
N TYR A 43 -4.58 -17.64 0.46
CA TYR A 43 -5.76 -17.23 1.21
C TYR A 43 -6.13 -18.25 2.26
N ASP A 44 -6.84 -17.80 3.27
CA ASP A 44 -7.32 -18.68 4.31
C ASP A 44 -8.44 -19.55 3.77
N ASP A 45 -8.52 -20.77 4.28
CA ASP A 45 -9.47 -21.77 3.79
C ASP A 45 -10.91 -21.26 3.91
N GLN A 46 -11.13 -20.32 4.80
CA GLN A 46 -12.47 -19.78 5.03
C GLN A 46 -12.71 -18.54 4.16
N GLY A 47 -11.69 -18.10 3.44
CA GLY A 47 -11.84 -16.98 2.52
C GLY A 47 -11.26 -15.69 3.07
N ARG A 48 -10.48 -15.76 4.14
CA ARG A 48 -9.86 -14.58 4.71
C ARG A 48 -8.43 -14.41 4.23
N GLU A 49 -7.86 -13.24 4.50
CA GLU A 49 -6.48 -12.93 4.13
C GLU A 49 -5.50 -13.63 5.06
N THR A 50 -4.37 -14.04 4.52
CA THR A 50 -3.32 -14.63 5.32
C THR A 50 -2.19 -13.63 5.55
N ALA A 51 -1.22 -14.03 6.35
CA ALA A 51 -0.01 -13.23 6.55
C ALA A 51 0.71 -13.04 5.22
N CYS A 52 0.59 -14.03 4.34
CA CYS A 52 1.18 -13.95 3.02
C CYS A 52 0.37 -13.01 2.13
N ALA A 53 -0.95 -13.20 2.12
CA ALA A 53 -1.84 -12.37 1.30
C ALA A 53 -1.69 -10.89 1.58
N LYS A 54 -1.56 -10.53 2.85
CA LYS A 54 -1.51 -9.12 3.22
C LYS A 54 -0.11 -8.58 3.02
N GLY A 55 0.86 -9.48 3.04
CA GLY A 55 2.25 -9.08 2.84
C GLY A 55 2.53 -8.79 1.39
N ILE A 56 1.91 -9.56 0.51
CA ILE A 56 2.11 -9.41 -0.92
C ILE A 56 1.36 -8.19 -1.44
N ARG A 57 0.05 -8.17 -1.19
CA ARG A 57 -0.82 -7.10 -1.69
C ARG A 57 -0.35 -5.70 -1.27
N GLU A 58 0.42 -5.60 -0.18
CA GLU A 58 0.93 -4.31 0.25
C GLU A 58 2.15 -3.87 -0.55
N LYS A 59 2.98 -4.83 -0.98
CA LYS A 59 4.18 -4.49 -1.75
C LYS A 59 3.86 -4.40 -3.25
N TYR A 60 2.71 -4.94 -3.64
CA TYR A 60 2.21 -4.84 -5.01
C TYR A 60 0.86 -4.12 -5.03
N LYS A 61 0.69 -3.23 -4.07
CA LYS A 61 -0.58 -2.52 -3.90
C LYS A 61 -0.83 -1.56 -5.04
N PRO A 62 -2.11 -1.28 -5.33
CA PRO A 62 -2.49 -0.25 -6.30
C PRO A 62 -2.17 1.15 -5.77
N ALA A 63 -2.36 2.16 -6.61
CA ALA A 63 -2.12 3.52 -6.18
C ALA A 63 -3.25 4.01 -5.28
N VAL A 64 -3.05 3.84 -3.98
CA VAL A 64 -4.00 4.23 -2.96
C VAL A 64 -3.29 4.40 -1.63
N VAL A 65 -3.86 5.19 -0.74
CA VAL A 65 -3.27 5.41 0.57
C VAL A 65 -3.97 4.52 1.61
N TYR A 66 -3.18 3.85 2.44
CA TYR A 66 -3.72 2.93 3.43
C TYR A 66 -3.69 3.52 4.83
N GLY A 67 -4.32 2.83 5.76
CA GLY A 67 -4.35 3.28 7.14
C GLY A 67 -3.37 2.53 8.01
N TYR A 68 -3.50 2.74 9.31
CA TYR A 68 -2.57 2.19 10.30
C TYR A 68 -2.61 0.66 10.34
N ASP A 69 -3.78 0.09 10.08
CA ASP A 69 -3.97 -1.35 10.20
C ASP A 69 -3.76 -2.04 8.87
N GLY A 70 -3.74 -1.28 7.80
CA GLY A 70 -3.56 -1.85 6.48
C GLY A 70 -4.84 -1.92 5.66
N LYS A 71 -5.90 -1.28 6.16
CA LYS A 71 -7.12 -1.13 5.39
C LYS A 71 -7.09 0.20 4.63
N PRO A 72 -7.89 0.34 3.57
CA PRO A 72 -7.92 1.55 2.74
C PRO A 72 -8.69 2.70 3.40
N LEU A 73 -8.04 3.40 4.33
CA LEU A 73 -8.58 4.61 4.89
C LEU A 73 -7.45 5.59 5.21
N ASP A 74 -7.61 6.84 4.77
CA ASP A 74 -6.55 7.83 4.90
C ASP A 74 -6.61 8.55 6.24
N LEU A 75 -6.19 7.85 7.28
CA LEU A 75 -6.20 8.39 8.65
C LEU A 75 -5.21 7.63 9.52
N GLY A 76 -4.25 6.95 8.91
CA GLY A 76 -3.43 6.01 9.67
C GLY A 76 -2.39 6.67 10.56
N PHE A 77 -1.54 7.51 10.00
CA PHE A 77 -0.47 8.13 10.78
C PHE A 77 -0.78 9.58 11.14
N CYS A 78 -1.85 10.12 10.59
CA CYS A 78 -2.14 11.54 10.73
C CYS A 78 -3.06 11.84 11.90
N THR A 79 -3.87 10.86 12.30
CA THR A 79 -4.86 11.05 13.35
C THR A 79 -4.22 11.33 14.70
N LEU A 80 -3.02 10.82 14.89
CA LEU A 80 -2.33 10.93 16.17
C LEU A 80 -1.83 12.36 16.40
N ALA A 81 -1.67 13.11 15.33
CA ALA A 81 -1.07 14.44 15.43
C ALA A 81 -2.10 15.56 15.24
N GLY A 82 -3.30 15.21 14.80
CA GLY A 82 -4.38 16.17 14.73
C GLY A 82 -4.36 17.04 13.48
N ILE A 83 -4.32 18.36 13.70
CA ILE A 83 -4.50 19.38 12.65
C ILE A 83 -3.66 19.12 11.38
N ARG A 84 -2.52 18.48 11.51
CA ARG A 84 -1.63 18.29 10.39
C ARG A 84 -2.06 17.11 9.51
N GLU A 85 -3.20 16.50 9.86
CA GLU A 85 -3.76 15.44 9.03
C GLU A 85 -4.17 15.99 7.67
N VAL A 86 -4.51 17.27 7.66
CA VAL A 86 -4.91 17.98 6.44
C VAL A 86 -3.82 17.87 5.37
N ASP A 87 -2.58 18.21 5.71
CA ASP A 87 -1.51 18.27 4.73
C ASP A 87 -1.01 16.88 4.33
N CYS A 88 -0.66 16.06 5.30
CA CYS A 88 -0.17 14.69 5.04
C CYS A 88 -1.11 13.89 4.14
N ARG A 89 -2.41 14.19 4.21
CA ARG A 89 -3.43 13.49 3.42
C ARG A 89 -3.10 13.55 1.92
N LYS A 90 -2.55 14.67 1.48
CA LYS A 90 -2.21 14.83 0.07
C LYS A 90 -0.91 14.12 -0.27
N ASP A 91 0.13 14.46 0.48
CA ASP A 91 1.49 14.03 0.17
C ASP A 91 1.70 12.52 0.35
N ALA A 92 0.95 11.92 1.28
CA ALA A 92 1.14 10.51 1.63
C ALA A 92 1.11 9.59 0.41
N GLN A 93 0.18 9.85 -0.51
CA GLN A 93 -0.01 8.98 -1.68
C GLN A 93 1.23 8.85 -2.56
N THR A 94 2.24 9.69 -2.38
CA THR A 94 3.43 9.62 -3.20
C THR A 94 4.36 8.50 -2.71
N CYS A 95 4.10 8.03 -1.50
CA CYS A 95 4.80 6.87 -0.93
C CYS A 95 4.19 5.57 -1.45
N ASP A 96 3.85 5.51 -2.74
CA ASP A 96 3.04 4.40 -3.25
C ASP A 96 3.83 3.09 -3.31
N LYS A 97 4.91 3.03 -4.11
CA LYS A 97 5.84 1.91 -3.96
C LYS A 97 7.29 2.38 -3.82
N LYS A 98 7.87 2.86 -4.92
CA LYS A 98 9.24 3.34 -4.88
C LYS A 98 9.39 4.71 -5.57
N TYR A 99 8.47 4.97 -6.51
CA TYR A 99 8.56 6.11 -7.43
C TYR A 99 8.94 7.41 -6.73
N GLU A 100 8.11 7.84 -5.79
CA GLU A 100 8.35 9.10 -5.09
C GLU A 100 8.50 8.88 -3.59
N SER A 101 8.80 7.65 -3.19
CA SER A 101 8.90 7.30 -1.78
C SER A 101 9.95 8.14 -1.05
N ASP A 102 11.06 8.42 -1.70
CA ASP A 102 12.13 9.21 -1.09
C ASP A 102 11.69 10.67 -0.96
N LYS A 103 11.00 11.17 -1.98
CA LYS A 103 10.49 12.53 -1.97
C LYS A 103 9.36 12.67 -0.97
N CYS A 104 8.63 11.57 -0.79
CA CYS A 104 7.49 11.53 0.10
C CYS A 104 7.93 11.47 1.55
N LEU A 105 9.01 10.73 1.81
CA LEU A 105 9.55 10.60 3.16
C LEU A 105 9.93 11.98 3.68
N ASN A 106 10.54 12.76 2.80
CA ASN A 106 10.94 14.12 3.14
C ASN A 106 9.71 15.01 3.37
N ALA A 107 8.61 14.63 2.74
CA ALA A 107 7.38 15.40 2.82
C ALA A 107 6.67 15.12 4.14
N ILE A 108 6.88 13.92 4.68
CA ILE A 108 6.19 13.48 5.88
C ILE A 108 6.94 13.92 7.14
N LYS A 109 8.26 13.97 7.04
CA LYS A 109 9.10 14.25 8.21
C LYS A 109 9.01 15.72 8.60
N GLU A 110 8.73 16.57 7.61
CA GLU A 110 8.60 18.00 7.86
C GLU A 110 7.25 18.31 8.51
N LYS A 111 6.30 17.40 8.36
CA LYS A 111 4.97 17.60 8.94
C LYS A 111 5.02 17.34 10.43
N TYR A 112 5.91 16.44 10.81
CA TYR A 112 6.15 16.11 12.22
C TYR A 112 7.48 16.70 12.65
N LYS A 113 7.82 17.84 12.05
CA LYS A 113 9.07 18.54 12.29
C LYS A 113 9.26 18.80 13.79
N PRO A 114 10.38 18.31 14.35
CA PRO A 114 10.68 18.45 15.78
C PRO A 114 11.16 19.86 16.14
N VAL A 115 10.32 20.85 15.86
CA VAL A 115 10.66 22.23 16.13
C VAL A 115 10.68 22.52 17.62
N VAL A 116 9.59 22.19 18.32
CA VAL A 116 9.52 22.43 19.75
C VAL A 116 8.82 21.27 20.45
N ASP A 117 9.60 20.44 21.11
CA ASP A 117 9.05 19.40 21.98
C ASP A 117 9.08 19.92 23.41
N PRO A 118 7.92 19.92 24.09
CA PRO A 118 7.74 20.54 25.42
C PRO A 118 8.90 20.31 26.38
N ASN A 119 8.87 19.22 27.11
CA ASN A 119 9.98 18.89 28.00
C ASN A 119 10.31 17.41 27.89
N PRO A 120 11.61 17.09 27.72
CA PRO A 120 12.08 15.70 27.69
C PRO A 120 11.96 15.03 29.05
N PRO A 121 11.74 13.69 29.06
CA PRO A 121 11.64 12.92 30.30
C PRO A 121 12.81 13.16 31.23
N ALA A 122 12.51 13.57 32.45
CA ALA A 122 13.54 13.89 33.43
C ALA A 122 13.53 12.86 34.55
N ALA A 1 -20.95 0.90 -11.95
CA ALA A 1 -21.66 1.11 -10.66
C ALA A 1 -23.01 0.43 -10.67
N ASP A 2 -23.12 -0.69 -9.99
CA ASP A 2 -24.37 -1.47 -9.96
C ASP A 2 -25.05 -1.32 -8.61
N VAL A 3 -24.64 -0.30 -7.84
CA VAL A 3 -25.01 -0.11 -6.42
C VAL A 3 -24.83 -1.40 -5.62
N PHE A 4 -24.02 -2.29 -6.16
CA PHE A 4 -23.70 -3.56 -5.57
C PHE A 4 -22.30 -3.94 -5.99
N ASP A 5 -21.39 -4.00 -5.02
CA ASP A 5 -19.99 -4.29 -5.31
C ASP A 5 -19.82 -5.71 -5.80
N PRO A 6 -18.86 -5.95 -6.70
CA PRO A 6 -18.56 -7.28 -7.23
C PRO A 6 -18.34 -8.29 -6.10
N PRO A 7 -18.75 -9.55 -6.32
CA PRO A 7 -18.68 -10.61 -5.32
C PRO A 7 -17.42 -10.52 -4.44
N THR A 8 -17.63 -10.28 -3.16
CA THR A 8 -16.56 -10.01 -2.23
C THR A 8 -15.62 -11.20 -2.06
N GLN A 9 -14.63 -11.28 -2.94
CA GLN A 9 -13.60 -12.31 -2.86
C GLN A 9 -12.40 -11.90 -3.70
N TYR A 10 -12.36 -10.62 -4.06
CA TYR A 10 -11.29 -10.09 -4.88
C TYR A 10 -10.40 -9.17 -4.06
N GLY A 11 -9.36 -8.63 -4.68
CA GLY A 11 -8.48 -7.72 -3.99
C GLY A 11 -8.82 -6.27 -4.23
N TYR A 12 -8.97 -5.91 -5.51
CA TYR A 12 -9.29 -4.54 -5.89
C TYR A 12 -10.64 -4.50 -6.58
N ASP A 13 -11.41 -5.59 -6.43
CA ASP A 13 -12.68 -5.80 -7.13
C ASP A 13 -12.42 -6.14 -8.59
N GLY A 14 -12.87 -7.32 -8.99
CA GLY A 14 -12.60 -7.82 -10.33
C GLY A 14 -11.69 -9.02 -10.30
N LYS A 15 -10.46 -8.81 -9.83
CA LYS A 15 -9.48 -9.89 -9.73
C LYS A 15 -8.89 -9.95 -8.32
N PRO A 16 -8.32 -11.12 -7.95
CA PRO A 16 -7.63 -11.28 -6.68
C PRO A 16 -6.16 -10.92 -6.78
N LEU A 17 -5.39 -11.27 -5.75
CA LEU A 17 -3.97 -10.94 -5.72
C LEU A 17 -3.16 -11.89 -6.59
N ASP A 18 -2.48 -11.34 -7.58
CA ASP A 18 -1.59 -12.13 -8.42
C ASP A 18 -0.40 -11.29 -8.86
N ALA A 19 0.46 -11.88 -9.68
CA ALA A 19 1.68 -11.24 -10.15
C ALA A 19 1.38 -10.10 -11.14
N SER A 20 0.19 -10.16 -11.74
CA SER A 20 -0.19 -9.26 -12.83
C SER A 20 0.01 -7.78 -12.47
N PHE A 21 -0.17 -7.43 -11.20
CA PHE A 21 -0.06 -6.05 -10.75
C PHE A 21 1.40 -5.59 -10.76
N CYS A 22 2.30 -6.53 -10.57
CA CYS A 22 3.70 -6.21 -10.33
C CYS A 22 4.46 -5.99 -11.64
N ARG A 23 3.80 -6.25 -12.76
CA ARG A 23 4.43 -6.08 -14.08
C ARG A 23 4.84 -4.63 -14.29
N THR A 24 3.92 -3.73 -13.98
CA THR A 24 4.14 -2.31 -14.21
C THR A 24 5.21 -1.76 -13.26
N ALA A 25 5.47 -2.47 -12.18
CA ALA A 25 6.45 -2.05 -11.21
C ALA A 25 7.86 -2.40 -11.67
N GLY A 26 8.00 -3.55 -12.31
CA GLY A 26 9.29 -3.98 -12.84
C GLY A 26 10.25 -4.43 -11.76
N SER A 27 10.70 -3.49 -10.95
CA SER A 27 11.62 -3.76 -9.85
C SER A 27 11.00 -4.75 -8.86
N ARG A 28 9.67 -4.73 -8.76
CA ARG A 28 8.95 -5.61 -7.87
C ARG A 28 8.64 -6.94 -8.54
N GLU A 29 8.68 -6.93 -9.87
CA GLU A 29 8.27 -8.09 -10.67
C GLU A 29 9.10 -9.33 -10.35
N LYS A 30 10.42 -9.15 -10.26
CA LYS A 30 11.35 -10.28 -10.11
C LYS A 30 11.07 -11.03 -8.83
N ASP A 31 10.68 -10.29 -7.80
CA ASP A 31 10.32 -10.88 -6.53
C ASP A 31 8.88 -11.35 -6.54
N CYS A 32 7.99 -10.47 -6.98
CA CYS A 32 6.55 -10.71 -6.96
C CYS A 32 6.17 -12.01 -7.65
N ARG A 33 6.66 -12.20 -8.87
CA ARG A 33 6.29 -13.35 -9.69
C ARG A 33 6.66 -14.65 -8.97
N LYS A 34 7.80 -14.65 -8.30
CA LYS A 34 8.26 -15.82 -7.57
C LYS A 34 7.49 -15.96 -6.26
N ASP A 35 7.29 -14.82 -5.59
CA ASP A 35 6.70 -14.80 -4.25
C ASP A 35 5.25 -15.25 -4.28
N VAL A 36 4.52 -14.80 -5.29
CA VAL A 36 3.10 -15.15 -5.42
C VAL A 36 2.92 -16.61 -5.84
N GLN A 37 3.86 -17.12 -6.64
CA GLN A 37 3.80 -18.52 -7.06
C GLN A 37 4.27 -19.45 -5.95
N ALA A 38 5.14 -18.94 -5.09
CA ALA A 38 5.62 -19.70 -3.95
C ALA A 38 4.47 -19.93 -2.99
N CYS A 39 3.57 -18.97 -2.92
CA CYS A 39 2.33 -19.12 -2.20
C CYS A 39 1.38 -19.98 -3.03
N ASP A 40 1.54 -21.30 -2.93
CA ASP A 40 0.78 -22.23 -3.76
C ASP A 40 -0.70 -22.16 -3.41
N LYS A 41 -1.00 -22.28 -2.13
CA LYS A 41 -2.35 -22.11 -1.66
C LYS A 41 -2.54 -20.63 -1.33
N LYS A 42 -3.01 -19.89 -2.31
CA LYS A 42 -2.94 -18.43 -2.28
C LYS A 42 -3.95 -17.83 -1.31
N TYR A 43 -5.00 -18.57 -1.01
CA TYR A 43 -6.01 -18.11 -0.08
C TYR A 43 -6.37 -19.22 0.89
N ASP A 44 -6.81 -18.82 2.08
CA ASP A 44 -7.14 -19.77 3.14
C ASP A 44 -8.44 -20.50 2.78
N ASP A 45 -8.59 -21.71 3.31
CA ASP A 45 -9.80 -22.50 3.10
C ASP A 45 -11.04 -21.77 3.59
N GLN A 46 -10.82 -20.86 4.54
CA GLN A 46 -11.91 -20.09 5.13
C GLN A 46 -12.18 -18.83 4.31
N GLY A 47 -11.43 -18.65 3.23
CA GLY A 47 -11.61 -17.49 2.37
C GLY A 47 -10.81 -16.30 2.83
N ARG A 48 -9.93 -16.51 3.78
CA ARG A 48 -9.12 -15.44 4.36
C ARG A 48 -7.78 -15.31 3.67
N GLU A 49 -7.09 -14.20 3.93
CA GLU A 49 -5.76 -13.98 3.41
C GLU A 49 -4.77 -14.93 4.09
N THR A 50 -3.92 -15.56 3.31
CA THR A 50 -2.86 -16.38 3.87
C THR A 50 -1.68 -15.50 4.26
N ALA A 51 -0.75 -16.06 5.01
CA ALA A 51 0.45 -15.33 5.40
C ALA A 51 1.19 -14.83 4.17
N CYS A 52 1.24 -15.66 3.14
CA CYS A 52 1.85 -15.28 1.88
C CYS A 52 1.00 -14.25 1.13
N ALA A 53 -0.29 -14.50 1.02
CA ALA A 53 -1.18 -13.60 0.26
C ALA A 53 -1.23 -12.21 0.88
N LYS A 54 -1.19 -12.14 2.20
CA LYS A 54 -1.34 -10.86 2.88
C LYS A 54 -0.03 -10.09 2.81
N GLY A 55 1.06 -10.85 2.82
CA GLY A 55 2.38 -10.28 2.67
C GLY A 55 2.55 -9.62 1.32
N ILE A 56 1.86 -10.16 0.31
CA ILE A 56 2.00 -9.67 -1.06
C ILE A 56 1.37 -8.30 -1.22
N ARG A 57 0.11 -8.18 -0.81
CA ARG A 57 -0.65 -6.94 -0.96
C ARG A 57 -0.02 -5.79 -0.19
N GLU A 58 0.75 -6.11 0.85
CA GLU A 58 1.45 -5.08 1.62
C GLU A 58 2.68 -4.59 0.87
N LYS A 59 3.32 -5.47 0.11
CA LYS A 59 4.54 -5.12 -0.63
C LYS A 59 4.19 -4.38 -1.91
N TYR A 60 3.34 -5.01 -2.71
CA TYR A 60 3.07 -4.57 -4.08
C TYR A 60 1.73 -3.85 -4.16
N LYS A 61 1.38 -3.15 -3.08
CA LYS A 61 0.11 -2.44 -2.97
C LYS A 61 -0.16 -1.61 -4.23
N PRO A 62 -1.39 -1.71 -4.77
CA PRO A 62 -1.79 -0.92 -5.93
C PRO A 62 -1.91 0.56 -5.59
N ALA A 63 -2.19 1.39 -6.58
CA ALA A 63 -2.37 2.81 -6.34
C ALA A 63 -3.69 3.06 -5.62
N VAL A 64 -3.61 3.08 -4.30
CA VAL A 64 -4.74 3.35 -3.41
C VAL A 64 -4.20 3.85 -2.07
N VAL A 65 -5.02 4.58 -1.34
CA VAL A 65 -4.58 5.15 -0.08
C VAL A 65 -4.84 4.18 1.08
N TYR A 66 -3.77 3.57 1.58
CA TYR A 66 -3.86 2.68 2.73
C TYR A 66 -3.67 3.45 4.03
N GLY A 67 -4.11 2.86 5.12
CA GLY A 67 -3.94 3.50 6.42
C GLY A 67 -3.07 2.67 7.34
N TYR A 68 -2.76 3.22 8.52
CA TYR A 68 -1.91 2.56 9.51
C TYR A 68 -2.58 1.29 10.06
N ASP A 69 -3.87 1.15 9.80
CA ASP A 69 -4.65 0.04 10.32
C ASP A 69 -4.39 -1.23 9.51
N GLY A 70 -3.82 -1.06 8.32
CA GLY A 70 -3.55 -2.19 7.47
C GLY A 70 -4.64 -2.42 6.45
N LYS A 71 -5.53 -1.46 6.33
CA LYS A 71 -6.61 -1.51 5.36
C LYS A 71 -6.68 -0.21 4.59
N PRO A 72 -7.31 -0.20 3.41
CA PRO A 72 -7.41 1.01 2.58
C PRO A 72 -8.48 1.98 3.06
N LEU A 73 -8.04 3.14 3.52
CA LEU A 73 -8.94 4.22 3.89
C LEU A 73 -8.29 5.56 3.57
N ASP A 74 -9.09 6.50 3.09
CA ASP A 74 -8.59 7.79 2.63
C ASP A 74 -7.90 8.57 3.75
N LEU A 75 -6.68 9.05 3.46
CA LEU A 75 -5.85 9.80 4.40
C LEU A 75 -5.77 9.17 5.79
N GLY A 76 -5.93 7.85 5.84
CA GLY A 76 -5.95 7.13 7.11
C GLY A 76 -4.69 7.31 7.94
N PHE A 77 -3.55 7.48 7.28
CA PHE A 77 -2.29 7.65 7.99
C PHE A 77 -2.00 9.13 8.25
N CYS A 78 -2.89 10.00 7.80
CA CYS A 78 -2.71 11.43 7.95
C CYS A 78 -3.51 11.95 9.15
N THR A 79 -4.58 11.25 9.48
CA THR A 79 -5.48 11.64 10.57
C THR A 79 -4.74 11.79 11.90
N LEU A 80 -3.73 10.95 12.11
CA LEU A 80 -3.02 10.88 13.39
C LEU A 80 -2.08 12.07 13.59
N ALA A 81 -1.98 12.93 12.60
CA ALA A 81 -1.05 14.05 12.67
C ALA A 81 -1.77 15.39 12.74
N GLY A 82 -3.08 15.35 12.86
CA GLY A 82 -3.86 16.56 13.07
C GLY A 82 -3.86 17.52 11.90
N ILE A 83 -3.06 18.58 12.00
CA ILE A 83 -3.10 19.67 11.03
C ILE A 83 -2.61 19.25 9.64
N ARG A 84 -1.56 18.45 9.57
CA ARG A 84 -0.98 18.11 8.28
C ARG A 84 -1.78 17.04 7.57
N GLU A 85 -2.88 16.60 8.19
CA GLU A 85 -3.81 15.67 7.58
C GLU A 85 -4.32 16.21 6.26
N VAL A 86 -4.66 17.50 6.27
CA VAL A 86 -5.26 18.17 5.13
C VAL A 86 -4.36 18.09 3.89
N ASP A 87 -3.10 18.50 4.05
CA ASP A 87 -2.18 18.52 2.92
C ASP A 87 -1.72 17.11 2.57
N CYS A 88 -1.57 16.29 3.61
CA CYS A 88 -1.13 14.90 3.46
C CYS A 88 -1.94 14.11 2.41
N ARG A 89 -3.23 14.39 2.31
CA ARG A 89 -4.09 13.63 1.40
C ARG A 89 -3.73 13.92 -0.07
N LYS A 90 -3.25 15.12 -0.36
CA LYS A 90 -2.83 15.46 -1.71
C LYS A 90 -1.49 14.84 -2.06
N ASP A 91 -0.56 14.93 -1.13
CA ASP A 91 0.84 14.56 -1.38
C ASP A 91 1.05 13.05 -1.38
N ALA A 92 0.13 12.33 -0.75
CA ALA A 92 0.25 10.89 -0.57
C ALA A 92 0.55 10.15 -1.88
N GLN A 93 -0.16 10.52 -2.94
CA GLN A 93 -0.04 9.81 -4.22
C GLN A 93 1.28 10.08 -4.94
N THR A 94 2.02 11.07 -4.48
CA THR A 94 3.35 11.32 -5.03
C THR A 94 4.31 10.22 -4.58
N CYS A 95 3.90 9.52 -3.55
CA CYS A 95 4.67 8.42 -2.97
C CYS A 95 4.12 7.08 -3.49
N ASP A 96 3.78 7.02 -4.77
CA ASP A 96 2.99 5.89 -5.27
C ASP A 96 3.80 4.59 -5.37
N LYS A 97 4.84 4.55 -6.20
CA LYS A 97 5.66 3.32 -6.28
C LYS A 97 7.15 3.56 -6.12
N LYS A 98 7.73 4.14 -7.16
CA LYS A 98 9.17 4.02 -7.36
C LYS A 98 9.89 5.34 -7.64
N TYR A 99 9.68 5.88 -8.82
CA TYR A 99 10.48 7.01 -9.32
C TYR A 99 10.12 8.32 -8.64
N GLU A 100 8.85 8.51 -8.35
CA GLU A 100 8.40 9.75 -7.74
C GLU A 100 8.53 9.70 -6.23
N SER A 101 9.05 8.58 -5.73
CA SER A 101 9.30 8.43 -4.30
C SER A 101 10.26 9.51 -3.83
N ASP A 102 11.32 9.72 -4.61
CA ASP A 102 12.30 10.76 -4.31
C ASP A 102 11.63 12.13 -4.19
N LYS A 103 10.81 12.47 -5.17
CA LYS A 103 10.13 13.76 -5.21
C LYS A 103 9.24 13.91 -3.98
N CYS A 104 8.56 12.83 -3.63
CA CYS A 104 7.65 12.82 -2.50
C CYS A 104 8.43 12.91 -1.20
N LEU A 105 9.55 12.19 -1.14
CA LEU A 105 10.38 12.11 0.06
C LEU A 105 10.79 13.51 0.54
N ASN A 106 11.34 14.32 -0.35
CA ASN A 106 11.77 15.66 0.01
C ASN A 106 10.58 16.59 0.26
N ALA A 107 9.44 16.25 -0.35
CA ALA A 107 8.25 17.08 -0.25
C ALA A 107 7.57 16.87 1.11
N ILE A 108 7.80 15.70 1.68
CA ILE A 108 7.19 15.32 2.94
C ILE A 108 7.92 15.99 4.11
N LYS A 109 9.19 16.32 3.91
CA LYS A 109 10.01 16.85 4.98
C LYS A 109 9.66 18.31 5.27
N GLU A 110 9.27 19.05 4.23
CA GLU A 110 8.99 20.48 4.38
C GLU A 110 7.64 20.69 5.08
N LYS A 111 6.85 19.62 5.18
CA LYS A 111 5.60 19.68 5.95
C LYS A 111 5.94 19.92 7.42
N TYR A 112 7.08 19.39 7.83
CA TYR A 112 7.55 19.51 9.21
C TYR A 112 8.83 20.35 9.25
N LYS A 113 8.91 21.34 8.37
CA LYS A 113 10.10 22.19 8.24
C LYS A 113 10.60 22.70 9.60
N PRO A 114 11.94 22.72 9.80
CA PRO A 114 12.56 23.10 11.07
C PRO A 114 12.52 24.62 11.34
N VAL A 115 11.34 25.19 11.21
CA VAL A 115 11.15 26.62 11.47
C VAL A 115 10.69 26.86 12.91
N VAL A 116 10.86 25.83 13.73
CA VAL A 116 10.45 25.90 15.12
C VAL A 116 11.66 25.85 16.05
N ASP A 117 12.01 26.99 16.61
CA ASP A 117 13.08 27.06 17.59
C ASP A 117 12.47 27.08 18.99
N PRO A 118 13.13 26.44 19.97
CA PRO A 118 12.60 26.29 21.33
C PRO A 118 12.44 27.63 22.06
N ASN A 119 13.48 28.08 22.72
CA ASN A 119 13.41 29.30 23.51
C ASN A 119 14.61 30.21 23.25
N PRO A 120 14.41 31.53 23.37
CA PRO A 120 15.49 32.52 23.29
C PRO A 120 16.32 32.53 24.59
N PRO A 121 17.44 33.27 24.61
CA PRO A 121 18.28 33.40 25.81
C PRO A 121 17.55 34.11 26.96
N ALA A 122 18.24 34.31 28.07
CA ALA A 122 17.68 34.99 29.22
C ALA A 122 17.60 36.48 28.98
N ALA A 1 -26.40 -34.12 -1.53
CA ALA A 1 -26.09 -32.69 -1.30
C ALA A 1 -25.56 -32.49 0.11
N ASP A 2 -24.25 -32.61 0.27
CA ASP A 2 -23.64 -32.52 1.59
C ASP A 2 -22.82 -31.24 1.69
N VAL A 3 -23.52 -30.13 1.89
CA VAL A 3 -22.88 -28.80 1.99
C VAL A 3 -22.22 -28.41 0.67
N PHE A 4 -22.94 -27.60 -0.11
CA PHE A 4 -22.45 -27.16 -1.42
C PHE A 4 -21.22 -26.27 -1.29
N ASP A 5 -20.51 -26.15 -2.40
CA ASP A 5 -19.28 -25.37 -2.46
C ASP A 5 -19.55 -23.87 -2.27
N PRO A 6 -18.58 -23.14 -1.69
CA PRO A 6 -18.68 -21.71 -1.45
C PRO A 6 -18.35 -20.88 -2.69
N PRO A 7 -18.90 -19.67 -2.80
CA PRO A 7 -18.62 -18.76 -3.90
C PRO A 7 -17.35 -17.93 -3.66
N THR A 8 -17.26 -16.79 -4.35
CA THR A 8 -16.15 -15.85 -4.22
C THR A 8 -14.79 -16.57 -4.16
N GLN A 9 -14.59 -17.51 -5.09
CA GLN A 9 -13.37 -18.30 -5.14
C GLN A 9 -12.24 -17.55 -5.84
N TYR A 10 -12.26 -16.23 -5.76
CA TYR A 10 -11.22 -15.42 -6.36
C TYR A 10 -10.41 -14.72 -5.27
N GLY A 11 -9.25 -14.21 -5.64
CA GLY A 11 -8.43 -13.49 -4.68
C GLY A 11 -8.88 -12.06 -4.54
N TYR A 12 -9.63 -11.60 -5.52
CA TYR A 12 -10.22 -10.27 -5.52
C TYR A 12 -11.39 -10.23 -6.49
N ASP A 13 -11.13 -10.71 -7.72
CA ASP A 13 -12.15 -10.77 -8.76
C ASP A 13 -11.53 -11.38 -10.01
N GLY A 14 -12.24 -12.35 -10.61
CA GLY A 14 -11.75 -12.99 -11.82
C GLY A 14 -10.66 -14.01 -11.54
N LYS A 15 -9.59 -13.55 -10.91
CA LYS A 15 -8.44 -14.39 -10.62
C LYS A 15 -8.14 -14.38 -9.11
N PRO A 16 -7.38 -15.39 -8.65
CA PRO A 16 -6.83 -15.40 -7.30
C PRO A 16 -5.58 -14.51 -7.23
N LEU A 17 -4.64 -14.85 -6.37
CA LEU A 17 -3.37 -14.13 -6.32
C LEU A 17 -2.50 -14.64 -7.48
N ASP A 18 -2.36 -13.81 -8.50
CA ASP A 18 -1.70 -14.23 -9.73
C ASP A 18 -0.65 -13.21 -10.15
N ALA A 19 0.25 -13.63 -11.05
CA ALA A 19 1.32 -12.77 -11.55
C ALA A 19 0.77 -11.53 -12.27
N SER A 20 -0.47 -11.62 -12.76
CA SER A 20 -1.11 -10.49 -13.41
C SER A 20 -1.27 -9.32 -12.43
N PHE A 21 -1.24 -9.63 -11.14
CA PHE A 21 -1.29 -8.61 -10.11
C PHE A 21 0.04 -7.87 -10.04
N CYS A 22 1.12 -8.58 -10.35
CA CYS A 22 2.47 -8.04 -10.25
C CYS A 22 2.81 -7.13 -11.42
N ARG A 23 1.88 -6.98 -12.35
CA ARG A 23 2.10 -6.14 -13.52
C ARG A 23 2.24 -4.68 -13.13
N THR A 24 1.55 -4.30 -12.06
CA THR A 24 1.60 -2.92 -11.58
C THR A 24 2.84 -2.69 -10.71
N ALA A 25 3.50 -3.78 -10.32
CA ALA A 25 4.70 -3.69 -9.52
C ALA A 25 5.89 -3.21 -10.34
N GLY A 26 5.94 -3.63 -11.60
CA GLY A 26 6.95 -3.15 -12.53
C GLY A 26 8.37 -3.49 -12.09
N SER A 27 8.99 -2.57 -11.36
CA SER A 27 10.34 -2.77 -10.85
C SER A 27 10.39 -3.96 -9.89
N ARG A 28 9.26 -4.23 -9.26
CA ARG A 28 9.18 -5.29 -8.27
C ARG A 28 8.47 -6.51 -8.84
N GLU A 29 8.20 -6.50 -10.14
CA GLU A 29 7.48 -7.59 -10.79
C GLU A 29 8.26 -8.90 -10.69
N LYS A 30 9.55 -8.82 -10.95
CA LYS A 30 10.41 -10.00 -11.00
C LYS A 30 10.45 -10.71 -9.65
N ASP A 31 10.34 -9.93 -8.59
CA ASP A 31 10.28 -10.49 -7.24
C ASP A 31 8.86 -10.95 -6.91
N CYS A 32 7.89 -10.13 -7.27
CA CYS A 32 6.49 -10.42 -6.97
C CYS A 32 6.07 -11.77 -7.54
N ARG A 33 6.32 -11.99 -8.82
CA ARG A 33 5.77 -13.15 -9.51
C ARG A 33 6.34 -14.45 -8.96
N LYS A 34 7.59 -14.44 -8.50
CA LYS A 34 8.19 -15.65 -7.96
C LYS A 34 7.65 -15.93 -6.55
N ASP A 35 7.33 -14.88 -5.81
CA ASP A 35 6.72 -15.03 -4.49
C ASP A 35 5.31 -15.56 -4.62
N VAL A 36 4.65 -15.18 -5.71
CA VAL A 36 3.30 -15.64 -5.99
C VAL A 36 3.29 -17.15 -6.27
N GLN A 37 4.29 -17.61 -7.00
CA GLN A 37 4.38 -19.02 -7.36
C GLN A 37 4.72 -19.86 -6.13
N ALA A 38 5.42 -19.25 -5.19
CA ALA A 38 5.83 -19.94 -3.96
C ALA A 38 4.69 -20.04 -2.97
N CYS A 39 3.63 -19.27 -3.20
CA CYS A 39 2.48 -19.27 -2.31
C CYS A 39 1.42 -20.23 -2.84
N ASP A 40 1.46 -21.47 -2.35
CA ASP A 40 0.60 -22.54 -2.85
C ASP A 40 -0.88 -22.31 -2.53
N LYS A 41 -1.19 -22.22 -1.24
CA LYS A 41 -2.58 -22.04 -0.82
C LYS A 41 -3.01 -20.59 -0.97
N LYS A 42 -2.01 -19.70 -0.82
CA LYS A 42 -2.14 -18.23 -0.93
C LYS A 42 -3.24 -17.57 -0.05
N TYR A 43 -4.39 -18.21 0.09
CA TYR A 43 -5.45 -17.68 0.94
C TYR A 43 -5.94 -18.77 1.88
N ASP A 44 -6.61 -18.37 2.95
CA ASP A 44 -7.04 -19.31 3.97
C ASP A 44 -8.32 -20.04 3.58
N ASP A 45 -8.87 -20.79 4.52
CA ASP A 45 -10.10 -21.57 4.31
C ASP A 45 -11.28 -20.68 3.92
N GLN A 46 -11.24 -19.42 4.35
CA GLN A 46 -12.32 -18.48 4.04
C GLN A 46 -12.00 -17.63 2.82
N GLY A 47 -10.81 -17.85 2.24
CA GLY A 47 -10.40 -17.08 1.07
C GLY A 47 -10.03 -15.65 1.43
N ARG A 48 -9.58 -15.44 2.64
CA ARG A 48 -9.19 -14.11 3.11
C ARG A 48 -7.67 -13.98 3.11
N GLU A 49 -7.20 -12.76 3.28
CA GLU A 49 -5.77 -12.46 3.23
C GLU A 49 -5.00 -13.16 4.36
N THR A 50 -4.09 -14.04 3.96
CA THR A 50 -3.19 -14.69 4.90
C THR A 50 -1.94 -13.85 5.09
N ALA A 51 -0.98 -14.36 5.85
CA ALA A 51 0.30 -13.69 6.02
C ALA A 51 1.06 -13.64 4.70
N CYS A 52 0.90 -14.68 3.89
CA CYS A 52 1.53 -14.72 2.58
C CYS A 52 0.78 -13.82 1.61
N ALA A 53 -0.54 -13.97 1.56
CA ALA A 53 -1.38 -13.13 0.70
C ALA A 53 -1.15 -11.65 0.94
N LYS A 54 -1.06 -11.24 2.20
CA LYS A 54 -0.90 -9.83 2.51
C LYS A 54 0.56 -9.45 2.38
N GLY A 55 1.44 -10.45 2.51
CA GLY A 55 2.86 -10.20 2.50
C GLY A 55 3.33 -9.79 1.12
N ILE A 56 2.73 -10.39 0.11
CA ILE A 56 2.99 -10.01 -1.26
C ILE A 56 2.34 -8.66 -1.55
N ARG A 57 1.07 -8.55 -1.17
CA ARG A 57 0.29 -7.33 -1.36
C ARG A 57 1.00 -6.10 -0.78
N GLU A 58 1.56 -6.21 0.41
CA GLU A 58 2.22 -5.09 1.05
C GLU A 58 3.48 -4.66 0.31
N LYS A 59 4.19 -5.63 -0.25
CA LYS A 59 5.47 -5.35 -0.89
C LYS A 59 5.30 -4.93 -2.35
N TYR A 60 4.26 -5.43 -2.99
CA TYR A 60 4.09 -5.27 -4.42
C TYR A 60 2.74 -4.67 -4.77
N LYS A 61 2.21 -3.83 -3.89
CA LYS A 61 0.89 -3.24 -4.10
C LYS A 61 0.90 -2.20 -5.21
N PRO A 62 -0.24 -2.01 -5.90
CA PRO A 62 -0.40 -0.92 -6.85
C PRO A 62 -0.44 0.42 -6.14
N ALA A 63 -0.27 1.50 -6.89
CA ALA A 63 -0.24 2.83 -6.29
C ALA A 63 -1.63 3.25 -5.84
N VAL A 64 -1.92 2.99 -4.58
CA VAL A 64 -3.17 3.40 -3.94
C VAL A 64 -2.91 3.76 -2.49
N VAL A 65 -3.76 4.59 -1.91
CA VAL A 65 -3.56 5.04 -0.54
C VAL A 65 -4.37 4.20 0.44
N TYR A 66 -3.68 3.62 1.41
CA TYR A 66 -4.33 2.83 2.46
C TYR A 66 -4.17 3.50 3.81
N GLY A 67 -5.17 3.33 4.66
CA GLY A 67 -5.09 3.79 6.02
C GLY A 67 -4.49 2.73 6.91
N TYR A 68 -4.37 3.01 8.19
CA TYR A 68 -3.72 2.09 9.12
C TYR A 68 -4.55 0.82 9.32
N ASP A 69 -5.84 0.92 9.02
CA ASP A 69 -6.76 -0.20 9.21
C ASP A 69 -6.70 -1.19 8.03
N GLY A 70 -6.15 -0.73 6.91
CA GLY A 70 -6.09 -1.58 5.73
C GLY A 70 -7.13 -1.20 4.70
N LYS A 71 -7.95 -0.20 5.02
CA LYS A 71 -8.92 0.32 4.07
C LYS A 71 -8.33 1.55 3.38
N PRO A 72 -8.74 1.82 2.13
CA PRO A 72 -8.26 2.98 1.38
C PRO A 72 -8.92 4.30 1.79
N LEU A 73 -8.27 5.03 2.68
CA LEU A 73 -8.75 6.36 3.06
C LEU A 73 -7.57 7.29 3.34
N ASP A 74 -7.69 8.52 2.85
CA ASP A 74 -6.62 9.51 2.99
C ASP A 74 -6.75 10.27 4.32
N LEU A 75 -6.35 9.59 5.41
CA LEU A 75 -6.45 10.16 6.75
C LEU A 75 -5.51 9.44 7.72
N GLY A 76 -5.42 8.12 7.57
CA GLY A 76 -4.80 7.26 8.57
C GLY A 76 -3.40 7.69 9.02
N PHE A 77 -2.59 8.20 8.11
CA PHE A 77 -1.22 8.57 8.45
C PHE A 77 -1.07 10.06 8.66
N CYS A 78 -2.17 10.79 8.60
CA CYS A 78 -2.14 12.24 8.73
C CYS A 78 -2.83 12.70 10.01
N THR A 79 -3.90 12.02 10.39
CA THR A 79 -4.71 12.39 11.54
C THR A 79 -3.93 12.24 12.85
N LEU A 80 -2.88 11.43 12.82
CA LEU A 80 -2.10 11.09 14.01
C LEU A 80 -1.34 12.29 14.57
N ALA A 81 -1.20 13.34 13.77
CA ALA A 81 -0.35 14.46 14.18
C ALA A 81 -1.12 15.78 14.17
N GLY A 82 -2.44 15.70 14.18
CA GLY A 82 -3.26 16.90 14.36
C GLY A 82 -3.19 17.87 13.21
N ILE A 83 -2.41 18.95 13.37
CA ILE A 83 -2.34 20.03 12.40
C ILE A 83 -1.77 19.58 11.07
N ARG A 84 -0.84 18.62 11.09
CA ARG A 84 -0.17 18.16 9.87
C ARG A 84 -1.15 17.46 8.95
N GLU A 85 -2.26 17.00 9.54
CA GLU A 85 -3.28 16.21 8.84
C GLU A 85 -3.73 16.86 7.54
N VAL A 86 -4.10 18.14 7.62
CA VAL A 86 -4.67 18.86 6.50
C VAL A 86 -3.76 18.82 5.28
N ASP A 87 -2.51 19.23 5.46
CA ASP A 87 -1.58 19.30 4.35
C ASP A 87 -1.09 17.91 3.95
N CYS A 88 -0.90 17.05 4.95
CA CYS A 88 -0.46 15.67 4.73
C CYS A 88 -1.33 14.93 3.71
N ARG A 89 -2.60 15.27 3.62
CA ARG A 89 -3.50 14.64 2.66
C ARG A 89 -2.97 14.80 1.24
N LYS A 90 -2.39 15.95 0.96
CA LYS A 90 -1.83 16.23 -0.37
C LYS A 90 -0.48 15.53 -0.53
N ASP A 91 0.30 15.54 0.55
CA ASP A 91 1.68 15.09 0.50
C ASP A 91 1.81 13.56 0.49
N ALA A 92 1.05 12.89 1.35
CA ALA A 92 1.18 11.45 1.53
C ALA A 92 1.01 10.69 0.22
N GLN A 93 0.05 11.11 -0.59
CA GLN A 93 -0.22 10.50 -1.89
C GLN A 93 1.04 10.47 -2.79
N THR A 94 1.92 11.44 -2.61
CA THR A 94 3.11 11.55 -3.45
C THR A 94 4.10 10.42 -3.13
N CYS A 95 3.87 9.75 -2.02
CA CYS A 95 4.70 8.63 -1.57
C CYS A 95 4.17 7.30 -2.14
N ASP A 96 3.78 7.31 -3.42
CA ASP A 96 3.08 6.16 -3.98
C ASP A 96 4.00 4.97 -4.26
N LYS A 97 5.00 5.10 -5.14
CA LYS A 97 5.93 3.99 -5.36
C LYS A 97 7.39 4.40 -5.25
N LYS A 98 7.87 5.13 -6.24
CA LYS A 98 9.31 5.39 -6.38
C LYS A 98 9.60 6.86 -6.68
N TYR A 99 9.24 7.25 -7.90
CA TYR A 99 9.73 8.49 -8.51
C TYR A 99 9.37 9.72 -7.69
N GLU A 100 8.13 9.79 -7.23
CA GLU A 100 7.66 10.97 -6.53
C GLU A 100 7.84 10.82 -5.02
N SER A 101 8.41 9.70 -4.59
CA SER A 101 8.64 9.46 -3.17
C SER A 101 9.61 10.50 -2.61
N ASP A 102 10.64 10.82 -3.40
CA ASP A 102 11.57 11.90 -3.05
C ASP A 102 10.81 13.20 -2.78
N LYS A 103 9.90 13.52 -3.69
CA LYS A 103 9.11 14.75 -3.59
C LYS A 103 8.25 14.74 -2.34
N CYS A 104 7.74 13.56 -2.00
CA CYS A 104 6.88 13.38 -0.85
C CYS A 104 7.66 13.47 0.45
N LEU A 105 8.86 12.88 0.46
CA LEU A 105 9.69 12.87 1.67
C LEU A 105 10.02 14.31 2.07
N ASN A 106 10.49 15.09 1.12
CA ASN A 106 10.75 16.51 1.34
C ASN A 106 9.49 17.25 1.79
N ALA A 107 8.34 16.76 1.35
CA ALA A 107 7.07 17.39 1.67
C ALA A 107 6.64 17.04 3.09
N ILE A 108 7.11 15.90 3.57
CA ILE A 108 6.73 15.39 4.88
C ILE A 108 7.61 15.98 5.97
N LYS A 109 8.84 16.34 5.62
CA LYS A 109 9.79 16.81 6.61
C LYS A 109 9.45 18.23 7.05
N GLU A 110 8.85 18.99 6.13
CA GLU A 110 8.39 20.33 6.46
C GLU A 110 7.13 20.28 7.33
N LYS A 111 6.44 19.14 7.32
CA LYS A 111 5.24 18.97 8.15
C LYS A 111 5.63 19.01 9.61
N TYR A 112 6.64 18.22 9.94
CA TYR A 112 7.14 18.10 11.31
C TYR A 112 8.41 18.92 11.47
N LYS A 113 8.48 20.04 10.76
CA LYS A 113 9.66 20.90 10.74
C LYS A 113 10.21 21.16 12.13
N PRO A 114 11.54 21.11 12.29
CA PRO A 114 12.21 21.35 13.57
C PRO A 114 12.08 22.79 14.02
N VAL A 115 11.13 23.03 14.92
CA VAL A 115 10.89 24.36 15.45
C VAL A 115 11.17 24.41 16.95
N VAL A 116 10.94 23.30 17.62
CA VAL A 116 11.17 23.20 19.06
C VAL A 116 11.73 21.83 19.40
N ASP A 117 12.79 21.79 20.19
CA ASP A 117 13.29 20.54 20.72
C ASP A 117 12.40 20.07 21.86
N PRO A 118 11.78 18.88 21.69
CA PRO A 118 10.74 18.38 22.60
C PRO A 118 11.18 18.34 24.06
N ASN A 119 12.36 17.80 24.31
CA ASN A 119 12.85 17.64 25.66
C ASN A 119 14.29 18.12 25.79
N PRO A 120 14.59 18.90 26.83
CA PRO A 120 15.95 19.30 27.16
C PRO A 120 16.78 18.10 27.63
N PRO A 121 18.06 18.06 27.25
CA PRO A 121 18.96 16.95 27.60
C PRO A 121 19.21 16.85 29.10
N ALA A 122 19.37 15.62 29.58
CA ALA A 122 19.66 15.37 30.98
C ALA A 122 20.65 14.22 31.13
N ALA A 1 -34.88 -15.20 1.20
CA ALA A 1 -34.01 -15.78 2.24
C ALA A 1 -32.61 -15.21 2.15
N ASP A 2 -32.21 -14.45 3.17
CA ASP A 2 -30.92 -13.79 3.16
C ASP A 2 -30.03 -14.37 4.25
N VAL A 3 -29.22 -15.34 3.89
CA VAL A 3 -28.28 -15.97 4.82
C VAL A 3 -27.20 -16.72 4.04
N PHE A 4 -26.08 -16.05 3.83
CA PHE A 4 -24.96 -16.61 3.10
C PHE A 4 -23.76 -15.68 3.22
N ASP A 5 -22.56 -16.25 3.33
CA ASP A 5 -21.35 -15.45 3.47
C ASP A 5 -21.03 -14.74 2.15
N PRO A 6 -20.81 -13.41 2.22
CA PRO A 6 -20.55 -12.59 1.03
C PRO A 6 -19.29 -13.02 0.28
N PRO A 7 -19.44 -13.35 -1.00
CA PRO A 7 -18.32 -13.75 -1.85
C PRO A 7 -17.37 -12.59 -2.14
N THR A 8 -16.08 -12.82 -2.00
CA THR A 8 -15.09 -11.81 -2.29
C THR A 8 -14.86 -11.70 -3.79
N GLN A 9 -14.74 -10.47 -4.30
CA GLN A 9 -14.62 -10.24 -5.73
C GLN A 9 -13.16 -10.34 -6.17
N TYR A 10 -12.30 -10.82 -5.26
CA TYR A 10 -10.88 -11.05 -5.52
C TYR A 10 -10.09 -9.74 -5.63
N GLY A 11 -10.73 -8.70 -6.19
CA GLY A 11 -10.07 -7.43 -6.38
C GLY A 11 -10.48 -6.81 -7.69
N TYR A 12 -10.60 -7.64 -8.72
CA TYR A 12 -11.03 -7.17 -10.03
C TYR A 12 -11.88 -8.24 -10.73
N ASP A 13 -12.50 -9.10 -9.92
CA ASP A 13 -13.44 -10.12 -10.39
C ASP A 13 -12.75 -11.23 -11.18
N GLY A 14 -12.61 -12.38 -10.54
CA GLY A 14 -12.06 -13.54 -11.21
C GLY A 14 -10.69 -13.93 -10.70
N LYS A 15 -9.72 -13.10 -11.03
CA LYS A 15 -8.35 -13.34 -10.60
C LYS A 15 -8.04 -12.50 -9.36
N PRO A 16 -7.31 -13.08 -8.40
CA PRO A 16 -6.88 -12.39 -7.19
C PRO A 16 -5.50 -11.76 -7.35
N LEU A 17 -4.83 -11.57 -6.23
CA LEU A 17 -3.45 -11.10 -6.24
C LEU A 17 -2.55 -12.20 -6.79
N ASP A 18 -2.00 -11.97 -7.97
CA ASP A 18 -1.17 -12.98 -8.62
C ASP A 18 -0.05 -12.30 -9.40
N ALA A 19 0.78 -13.10 -10.04
CA ALA A 19 1.90 -12.58 -10.83
C ALA A 19 1.40 -11.74 -11.99
N SER A 20 0.20 -12.04 -12.46
CA SER A 20 -0.41 -11.33 -13.57
C SER A 20 -0.54 -9.83 -13.26
N PHE A 21 -0.69 -9.51 -11.99
CA PHE A 21 -0.82 -8.13 -11.53
C PHE A 21 0.53 -7.40 -11.63
N CYS A 22 1.60 -8.14 -11.50
CA CYS A 22 2.94 -7.55 -11.43
C CYS A 22 3.57 -7.42 -12.81
N ARG A 23 2.89 -7.91 -13.84
CA ARG A 23 3.45 -8.01 -15.19
C ARG A 23 3.75 -6.63 -15.79
N THR A 24 3.08 -5.60 -15.30
CA THR A 24 3.24 -4.26 -15.84
C THR A 24 4.09 -3.38 -14.91
N ALA A 25 4.75 -4.02 -13.96
CA ALA A 25 5.50 -3.28 -12.94
C ALA A 25 6.98 -3.16 -13.29
N GLY A 26 7.59 -4.26 -13.67
CA GLY A 26 9.01 -4.27 -13.94
C GLY A 26 9.85 -4.31 -12.67
N SER A 27 9.90 -3.18 -11.97
CA SER A 27 10.76 -3.04 -10.80
C SER A 27 10.44 -4.07 -9.71
N ARG A 28 9.17 -4.20 -9.35
CA ARG A 28 8.78 -5.15 -8.32
C ARG A 28 8.14 -6.37 -8.94
N GLU A 29 8.24 -6.46 -10.26
CA GLU A 29 7.78 -7.63 -10.99
C GLU A 29 8.72 -8.81 -10.74
N LYS A 30 10.01 -8.52 -10.76
CA LYS A 30 11.04 -9.55 -10.65
C LYS A 30 11.06 -10.19 -9.26
N ASP A 31 10.63 -9.45 -8.25
CA ASP A 31 10.48 -10.00 -6.91
C ASP A 31 9.16 -10.75 -6.80
N CYS A 32 8.15 -10.22 -7.49
CA CYS A 32 6.80 -10.77 -7.44
C CYS A 32 6.77 -12.20 -7.96
N ARG A 33 7.26 -12.41 -9.17
CA ARG A 33 7.29 -13.73 -9.82
C ARG A 33 7.86 -14.82 -8.92
N LYS A 34 8.82 -14.47 -8.08
CA LYS A 34 9.39 -15.43 -7.16
C LYS A 34 8.46 -15.63 -5.95
N ASP A 35 8.07 -14.52 -5.34
CA ASP A 35 7.43 -14.54 -4.03
C ASP A 35 5.98 -14.99 -4.09
N VAL A 36 5.24 -14.51 -5.08
CA VAL A 36 3.80 -14.82 -5.16
C VAL A 36 3.56 -16.30 -5.47
N GLN A 37 4.42 -16.88 -6.30
CA GLN A 37 4.28 -18.29 -6.68
C GLN A 37 4.59 -19.22 -5.53
N ALA A 38 5.33 -18.70 -4.55
CA ALA A 38 5.68 -19.47 -3.36
C ALA A 38 4.47 -19.67 -2.46
N CYS A 39 3.47 -18.83 -2.63
CA CYS A 39 2.26 -18.89 -1.84
C CYS A 39 1.13 -19.53 -2.67
N ASP A 40 0.89 -20.83 -2.45
CA ASP A 40 -0.10 -21.57 -3.21
C ASP A 40 -1.51 -21.17 -2.80
N LYS A 41 -1.73 -21.03 -1.51
CA LYS A 41 -3.02 -20.59 -1.01
C LYS A 41 -2.95 -19.11 -0.69
N LYS A 42 -3.34 -18.30 -1.66
CA LYS A 42 -3.26 -16.85 -1.54
C LYS A 42 -4.47 -16.32 -0.82
N TYR A 43 -5.30 -17.26 -0.38
CA TYR A 43 -6.41 -16.99 0.51
C TYR A 43 -6.50 -18.09 1.53
N ASP A 44 -6.92 -17.74 2.73
CA ASP A 44 -7.17 -18.73 3.75
C ASP A 44 -8.41 -19.53 3.37
N ASP A 45 -8.56 -20.71 3.96
CA ASP A 45 -9.62 -21.64 3.56
C ASP A 45 -11.01 -21.02 3.72
N GLN A 46 -11.14 -20.05 4.61
CA GLN A 46 -12.42 -19.39 4.87
C GLN A 46 -12.60 -18.16 3.98
N GLY A 47 -11.49 -17.56 3.58
CA GLY A 47 -11.55 -16.42 2.67
C GLY A 47 -10.84 -15.19 3.21
N ARG A 48 -9.91 -15.38 4.12
CA ARG A 48 -9.11 -14.27 4.65
C ARG A 48 -7.75 -14.23 3.95
N GLU A 49 -7.03 -13.14 4.12
CA GLU A 49 -5.69 -13.01 3.53
C GLU A 49 -4.67 -13.78 4.37
N THR A 50 -3.96 -14.71 3.74
CA THR A 50 -2.96 -15.52 4.43
C THR A 50 -1.68 -14.73 4.68
N ALA A 51 -0.74 -15.32 5.39
CA ALA A 51 0.51 -14.64 5.74
C ALA A 51 1.29 -14.23 4.49
N CYS A 52 1.51 -15.19 3.60
CA CYS A 52 2.22 -14.93 2.35
C CYS A 52 1.45 -13.94 1.49
N ALA A 53 0.16 -14.18 1.33
CA ALA A 53 -0.69 -13.32 0.52
C ALA A 53 -0.72 -11.89 1.04
N LYS A 54 -0.64 -11.72 2.36
CA LYS A 54 -0.77 -10.39 2.94
C LYS A 54 0.56 -9.65 2.78
N GLY A 55 1.64 -10.42 2.79
CA GLY A 55 2.94 -9.84 2.51
C GLY A 55 2.99 -9.32 1.09
N ILE A 56 2.53 -10.16 0.16
CA ILE A 56 2.34 -9.76 -1.23
C ILE A 56 1.51 -8.47 -1.33
N ARG A 57 0.36 -8.46 -0.65
CA ARG A 57 -0.49 -7.26 -0.58
C ARG A 57 0.32 -6.02 -0.21
N GLU A 58 1.05 -6.10 0.89
CA GLU A 58 1.80 -4.95 1.40
C GLU A 58 3.01 -4.65 0.52
N LYS A 59 3.60 -5.69 -0.07
CA LYS A 59 4.76 -5.52 -0.93
C LYS A 59 4.42 -4.77 -2.21
N TYR A 60 3.44 -5.29 -2.94
CA TYR A 60 3.22 -4.87 -4.31
C TYR A 60 2.01 -3.97 -4.44
N LYS A 61 1.64 -3.31 -3.34
CA LYS A 61 0.56 -2.35 -3.40
C LYS A 61 0.98 -1.16 -4.26
N PRO A 62 0.05 -0.61 -5.04
CA PRO A 62 0.30 0.59 -5.83
C PRO A 62 0.10 1.84 -4.99
N ALA A 63 -0.09 2.97 -5.64
CA ALA A 63 -0.38 4.21 -4.95
C ALA A 63 -1.80 4.18 -4.39
N VAL A 64 -1.91 3.73 -3.14
CA VAL A 64 -3.18 3.67 -2.44
C VAL A 64 -2.92 3.74 -0.93
N VAL A 65 -3.75 4.48 -0.23
CA VAL A 65 -3.56 4.68 1.20
C VAL A 65 -4.28 3.61 2.02
N TYR A 66 -3.51 2.90 2.83
CA TYR A 66 -4.06 1.87 3.72
C TYR A 66 -3.86 2.25 5.17
N GLY A 67 -4.50 1.52 6.05
CA GLY A 67 -4.29 1.70 7.47
C GLY A 67 -3.14 0.85 7.96
N TYR A 68 -2.67 1.12 9.18
CA TYR A 68 -1.54 0.38 9.74
C TYR A 68 -1.89 -1.09 10.00
N ASP A 69 -3.18 -1.41 9.94
CA ASP A 69 -3.65 -2.77 10.12
C ASP A 69 -3.63 -3.54 8.80
N GLY A 70 -3.55 -2.81 7.70
CA GLY A 70 -3.56 -3.45 6.39
C GLY A 70 -4.94 -3.45 5.76
N LYS A 71 -5.84 -2.64 6.31
CA LYS A 71 -7.18 -2.49 5.75
C LYS A 71 -7.24 -1.26 4.85
N PRO A 72 -8.08 -1.30 3.81
CA PRO A 72 -8.24 -0.19 2.86
C PRO A 72 -9.00 1.00 3.46
N LEU A 73 -8.31 1.76 4.28
CA LEU A 73 -8.86 2.97 4.86
C LEU A 73 -7.76 4.00 5.04
N ASP A 74 -8.10 5.27 4.88
CA ASP A 74 -7.10 6.33 4.97
C ASP A 74 -7.27 7.12 6.27
N LEU A 75 -6.37 8.08 6.49
CA LEU A 75 -6.35 8.93 7.69
C LEU A 75 -5.79 8.19 8.90
N GLY A 76 -5.99 6.88 8.95
CA GLY A 76 -5.57 6.08 10.09
C GLY A 76 -4.09 6.22 10.43
N PHE A 77 -3.27 6.54 9.44
CA PHE A 77 -1.84 6.69 9.66
C PHE A 77 -1.43 8.15 9.73
N CYS A 78 -2.39 9.05 9.62
CA CYS A 78 -2.10 10.49 9.61
C CYS A 78 -2.66 11.18 10.86
N THR A 79 -3.76 10.63 11.38
CA THR A 79 -4.47 11.24 12.49
C THR A 79 -3.63 11.32 13.76
N LEU A 80 -2.54 10.56 13.80
CA LEU A 80 -1.67 10.52 14.97
C LEU A 80 -0.91 11.83 15.12
N ALA A 81 -0.75 12.56 14.01
CA ALA A 81 0.00 13.80 14.03
C ALA A 81 -0.92 14.99 14.32
N GLY A 82 -2.20 14.70 14.50
CA GLY A 82 -3.15 15.75 14.79
C GLY A 82 -3.46 16.60 13.58
N ILE A 83 -3.36 17.91 13.74
CA ILE A 83 -3.66 18.87 12.68
C ILE A 83 -2.90 18.55 11.38
N ARG A 84 -1.74 17.93 11.50
CA ARG A 84 -0.89 17.66 10.34
C ARG A 84 -1.47 16.53 9.47
N GLU A 85 -2.55 15.90 9.93
CA GLU A 85 -3.19 14.81 9.17
C GLU A 85 -3.71 15.32 7.83
N VAL A 86 -4.14 16.57 7.81
CA VAL A 86 -4.69 17.20 6.61
C VAL A 86 -3.71 17.10 5.44
N ASP A 87 -2.47 17.52 5.68
CA ASP A 87 -1.43 17.45 4.66
C ASP A 87 -1.09 16.01 4.33
N CYS A 88 -0.95 15.20 5.36
CA CYS A 88 -0.61 13.79 5.22
C CYS A 88 -1.54 13.06 4.24
N ARG A 89 -2.83 13.37 4.29
CA ARG A 89 -3.79 12.68 3.43
C ARG A 89 -3.52 13.01 1.96
N LYS A 90 -3.30 14.29 1.69
CA LYS A 90 -3.11 14.77 0.33
C LYS A 90 -1.72 14.42 -0.21
N ASP A 91 -0.71 14.77 0.55
CA ASP A 91 0.67 14.74 0.07
C ASP A 91 1.27 13.34 0.11
N ALA A 92 1.02 12.60 1.18
CA ALA A 92 1.72 11.32 1.40
C ALA A 92 1.42 10.29 0.31
N GLN A 93 0.24 10.38 -0.31
CA GLN A 93 -0.16 9.40 -1.31
C GLN A 93 0.73 9.46 -2.57
N THR A 94 1.57 10.48 -2.69
CA THR A 94 2.50 10.56 -3.81
C THR A 94 3.69 9.62 -3.60
N CYS A 95 3.91 9.24 -2.35
CA CYS A 95 4.92 8.22 -1.98
C CYS A 95 4.51 6.82 -2.45
N ASP A 96 4.04 6.70 -3.71
CA ASP A 96 3.38 5.47 -4.18
C ASP A 96 4.18 4.22 -3.83
N LYS A 97 5.38 4.08 -4.36
CA LYS A 97 6.34 3.12 -3.82
C LYS A 97 7.68 3.79 -3.63
N LYS A 98 8.34 4.11 -4.75
CA LYS A 98 9.62 4.79 -4.74
C LYS A 98 9.60 5.99 -5.69
N TYR A 99 8.99 5.79 -6.86
CA TYR A 99 9.10 6.71 -7.99
C TYR A 99 8.74 8.15 -7.61
N GLU A 100 7.48 8.39 -7.28
CA GLU A 100 7.04 9.74 -6.96
C GLU A 100 7.26 10.03 -5.48
N SER A 101 7.93 9.11 -4.80
CA SER A 101 8.18 9.23 -3.38
C SER A 101 9.23 10.31 -3.13
N ASP A 102 10.13 10.47 -4.10
CA ASP A 102 11.11 11.54 -4.06
C ASP A 102 10.43 12.90 -3.90
N LYS A 103 9.47 13.17 -4.78
CA LYS A 103 8.69 14.40 -4.71
C LYS A 103 7.92 14.46 -3.40
N CYS A 104 7.41 13.31 -3.01
CA CYS A 104 6.59 13.16 -1.83
C CYS A 104 7.37 13.53 -0.56
N LEU A 105 8.54 12.95 -0.38
CA LEU A 105 9.32 13.16 0.84
C LEU A 105 9.70 14.62 0.96
N ASN A 106 10.04 15.24 -0.17
CA ASN A 106 10.33 16.68 -0.21
C ASN A 106 9.19 17.49 0.39
N ALA A 107 7.96 17.06 0.15
CA ALA A 107 6.80 17.74 0.69
C ALA A 107 6.58 17.33 2.15
N ILE A 108 6.53 16.02 2.36
CA ILE A 108 6.27 15.44 3.66
C ILE A 108 7.18 15.99 4.76
N LYS A 109 8.44 16.26 4.44
CA LYS A 109 9.39 16.66 5.47
C LYS A 109 9.14 18.11 5.89
N GLU A 110 8.80 18.97 4.94
CA GLU A 110 8.52 20.37 5.23
C GLU A 110 7.13 20.53 5.87
N LYS A 111 6.34 19.47 5.85
CA LYS A 111 5.03 19.48 6.51
C LYS A 111 5.22 19.49 8.02
N TYR A 112 6.31 18.91 8.47
CA TYR A 112 6.63 18.85 9.89
C TYR A 112 7.86 19.70 10.19
N LYS A 113 8.04 20.78 9.43
CA LYS A 113 9.18 21.67 9.63
C LYS A 113 9.24 22.17 11.07
N PRO A 114 10.45 22.24 11.64
CA PRO A 114 10.65 22.62 13.05
C PRO A 114 10.26 24.07 13.33
N VAL A 115 9.09 24.25 13.91
CA VAL A 115 8.65 25.57 14.34
C VAL A 115 9.20 25.86 15.73
N VAL A 116 10.50 25.67 15.88
CA VAL A 116 11.17 25.80 17.16
C VAL A 116 11.28 27.28 17.56
N ASP A 117 11.12 27.52 18.85
CA ASP A 117 11.26 28.87 19.39
C ASP A 117 12.74 29.25 19.47
N PRO A 118 13.05 30.53 19.18
CA PRO A 118 14.43 31.02 19.17
C PRO A 118 15.16 30.78 20.49
N ASN A 119 16.37 30.24 20.38
CA ASN A 119 17.19 29.94 21.55
C ASN A 119 17.76 31.24 22.14
N PRO A 120 18.25 31.19 23.39
CA PRO A 120 18.97 32.32 24.00
C PRO A 120 20.19 32.69 23.15
N PRO A 121 20.29 33.97 22.76
CA PRO A 121 21.37 34.47 21.89
C PRO A 121 22.75 34.10 22.40
N ALA A 122 23.40 33.17 21.73
CA ALA A 122 24.73 32.74 22.09
C ALA A 122 25.61 32.58 20.86
N ALA A 1 -27.61 -14.94 7.11
CA ALA A 1 -26.29 -15.53 7.37
C ALA A 1 -25.73 -16.17 6.10
N ASP A 2 -24.41 -16.18 5.97
CA ASP A 2 -23.76 -16.83 4.85
C ASP A 2 -22.35 -17.25 5.22
N VAL A 3 -22.05 -18.53 5.07
CA VAL A 3 -20.74 -19.07 5.40
C VAL A 3 -20.10 -19.69 4.18
N PHE A 4 -20.58 -19.31 3.00
CA PHE A 4 -20.03 -19.82 1.74
C PHE A 4 -19.02 -18.83 1.18
N ASP A 5 -18.70 -18.99 -0.11
CA ASP A 5 -17.72 -18.14 -0.79
C ASP A 5 -18.11 -16.67 -0.67
N PRO A 6 -17.15 -15.80 -0.30
CA PRO A 6 -17.40 -14.38 -0.05
C PRO A 6 -17.90 -13.62 -1.30
N PRO A 7 -18.37 -12.37 -1.11
CA PRO A 7 -18.84 -11.53 -2.22
C PRO A 7 -17.69 -10.97 -3.07
N THR A 8 -16.51 -11.54 -2.88
CA THR A 8 -15.34 -11.18 -3.65
C THR A 8 -14.27 -12.27 -3.47
N GLN A 9 -14.05 -13.04 -4.52
CA GLN A 9 -13.09 -14.13 -4.48
C GLN A 9 -11.77 -13.73 -5.15
N TYR A 10 -11.58 -12.43 -5.31
CA TYR A 10 -10.38 -11.91 -5.94
C TYR A 10 -9.53 -11.16 -4.92
N GLY A 11 -8.45 -10.56 -5.38
CA GLY A 11 -7.60 -9.78 -4.49
C GLY A 11 -7.78 -8.30 -4.67
N TYR A 12 -8.60 -7.92 -5.65
CA TYR A 12 -8.85 -6.52 -5.94
C TYR A 12 -10.04 -6.35 -6.90
N ASP A 13 -9.99 -7.04 -8.04
CA ASP A 13 -11.00 -6.86 -9.08
C ASP A 13 -10.90 -7.94 -10.16
N GLY A 14 -9.82 -7.90 -10.94
CA GLY A 14 -9.68 -8.81 -12.05
C GLY A 14 -9.31 -10.22 -11.64
N LYS A 15 -8.16 -10.37 -10.98
CA LYS A 15 -7.67 -11.67 -10.56
C LYS A 15 -7.54 -11.74 -9.04
N PRO A 16 -7.49 -12.96 -8.47
CA PRO A 16 -7.26 -13.14 -7.05
C PRO A 16 -5.86 -12.69 -6.62
N LEU A 17 -4.86 -13.49 -6.95
CA LEU A 17 -3.48 -13.14 -6.66
C LEU A 17 -2.57 -13.72 -7.72
N ASP A 18 -2.18 -12.90 -8.69
CA ASP A 18 -1.39 -13.38 -9.83
C ASP A 18 -0.27 -12.39 -10.14
N ALA A 19 0.84 -12.91 -10.65
CA ALA A 19 2.00 -12.10 -10.98
C ALA A 19 1.71 -11.16 -12.15
N SER A 20 0.73 -11.52 -12.96
CA SER A 20 0.36 -10.73 -14.15
C SER A 20 -0.03 -9.30 -13.77
N PHE A 21 -0.51 -9.11 -12.54
CA PHE A 21 -0.88 -7.78 -12.07
C PHE A 21 0.36 -6.91 -11.92
N CYS A 22 1.47 -7.52 -11.54
CA CYS A 22 2.70 -6.79 -11.28
C CYS A 22 3.39 -6.35 -12.56
N ARG A 23 2.79 -6.67 -13.70
CA ARG A 23 3.31 -6.21 -14.99
C ARG A 23 3.18 -4.70 -15.09
N THR A 24 2.35 -4.13 -14.22
CA THR A 24 2.15 -2.69 -14.18
C THR A 24 3.10 -2.04 -13.18
N ALA A 25 3.81 -2.88 -12.43
CA ALA A 25 4.77 -2.40 -11.44
C ALA A 25 6.14 -2.21 -12.09
N GLY A 26 6.57 -3.20 -12.85
CA GLY A 26 7.80 -3.08 -13.60
C GLY A 26 9.04 -3.42 -12.79
N SER A 27 9.38 -2.55 -11.85
CA SER A 27 10.60 -2.70 -11.07
C SER A 27 10.58 -3.98 -10.23
N ARG A 28 9.49 -4.19 -9.51
CA ARG A 28 9.36 -5.35 -8.66
C ARG A 28 8.61 -6.47 -9.38
N GLU A 29 8.54 -6.38 -10.70
CA GLU A 29 7.87 -7.40 -11.50
C GLU A 29 8.56 -8.75 -11.35
N LYS A 30 9.90 -8.71 -11.36
CA LYS A 30 10.72 -9.91 -11.30
C LYS A 30 10.58 -10.63 -9.96
N ASP A 31 10.45 -9.87 -8.88
CA ASP A 31 10.36 -10.46 -7.55
C ASP A 31 8.91 -10.87 -7.25
N CYS A 32 7.96 -10.11 -7.79
CA CYS A 32 6.54 -10.40 -7.59
C CYS A 32 6.21 -11.84 -7.97
N ARG A 33 6.71 -12.27 -9.12
CA ARG A 33 6.41 -13.59 -9.61
C ARG A 33 6.96 -14.66 -8.68
N LYS A 34 8.05 -14.34 -7.99
CA LYS A 34 8.67 -15.28 -7.06
C LYS A 34 7.88 -15.34 -5.76
N ASP A 35 7.41 -14.18 -5.31
CA ASP A 35 6.63 -14.09 -4.08
C ASP A 35 5.31 -14.82 -4.23
N VAL A 36 4.77 -14.78 -5.45
CA VAL A 36 3.53 -15.49 -5.76
C VAL A 36 3.76 -17.00 -5.81
N GLN A 37 4.92 -17.42 -6.32
CA GLN A 37 5.22 -18.84 -6.46
C GLN A 37 5.43 -19.49 -5.10
N ALA A 38 6.02 -18.73 -4.18
CA ALA A 38 6.24 -19.22 -2.82
C ALA A 38 4.98 -19.12 -1.98
N CYS A 39 3.93 -18.59 -2.60
CA CYS A 39 2.65 -18.43 -1.94
C CYS A 39 1.56 -19.06 -2.81
N ASP A 40 1.79 -20.30 -3.20
CA ASP A 40 0.88 -21.02 -4.09
C ASP A 40 -0.42 -21.35 -3.37
N LYS A 41 -0.29 -21.78 -2.11
CA LYS A 41 -1.43 -22.03 -1.24
C LYS A 41 -2.34 -20.80 -1.21
N LYS A 42 -1.71 -19.63 -1.23
CA LYS A 42 -2.38 -18.36 -1.53
C LYS A 42 -3.38 -17.92 -0.48
N TYR A 43 -4.54 -18.57 -0.41
CA TYR A 43 -5.66 -18.03 0.34
C TYR A 43 -6.19 -19.00 1.38
N ASP A 44 -6.91 -18.45 2.34
CA ASP A 44 -7.45 -19.20 3.48
C ASP A 44 -8.74 -19.92 3.10
N ASP A 45 -9.01 -21.02 3.82
CA ASP A 45 -10.21 -21.85 3.63
C ASP A 45 -11.51 -21.03 3.54
N GLN A 46 -11.59 -19.94 4.30
CA GLN A 46 -12.80 -19.13 4.35
C GLN A 46 -12.87 -18.17 3.17
N GLY A 47 -11.90 -18.24 2.29
CA GLY A 47 -11.78 -17.26 1.23
C GLY A 47 -11.11 -16.01 1.73
N ARG A 48 -10.41 -16.16 2.86
CA ARG A 48 -9.76 -15.04 3.52
C ARG A 48 -8.29 -14.97 3.12
N GLU A 49 -7.66 -13.87 3.47
CA GLU A 49 -6.26 -13.67 3.16
C GLU A 49 -5.37 -14.30 4.24
N THR A 50 -4.35 -15.01 3.80
CA THR A 50 -3.40 -15.62 4.73
C THR A 50 -2.37 -14.59 5.15
N ALA A 51 -1.53 -14.95 6.11
CA ALA A 51 -0.42 -14.08 6.52
C ALA A 51 0.47 -13.77 5.32
N CYS A 52 0.66 -14.79 4.48
CA CYS A 52 1.44 -14.64 3.27
C CYS A 52 0.70 -13.77 2.25
N ALA A 53 -0.58 -14.10 2.00
CA ALA A 53 -1.38 -13.37 1.02
C ALA A 53 -1.55 -11.91 1.38
N LYS A 54 -1.56 -11.62 2.68
CA LYS A 54 -1.76 -10.26 3.14
C LYS A 54 -0.45 -9.50 3.04
N GLY A 55 0.64 -10.22 3.27
CA GLY A 55 1.97 -9.65 3.15
C GLY A 55 2.28 -9.25 1.73
N ILE A 56 1.70 -9.96 0.78
CA ILE A 56 1.89 -9.64 -0.62
C ILE A 56 1.13 -8.35 -0.95
N ARG A 57 -0.12 -8.30 -0.48
CA ARG A 57 -0.96 -7.12 -0.66
C ARG A 57 -0.29 -5.86 -0.11
N GLU A 58 0.37 -5.99 1.03
CA GLU A 58 1.01 -4.85 1.66
C GLU A 58 2.31 -4.46 0.93
N LYS A 59 3.18 -5.44 0.71
CA LYS A 59 4.45 -5.18 0.02
C LYS A 59 4.22 -4.69 -1.40
N TYR A 60 3.31 -5.34 -2.10
CA TYR A 60 3.07 -5.06 -3.50
C TYR A 60 1.78 -4.28 -3.70
N LYS A 61 1.46 -3.45 -2.71
CA LYS A 61 0.31 -2.55 -2.82
C LYS A 61 0.51 -1.61 -4.02
N PRO A 62 -0.58 -1.24 -4.70
CA PRO A 62 -0.54 -0.21 -5.75
C PRO A 62 -0.37 1.18 -5.13
N ALA A 63 -0.69 2.22 -5.89
CA ALA A 63 -0.61 3.56 -5.35
C ALA A 63 -1.88 3.91 -4.60
N VAL A 64 -1.88 3.63 -3.30
CA VAL A 64 -3.03 3.87 -2.42
C VAL A 64 -2.56 3.96 -0.98
N VAL A 65 -3.19 4.83 -0.21
CA VAL A 65 -2.80 5.04 1.17
C VAL A 65 -3.34 3.95 2.10
N TYR A 66 -2.44 3.07 2.53
CA TYR A 66 -2.79 2.06 3.51
C TYR A 66 -2.47 2.55 4.92
N GLY A 67 -3.24 2.07 5.89
CA GLY A 67 -3.02 2.48 7.26
C GLY A 67 -2.22 1.44 8.03
N TYR A 68 -1.90 1.76 9.29
CA TYR A 68 -1.11 0.89 10.15
C TYR A 68 -1.82 -0.46 10.38
N ASP A 69 -3.13 -0.47 10.16
CA ASP A 69 -3.94 -1.64 10.43
C ASP A 69 -3.82 -2.66 9.29
N GLY A 70 -3.32 -2.23 8.15
CA GLY A 70 -3.24 -3.11 7.01
C GLY A 70 -4.33 -2.83 6.00
N LYS A 71 -5.30 -2.00 6.39
CA LYS A 71 -6.37 -1.60 5.49
C LYS A 71 -6.17 -0.15 5.06
N PRO A 72 -6.57 0.19 3.83
CA PRO A 72 -6.45 1.56 3.30
C PRO A 72 -7.59 2.46 3.76
N LEU A 73 -7.26 3.64 4.27
CA LEU A 73 -8.26 4.60 4.70
C LEU A 73 -7.78 6.03 4.45
N ASP A 74 -8.72 6.96 4.49
CA ASP A 74 -8.43 8.38 4.26
C ASP A 74 -7.98 9.05 5.56
N LEU A 75 -6.76 9.59 5.54
CA LEU A 75 -6.21 10.33 6.67
C LEU A 75 -6.01 9.43 7.89
N GLY A 76 -5.52 8.21 7.66
CA GLY A 76 -5.38 7.22 8.72
C GLY A 76 -4.59 7.74 9.93
N PHE A 77 -3.42 8.31 9.68
CA PHE A 77 -2.58 8.83 10.76
C PHE A 77 -2.72 10.35 10.85
N CYS A 78 -3.65 10.90 10.09
CA CYS A 78 -3.72 12.34 9.90
C CYS A 78 -4.98 12.94 10.51
N THR A 79 -5.90 12.10 10.96
CA THR A 79 -7.17 12.56 11.49
C THR A 79 -7.08 13.01 12.94
N LEU A 80 -5.98 12.64 13.61
CA LEU A 80 -5.81 13.01 15.02
C LEU A 80 -5.20 14.42 15.18
N ALA A 81 -4.93 15.09 14.07
CA ALA A 81 -4.35 16.43 14.11
C ALA A 81 -4.62 17.17 12.80
N GLY A 82 -5.19 18.36 12.89
CA GLY A 82 -5.58 19.12 11.72
C GLY A 82 -4.40 19.53 10.86
N ILE A 83 -3.31 19.94 11.50
CA ILE A 83 -2.12 20.42 10.80
C ILE A 83 -1.57 19.36 9.83
N ARG A 84 -1.70 18.08 10.20
CA ARG A 84 -1.16 17.01 9.37
C ARG A 84 -2.25 16.39 8.51
N GLU A 85 -3.48 16.83 8.71
CA GLU A 85 -4.61 16.32 7.96
C GLU A 85 -4.62 16.88 6.54
N VAL A 86 -4.28 18.16 6.41
CA VAL A 86 -4.36 18.85 5.13
C VAL A 86 -3.37 18.28 4.13
N ASP A 87 -2.10 18.22 4.52
CA ASP A 87 -1.03 17.71 3.67
C ASP A 87 -1.19 16.23 3.36
N CYS A 88 -1.88 15.54 4.26
CA CYS A 88 -1.92 14.08 4.27
C CYS A 88 -2.34 13.49 2.93
N ARG A 89 -3.37 14.07 2.32
CA ARG A 89 -3.93 13.52 1.09
C ARG A 89 -3.01 13.71 -0.11
N LYS A 90 -2.37 14.87 -0.20
CA LYS A 90 -1.54 15.19 -1.34
C LYS A 90 -0.22 14.44 -1.28
N ASP A 91 0.46 14.55 -0.15
CA ASP A 91 1.82 14.08 -0.01
C ASP A 91 1.91 12.55 0.17
N ALA A 92 1.21 12.04 1.18
CA ALA A 92 1.38 10.65 1.61
C ALA A 92 1.20 9.64 0.48
N GLN A 93 0.20 9.86 -0.38
CA GLN A 93 -0.14 8.90 -1.43
C GLN A 93 0.97 8.73 -2.48
N THR A 94 1.97 9.59 -2.43
CA THR A 94 3.05 9.53 -3.41
C THR A 94 4.28 8.79 -2.84
N CYS A 95 4.27 8.59 -1.53
CA CYS A 95 5.42 8.03 -0.83
C CYS A 95 5.49 6.50 -0.90
N ASP A 96 4.50 5.87 -1.52
CA ASP A 96 4.35 4.43 -1.38
C ASP A 96 5.35 3.62 -2.21
N LYS A 97 5.43 3.81 -3.52
CA LYS A 97 6.28 2.91 -4.30
C LYS A 97 7.46 3.56 -4.98
N LYS A 98 7.20 4.34 -6.00
CA LYS A 98 8.19 4.50 -7.03
C LYS A 98 8.40 5.93 -7.49
N TYR A 99 7.39 6.46 -8.19
CA TYR A 99 7.58 7.63 -9.03
C TYR A 99 7.82 8.89 -8.21
N GLU A 100 6.98 9.12 -7.22
CA GLU A 100 7.08 10.33 -6.43
C GLU A 100 7.54 10.05 -5.01
N SER A 101 8.17 8.89 -4.82
CA SER A 101 8.75 8.54 -3.53
C SER A 101 9.75 9.61 -3.07
N ASP A 102 10.63 10.02 -3.98
CA ASP A 102 11.63 11.04 -3.68
C ASP A 102 10.97 12.39 -3.49
N LYS A 103 10.07 12.74 -4.40
CA LYS A 103 9.32 14.00 -4.31
C LYS A 103 8.61 14.12 -2.97
N CYS A 104 8.00 13.02 -2.53
CA CYS A 104 7.30 13.00 -1.25
C CYS A 104 8.29 13.17 -0.10
N LEU A 105 9.42 12.50 -0.18
CA LEU A 105 10.44 12.58 0.87
C LEU A 105 10.89 14.03 1.02
N ASN A 106 11.13 14.67 -0.11
CA ASN A 106 11.49 16.08 -0.14
C ASN A 106 10.42 16.95 0.49
N ALA A 107 9.16 16.60 0.24
CA ALA A 107 8.03 17.39 0.68
C ALA A 107 7.74 17.19 2.16
N ILE A 108 8.01 15.98 2.64
CA ILE A 108 7.67 15.61 4.01
C ILE A 108 8.68 16.15 5.01
N LYS A 109 9.94 16.21 4.59
CA LYS A 109 11.02 16.54 5.51
C LYS A 109 11.03 18.04 5.82
N GLU A 110 10.60 18.84 4.86
CA GLU A 110 10.58 20.29 5.03
C GLU A 110 9.39 20.73 5.88
N LYS A 111 8.27 20.05 5.72
CA LYS A 111 7.03 20.44 6.39
C LYS A 111 7.05 20.04 7.86
N TYR A 112 7.48 18.83 8.13
CA TYR A 112 7.53 18.33 9.51
C TYR A 112 8.86 18.67 10.17
N LYS A 113 9.48 19.72 9.67
CA LYS A 113 10.72 20.23 10.25
C LYS A 113 10.39 21.18 11.40
N PRO A 114 10.70 20.80 12.64
CA PRO A 114 10.31 21.54 13.84
C PRO A 114 11.32 22.61 14.21
N VAL A 115 11.84 23.29 13.21
CA VAL A 115 12.86 24.31 13.44
C VAL A 115 12.22 25.68 13.63
N VAL A 116 12.11 26.07 14.88
CA VAL A 116 11.68 27.41 15.24
C VAL A 116 12.90 28.16 15.77
N ASP A 117 12.85 29.50 15.79
CA ASP A 117 14.01 30.27 16.23
C ASP A 117 14.30 29.98 17.71
N PRO A 118 15.52 29.47 17.99
CA PRO A 118 15.93 29.11 19.33
C PRO A 118 16.60 30.26 20.06
N ASN A 119 17.45 29.95 21.02
CA ASN A 119 18.18 30.97 21.75
C ASN A 119 19.64 30.98 21.29
N PRO A 120 19.99 31.93 20.41
CA PRO A 120 21.37 32.08 19.90
C PRO A 120 22.30 32.63 20.98
N PRO A 121 23.24 31.80 21.46
CA PRO A 121 24.16 32.17 22.52
C PRO A 121 25.43 32.81 21.98
N ALA A 122 26.10 33.57 22.82
CA ALA A 122 27.34 34.21 22.45
C ALA A 122 28.52 33.45 23.04
N ALA A 1 -2.21 -31.09 -11.01
CA ALA A 1 -2.42 -30.88 -12.46
C ALA A 1 -1.90 -29.52 -12.89
N ASP A 2 -0.99 -29.51 -13.84
CA ASP A 2 -0.42 -28.26 -14.35
C ASP A 2 -1.28 -27.73 -15.48
N VAL A 3 -2.33 -27.02 -15.14
CA VAL A 3 -3.24 -26.47 -16.12
C VAL A 3 -4.03 -25.30 -15.55
N PHE A 4 -3.86 -24.14 -16.15
CA PHE A 4 -4.65 -22.98 -15.77
C PHE A 4 -6.02 -23.09 -16.40
N ASP A 5 -7.01 -23.45 -15.60
CA ASP A 5 -8.37 -23.63 -16.06
C ASP A 5 -8.97 -22.29 -16.47
N PRO A 6 -9.64 -22.23 -17.64
CA PRO A 6 -10.24 -20.99 -18.16
C PRO A 6 -11.05 -20.24 -17.10
N PRO A 7 -10.74 -18.95 -16.88
CA PRO A 7 -11.40 -18.13 -15.86
C PRO A 7 -12.86 -17.83 -16.21
N THR A 8 -13.71 -18.83 -15.99
CA THR A 8 -15.14 -18.69 -16.14
C THR A 8 -15.80 -18.97 -14.80
N GLN A 9 -16.54 -17.98 -14.29
CA GLN A 9 -17.12 -18.06 -12.95
C GLN A 9 -15.98 -18.18 -11.93
N TYR A 10 -15.32 -17.07 -11.66
CA TYR A 10 -14.14 -17.05 -10.81
C TYR A 10 -14.47 -16.55 -9.40
N GLY A 11 -15.39 -15.60 -9.31
CA GLY A 11 -15.81 -15.10 -8.01
C GLY A 11 -14.90 -14.04 -7.43
N TYR A 12 -13.59 -14.17 -7.64
CA TYR A 12 -12.62 -13.28 -7.01
C TYR A 12 -12.16 -12.19 -7.96
N ASP A 13 -12.99 -11.92 -8.98
CA ASP A 13 -12.74 -10.87 -9.96
C ASP A 13 -11.54 -11.18 -10.85
N GLY A 14 -11.82 -11.45 -12.11
CA GLY A 14 -10.77 -11.76 -13.06
C GLY A 14 -10.18 -13.14 -12.85
N LYS A 15 -9.06 -13.18 -12.15
CA LYS A 15 -8.30 -14.40 -11.96
C LYS A 15 -7.74 -14.46 -10.54
N PRO A 16 -7.16 -15.59 -10.12
CA PRO A 16 -6.48 -15.70 -8.82
C PRO A 16 -5.20 -14.86 -8.79
N LEU A 17 -4.66 -14.68 -7.59
CA LEU A 17 -3.45 -13.87 -7.42
C LEU A 17 -2.26 -14.53 -8.13
N ASP A 18 -1.79 -13.88 -9.19
CA ASP A 18 -0.59 -14.31 -9.90
C ASP A 18 0.24 -13.10 -10.30
N ALA A 19 1.25 -13.32 -11.16
CA ALA A 19 2.15 -12.26 -11.58
C ALA A 19 1.42 -11.13 -12.29
N SER A 20 0.26 -11.43 -12.86
CA SER A 20 -0.55 -10.44 -13.56
C SER A 20 -0.93 -9.28 -12.64
N PHE A 21 -0.90 -9.51 -11.34
CA PHE A 21 -1.16 -8.45 -10.37
C PHE A 21 0.01 -7.48 -10.32
N CYS A 22 1.22 -8.01 -10.33
CA CYS A 22 2.42 -7.22 -10.10
C CYS A 22 3.02 -6.68 -11.39
N ARG A 23 2.42 -7.03 -12.54
CA ARG A 23 2.89 -6.53 -13.83
C ARG A 23 2.73 -5.02 -13.89
N THR A 24 1.75 -4.51 -13.16
CA THR A 24 1.47 -3.08 -13.13
C THR A 24 2.28 -2.40 -12.02
N ALA A 25 3.08 -3.20 -11.31
CA ALA A 25 3.94 -2.68 -10.25
C ALA A 25 5.28 -2.27 -10.84
N GLY A 26 5.73 -3.01 -11.84
CA GLY A 26 6.93 -2.63 -12.56
C GLY A 26 8.16 -3.28 -12.00
N SER A 27 8.92 -2.52 -11.23
CA SER A 27 10.15 -3.03 -10.61
C SER A 27 9.84 -4.13 -9.60
N ARG A 28 8.59 -4.20 -9.17
CA ARG A 28 8.16 -5.19 -8.20
C ARG A 28 7.73 -6.49 -8.87
N GLU A 29 7.78 -6.52 -10.20
CA GLU A 29 7.44 -7.73 -10.95
C GLU A 29 8.44 -8.83 -10.65
N LYS A 30 9.70 -8.43 -10.46
CA LYS A 30 10.77 -9.37 -10.20
C LYS A 30 10.60 -10.02 -8.83
N ASP A 31 10.34 -9.17 -7.84
CA ASP A 31 10.19 -9.60 -6.47
C ASP A 31 8.93 -10.44 -6.30
N CYS A 32 7.88 -10.04 -7.00
CA CYS A 32 6.57 -10.64 -6.88
C CYS A 32 6.61 -12.15 -7.08
N ARG A 33 7.38 -12.60 -8.07
CA ARG A 33 7.38 -14.01 -8.45
C ARG A 33 7.92 -14.89 -7.33
N LYS A 34 8.80 -14.36 -6.51
CA LYS A 34 9.40 -15.15 -5.43
C LYS A 34 8.39 -15.30 -4.29
N ASP A 35 7.69 -14.23 -3.99
CA ASP A 35 6.71 -14.22 -2.90
C ASP A 35 5.45 -14.99 -3.29
N VAL A 36 5.04 -14.89 -4.54
CA VAL A 36 3.84 -15.58 -5.01
C VAL A 36 4.03 -17.08 -4.95
N GLN A 37 5.21 -17.56 -5.33
CA GLN A 37 5.48 -19.00 -5.32
C GLN A 37 5.77 -19.49 -3.91
N ALA A 38 6.16 -18.58 -3.02
CA ALA A 38 6.36 -18.91 -1.62
C ALA A 38 5.01 -19.15 -0.94
N CYS A 39 3.95 -18.72 -1.62
CA CYS A 39 2.60 -18.89 -1.14
C CYS A 39 1.85 -19.86 -2.06
N ASP A 40 1.82 -21.13 -1.68
CA ASP A 40 1.24 -22.17 -2.53
C ASP A 40 -0.28 -22.15 -2.43
N LYS A 41 -0.76 -22.20 -1.20
CA LYS A 41 -2.20 -22.22 -0.94
C LYS A 41 -2.83 -20.89 -1.37
N LYS A 42 -2.34 -19.81 -0.75
CA LYS A 42 -2.71 -18.43 -1.12
C LYS A 42 -3.99 -17.99 -0.44
N TYR A 43 -4.99 -18.85 -0.42
CA TYR A 43 -6.27 -18.47 0.13
C TYR A 43 -6.70 -19.43 1.23
N ASP A 44 -7.27 -18.87 2.28
CA ASP A 44 -7.64 -19.61 3.47
C ASP A 44 -8.88 -20.46 3.22
N ASP A 45 -9.14 -21.40 4.13
CA ASP A 45 -10.29 -22.30 4.03
C ASP A 45 -11.61 -21.52 4.00
N GLN A 46 -11.65 -20.38 4.70
CA GLN A 46 -12.86 -19.57 4.74
C GLN A 46 -12.95 -18.64 3.53
N GLY A 47 -11.92 -18.66 2.69
CA GLY A 47 -11.94 -17.86 1.46
C GLY A 47 -11.30 -16.50 1.64
N ARG A 48 -10.56 -16.32 2.73
CA ARG A 48 -9.84 -15.08 2.96
C ARG A 48 -8.39 -15.22 2.50
N GLU A 49 -7.67 -14.12 2.42
CA GLU A 49 -6.28 -14.18 2.00
C GLU A 49 -5.39 -14.58 3.17
N THR A 50 -4.33 -15.31 2.85
CA THR A 50 -3.39 -15.78 3.86
C THR A 50 -2.31 -14.72 4.12
N ALA A 51 -1.46 -14.98 5.10
CA ALA A 51 -0.38 -14.07 5.45
C ALA A 51 0.49 -13.73 4.25
N CYS A 52 0.76 -14.72 3.41
CA CYS A 52 1.57 -14.51 2.22
C CYS A 52 0.79 -13.73 1.16
N ALA A 53 -0.44 -14.15 0.88
CA ALA A 53 -1.26 -13.48 -0.13
C ALA A 53 -1.59 -12.04 0.27
N LYS A 54 -1.70 -11.79 1.57
CA LYS A 54 -2.03 -10.46 2.06
C LYS A 54 -0.77 -9.61 2.04
N GLY A 55 0.35 -10.28 2.33
CA GLY A 55 1.64 -9.62 2.30
C GLY A 55 1.97 -9.09 0.92
N ILE A 56 1.44 -9.76 -0.10
CA ILE A 56 1.64 -9.33 -1.48
C ILE A 56 0.94 -8.00 -1.72
N ARG A 57 -0.28 -7.89 -1.19
CA ARG A 57 -1.07 -6.67 -1.30
C ARG A 57 -0.35 -5.48 -0.65
N GLU A 58 0.45 -5.75 0.37
CA GLU A 58 1.14 -4.70 1.12
C GLU A 58 2.53 -4.43 0.56
N LYS A 59 3.26 -5.49 0.23
CA LYS A 59 4.64 -5.38 -0.25
C LYS A 59 4.67 -4.95 -1.72
N TYR A 60 3.59 -5.22 -2.44
CA TYR A 60 3.49 -4.88 -3.85
C TYR A 60 2.33 -3.95 -4.06
N LYS A 61 2.11 -3.12 -3.05
CA LYS A 61 1.09 -2.08 -3.02
C LYS A 61 1.08 -1.24 -4.30
N PRO A 62 -0.09 -1.11 -4.94
CA PRO A 62 -0.30 -0.23 -6.08
C PRO A 62 -0.48 1.22 -5.63
N ALA A 63 -1.14 2.05 -6.43
CA ALA A 63 -1.38 3.41 -6.01
C ALA A 63 -2.55 3.48 -5.04
N VAL A 64 -2.23 3.39 -3.75
CA VAL A 64 -3.18 3.47 -2.65
C VAL A 64 -2.46 3.92 -1.39
N VAL A 65 -3.19 4.49 -0.46
CA VAL A 65 -2.60 4.94 0.80
C VAL A 65 -3.08 4.07 1.96
N TYR A 66 -2.14 3.62 2.77
CA TYR A 66 -2.46 2.81 3.94
C TYR A 66 -2.28 3.61 5.22
N GLY A 67 -3.25 3.52 6.11
CA GLY A 67 -3.19 4.26 7.35
C GLY A 67 -2.37 3.54 8.41
N TYR A 68 -2.37 4.07 9.62
CA TYR A 68 -1.56 3.53 10.71
C TYR A 68 -2.18 2.23 11.24
N ASP A 69 -3.40 1.95 10.84
CA ASP A 69 -4.11 0.76 11.28
C ASP A 69 -3.84 -0.41 10.34
N GLY A 70 -3.33 -0.11 9.16
CA GLY A 70 -3.10 -1.14 8.16
C GLY A 70 -4.16 -1.15 7.08
N LYS A 71 -5.26 -0.46 7.34
CA LYS A 71 -6.33 -0.33 6.34
C LYS A 71 -5.94 0.72 5.30
N PRO A 72 -6.44 0.57 4.06
CA PRO A 72 -6.21 1.54 3.01
C PRO A 72 -7.22 2.69 3.03
N LEU A 73 -6.84 3.78 3.68
CA LEU A 73 -7.70 4.96 3.76
C LEU A 73 -6.86 6.23 3.76
N ASP A 74 -7.41 7.29 3.19
CA ASP A 74 -6.69 8.56 3.00
C ASP A 74 -6.58 9.33 4.32
N LEU A 75 -5.51 10.11 4.43
CA LEU A 75 -5.23 11.01 5.58
C LEU A 75 -5.05 10.29 6.92
N GLY A 76 -5.43 9.02 6.99
CA GLY A 76 -5.43 8.29 8.24
C GLY A 76 -4.08 8.19 8.90
N PHE A 77 -3.03 8.11 8.10
CA PHE A 77 -1.68 7.97 8.64
C PHE A 77 -1.07 9.34 8.94
N CYS A 78 -1.84 10.38 8.72
CA CYS A 78 -1.39 11.74 9.01
C CYS A 78 -2.22 12.34 10.14
N THR A 79 -3.37 11.73 10.43
CA THR A 79 -4.32 12.26 11.41
C THR A 79 -3.72 12.28 12.81
N LEU A 80 -3.04 11.21 13.17
CA LEU A 80 -2.50 11.06 14.53
C LEU A 80 -1.35 12.04 14.80
N ALA A 81 -1.03 12.88 13.82
CA ALA A 81 0.01 13.89 13.99
C ALA A 81 -0.61 15.24 14.33
N GLY A 82 -1.93 15.34 14.20
CA GLY A 82 -2.61 16.58 14.53
C GLY A 82 -2.89 17.43 13.30
N ILE A 83 -2.64 18.73 13.42
CA ILE A 83 -2.83 19.68 12.31
C ILE A 83 -2.01 19.26 11.09
N ARG A 84 -0.91 18.55 11.34
CA ARG A 84 0.00 18.10 10.29
C ARG A 84 -0.73 17.19 9.28
N GLU A 85 -1.93 16.76 9.66
CA GLU A 85 -2.76 15.94 8.79
C GLU A 85 -3.04 16.64 7.46
N VAL A 86 -3.21 17.96 7.51
CA VAL A 86 -3.59 18.73 6.33
C VAL A 86 -2.53 18.65 5.24
N ASP A 87 -1.29 18.95 5.60
CA ASP A 87 -0.19 18.97 4.65
C ASP A 87 0.20 17.56 4.24
N CYS A 88 0.42 16.69 5.24
CA CYS A 88 0.74 15.29 5.00
C CYS A 88 -0.27 14.62 4.06
N ARG A 89 -1.55 14.93 4.23
CA ARG A 89 -2.60 14.30 3.43
C ARG A 89 -2.39 14.50 1.94
N LYS A 90 -2.01 15.71 1.57
CA LYS A 90 -1.94 16.08 0.16
C LYS A 90 -0.71 15.48 -0.52
N ASP A 91 0.46 15.77 0.03
CA ASP A 91 1.73 15.37 -0.59
C ASP A 91 2.08 13.90 -0.40
N ALA A 92 1.43 13.24 0.56
CA ALA A 92 1.75 11.84 0.87
C ALA A 92 1.57 10.92 -0.34
N GLN A 93 0.49 11.14 -1.09
CA GLN A 93 0.15 10.26 -2.21
C GLN A 93 1.18 10.36 -3.34
N THR A 94 2.03 11.39 -3.28
CA THR A 94 3.09 11.54 -4.26
C THR A 94 4.11 10.41 -4.11
N CYS A 95 4.20 9.90 -2.89
CA CYS A 95 5.06 8.75 -2.57
C CYS A 95 4.42 7.44 -3.00
N ASP A 96 3.81 7.40 -4.19
CA ASP A 96 2.99 6.25 -4.57
C ASP A 96 3.83 5.01 -4.93
N LYS A 97 4.72 5.08 -5.92
CA LYS A 97 5.54 3.91 -6.24
C LYS A 97 7.04 4.19 -6.25
N LYS A 98 7.49 4.92 -7.26
CA LYS A 98 8.93 5.11 -7.45
C LYS A 98 9.32 6.57 -7.70
N TYR A 99 8.95 7.04 -8.88
CA TYR A 99 9.52 8.28 -9.43
C TYR A 99 9.12 9.49 -8.61
N GLU A 100 7.82 9.65 -8.38
CA GLU A 100 7.33 10.77 -7.62
C GLU A 100 7.56 10.56 -6.13
N SER A 101 7.92 9.35 -5.73
CA SER A 101 8.23 9.06 -4.35
C SER A 101 9.53 9.78 -3.95
N ASP A 102 10.52 9.69 -4.83
CA ASP A 102 11.76 10.44 -4.66
C ASP A 102 11.46 11.94 -4.49
N LYS A 103 10.56 12.43 -5.32
CA LYS A 103 10.12 13.83 -5.26
C LYS A 103 9.43 14.10 -3.93
N CYS A 104 8.56 13.17 -3.56
CA CYS A 104 7.71 13.28 -2.38
C CYS A 104 8.54 13.33 -1.09
N LEU A 105 9.69 12.66 -1.10
CA LEU A 105 10.58 12.69 0.06
C LEU A 105 11.01 14.12 0.33
N ASN A 106 11.40 14.80 -0.74
CA ASN A 106 11.78 16.20 -0.67
C ASN A 106 10.58 17.09 -0.33
N ALA A 107 9.40 16.66 -0.78
CA ALA A 107 8.19 17.45 -0.60
C ALA A 107 7.65 17.35 0.83
N ILE A 108 7.92 16.22 1.48
CA ILE A 108 7.38 15.94 2.80
C ILE A 108 8.24 16.54 3.90
N LYS A 109 9.53 16.68 3.64
CA LYS A 109 10.47 17.08 4.69
C LYS A 109 10.34 18.58 4.98
N GLU A 110 9.92 19.34 3.98
CA GLU A 110 9.79 20.79 4.14
C GLU A 110 8.54 21.13 4.94
N LYS A 111 7.59 20.20 4.98
CA LYS A 111 6.36 20.38 5.72
C LYS A 111 6.68 20.57 7.21
N TYR A 112 7.66 19.84 7.69
CA TYR A 112 8.00 19.82 9.09
C TYR A 112 9.40 20.38 9.33
N LYS A 113 9.85 21.23 8.42
CA LYS A 113 11.16 21.86 8.55
C LYS A 113 11.16 22.86 9.71
N PRO A 114 12.28 22.96 10.44
CA PRO A 114 12.40 23.88 11.56
C PRO A 114 12.41 25.35 11.12
N VAL A 115 11.22 25.89 10.90
CA VAL A 115 11.06 27.30 10.56
C VAL A 115 10.02 27.93 11.46
N VAL A 116 9.69 27.22 12.54
CA VAL A 116 8.67 27.67 13.47
C VAL A 116 9.24 28.75 14.39
N ASP A 117 8.64 29.92 14.34
CA ASP A 117 9.00 31.00 15.25
C ASP A 117 8.51 30.68 16.65
N PRO A 118 9.43 30.60 17.63
CA PRO A 118 9.07 30.36 19.02
C PRO A 118 8.10 31.42 19.54
N ASN A 119 6.85 31.02 19.72
CA ASN A 119 5.81 31.94 20.11
C ASN A 119 5.35 31.70 21.54
N PRO A 120 4.92 32.77 22.23
CA PRO A 120 4.30 32.65 23.54
C PRO A 120 2.98 31.89 23.44
N PRO A 121 2.75 30.92 24.35
CA PRO A 121 1.57 30.06 24.33
C PRO A 121 0.27 30.84 24.17
N ALA A 122 -0.40 30.59 23.05
CA ALA A 122 -1.67 31.23 22.77
C ALA A 122 -2.81 30.24 22.95
N ALA A 1 -32.58 -13.95 -18.27
CA ALA A 1 -32.63 -13.84 -16.80
C ALA A 1 -31.29 -14.25 -16.21
N ASP A 2 -30.40 -13.28 -16.04
CA ASP A 2 -29.03 -13.57 -15.63
C ASP A 2 -28.87 -13.43 -14.13
N VAL A 3 -29.54 -14.31 -13.40
CA VAL A 3 -29.39 -14.36 -11.96
C VAL A 3 -28.40 -15.46 -11.57
N PHE A 4 -27.13 -15.08 -11.45
CA PHE A 4 -26.08 -16.04 -11.17
C PHE A 4 -25.41 -15.75 -9.84
N ASP A 5 -24.42 -16.55 -9.51
CA ASP A 5 -23.66 -16.37 -8.28
C ASP A 5 -22.73 -15.19 -8.45
N PRO A 6 -22.73 -14.27 -7.45
CA PRO A 6 -21.94 -13.03 -7.49
C PRO A 6 -20.48 -13.24 -7.90
N PRO A 7 -19.86 -12.21 -8.52
CA PRO A 7 -18.45 -12.26 -8.95
C PRO A 7 -17.49 -12.21 -7.77
N THR A 8 -17.69 -13.09 -6.81
CA THR A 8 -16.85 -13.20 -5.64
C THR A 8 -15.72 -14.17 -5.95
N GLN A 9 -15.95 -14.96 -6.99
CA GLN A 9 -14.98 -15.93 -7.44
C GLN A 9 -13.79 -15.23 -8.09
N TYR A 10 -12.66 -15.92 -8.11
CA TYR A 10 -11.41 -15.40 -8.66
C TYR A 10 -10.91 -14.23 -7.80
N GLY A 11 -11.50 -13.06 -8.01
CA GLY A 11 -11.04 -11.85 -7.39
C GLY A 11 -11.47 -10.63 -8.19
N TYR A 12 -11.01 -10.57 -9.42
CA TYR A 12 -11.40 -9.51 -10.35
C TYR A 12 -11.92 -10.10 -11.65
N ASP A 13 -12.45 -11.32 -11.55
CA ASP A 13 -12.85 -12.12 -12.71
C ASP A 13 -11.64 -12.45 -13.58
N GLY A 14 -11.04 -13.59 -13.32
CA GLY A 14 -9.85 -13.99 -14.03
C GLY A 14 -8.89 -14.72 -13.11
N LYS A 15 -8.12 -13.97 -12.34
CA LYS A 15 -7.20 -14.55 -11.37
C LYS A 15 -7.52 -14.01 -9.98
N PRO A 16 -7.08 -14.70 -8.93
CA PRO A 16 -7.17 -14.17 -7.57
C PRO A 16 -6.08 -13.14 -7.30
N LEU A 17 -4.86 -13.64 -7.13
CA LEU A 17 -3.69 -12.81 -6.98
C LEU A 17 -2.51 -13.52 -7.60
N ASP A 18 -1.99 -13.01 -8.71
CA ASP A 18 -0.93 -13.71 -9.43
C ASP A 18 0.05 -12.70 -10.03
N ALA A 19 1.03 -13.21 -10.77
CA ALA A 19 2.12 -12.39 -11.30
C ALA A 19 1.61 -11.33 -12.27
N SER A 20 0.45 -11.59 -12.86
CA SER A 20 -0.17 -10.65 -13.79
C SER A 20 -0.33 -9.26 -13.18
N PHE A 21 -0.52 -9.22 -11.86
CA PHE A 21 -0.70 -7.96 -11.15
C PHE A 21 0.62 -7.20 -11.05
N CYS A 22 1.71 -7.93 -10.90
CA CYS A 22 3.01 -7.30 -10.68
C CYS A 22 3.71 -6.97 -11.99
N ARG A 23 3.07 -7.30 -13.11
CA ARG A 23 3.59 -6.94 -14.42
C ARG A 23 3.62 -5.43 -14.59
N THR A 24 2.70 -4.75 -13.91
CA THR A 24 2.63 -3.30 -13.95
C THR A 24 3.47 -2.67 -12.83
N ALA A 25 4.13 -3.52 -12.04
CA ALA A 25 4.99 -3.03 -10.96
C ALA A 25 6.40 -2.75 -11.48
N GLY A 26 6.89 -3.65 -12.32
CA GLY A 26 8.18 -3.46 -12.95
C GLY A 26 9.35 -3.75 -12.03
N SER A 27 9.54 -2.88 -11.04
CA SER A 27 10.68 -2.97 -10.12
C SER A 27 10.74 -4.33 -9.43
N ARG A 28 9.61 -4.76 -8.88
CA ARG A 28 9.53 -6.02 -8.17
C ARG A 28 8.75 -7.05 -8.97
N GLU A 29 8.78 -6.93 -10.29
CA GLU A 29 8.04 -7.85 -11.16
C GLU A 29 8.55 -9.28 -10.99
N LYS A 30 9.82 -9.51 -11.30
CA LYS A 30 10.40 -10.85 -11.24
C LYS A 30 10.47 -11.35 -9.80
N ASP A 31 10.56 -10.44 -8.85
CA ASP A 31 10.59 -10.82 -7.44
C ASP A 31 9.20 -11.26 -6.99
N CYS A 32 8.19 -10.58 -7.51
CA CYS A 32 6.80 -10.89 -7.17
C CYS A 32 6.35 -12.22 -7.76
N ARG A 33 6.68 -12.44 -9.03
CA ARG A 33 6.26 -13.65 -9.72
C ARG A 33 6.79 -14.89 -9.01
N LYS A 34 7.93 -14.76 -8.31
CA LYS A 34 8.46 -15.86 -7.52
C LYS A 34 7.61 -16.10 -6.28
N ASP A 35 7.22 -15.03 -5.63
CA ASP A 35 6.57 -15.12 -4.34
C ASP A 35 5.16 -15.66 -4.51
N VAL A 36 4.53 -15.28 -5.61
CA VAL A 36 3.19 -15.76 -5.93
C VAL A 36 3.23 -17.21 -6.43
N GLN A 37 4.30 -17.58 -7.13
CA GLN A 37 4.45 -18.96 -7.59
C GLN A 37 4.82 -19.86 -6.42
N ALA A 38 5.48 -19.27 -5.41
CA ALA A 38 5.72 -19.98 -4.16
C ALA A 38 4.44 -20.05 -3.31
N CYS A 39 3.54 -19.10 -3.52
CA CYS A 39 2.28 -19.06 -2.79
C CYS A 39 1.18 -19.78 -3.56
N ASP A 40 0.95 -21.03 -3.23
CA ASP A 40 -0.03 -21.85 -3.92
C ASP A 40 -1.45 -21.38 -3.64
N LYS A 41 -1.72 -21.12 -2.38
CA LYS A 41 -3.06 -20.73 -1.95
C LYS A 41 -3.12 -19.27 -1.54
N LYS A 42 -3.87 -18.48 -2.31
CA LYS A 42 -3.95 -17.04 -2.10
C LYS A 42 -5.06 -16.71 -1.12
N TYR A 43 -5.86 -17.70 -0.77
CA TYR A 43 -6.93 -17.52 0.20
C TYR A 43 -7.01 -18.76 1.07
N ASP A 44 -7.22 -18.56 2.36
CA ASP A 44 -7.28 -19.67 3.29
C ASP A 44 -8.72 -20.18 3.42
N ASP A 45 -8.89 -21.23 4.21
CA ASP A 45 -10.17 -21.94 4.28
C ASP A 45 -11.30 -21.08 4.83
N GLN A 46 -10.95 -20.05 5.58
CA GLN A 46 -11.96 -19.16 6.18
C GLN A 46 -12.27 -18.00 5.24
N GLY A 47 -11.63 -17.99 4.07
CA GLY A 47 -11.82 -16.90 3.13
C GLY A 47 -11.00 -15.69 3.52
N ARG A 48 -9.92 -15.93 4.24
CA ARG A 48 -9.02 -14.87 4.66
C ARG A 48 -7.69 -15.00 3.95
N GLU A 49 -6.88 -13.95 3.98
CA GLU A 49 -5.57 -13.97 3.35
C GLU A 49 -4.64 -14.96 4.05
N THR A 50 -3.82 -15.65 3.28
CA THR A 50 -2.82 -16.53 3.85
C THR A 50 -1.58 -15.73 4.21
N ALA A 51 -0.56 -16.39 4.74
CA ALA A 51 0.68 -15.73 5.09
C ALA A 51 1.30 -15.06 3.86
N CYS A 52 1.43 -15.84 2.80
CA CYS A 52 1.99 -15.34 1.55
C CYS A 52 1.06 -14.33 0.89
N ALA A 53 -0.24 -14.61 0.87
CA ALA A 53 -1.22 -13.72 0.24
C ALA A 53 -1.25 -12.35 0.91
N LYS A 54 -0.97 -12.31 2.21
CA LYS A 54 -0.96 -11.05 2.93
C LYS A 54 0.38 -10.37 2.68
N GLY A 55 1.41 -11.19 2.52
CA GLY A 55 2.73 -10.67 2.27
C GLY A 55 2.81 -9.98 0.93
N ILE A 56 2.18 -10.58 -0.09
CA ILE A 56 2.20 -10.05 -1.43
C ILE A 56 1.47 -8.71 -1.48
N ARG A 57 0.28 -8.70 -0.87
CA ARG A 57 -0.52 -7.47 -0.81
C ARG A 57 0.28 -6.30 -0.25
N GLU A 58 1.04 -6.54 0.82
CA GLU A 58 1.76 -5.46 1.46
C GLU A 58 3.03 -5.10 0.68
N LYS A 59 3.75 -6.11 0.18
CA LYS A 59 4.99 -5.89 -0.56
C LYS A 59 4.75 -5.05 -1.81
N TYR A 60 3.69 -5.37 -2.54
CA TYR A 60 3.45 -4.76 -3.84
C TYR A 60 2.19 -3.90 -3.81
N LYS A 61 1.91 -3.33 -2.65
CA LYS A 61 0.72 -2.50 -2.45
C LYS A 61 0.84 -1.19 -3.22
N PRO A 62 -0.19 -0.84 -4.00
CA PRO A 62 -0.18 0.38 -4.83
C PRO A 62 -0.16 1.67 -4.01
N ALA A 63 -0.08 2.78 -4.71
CA ALA A 63 0.02 4.09 -4.06
C ALA A 63 -1.35 4.67 -3.80
N VAL A 64 -1.85 4.44 -2.59
CA VAL A 64 -3.09 5.05 -2.10
C VAL A 64 -2.98 5.20 -0.60
N VAL A 65 -3.72 6.14 -0.04
CA VAL A 65 -3.66 6.40 1.39
C VAL A 65 -4.37 5.29 2.19
N TYR A 66 -3.56 4.48 2.86
CA TYR A 66 -4.09 3.44 3.72
C TYR A 66 -4.12 3.91 5.17
N GLY A 67 -4.90 3.24 5.99
CA GLY A 67 -4.97 3.58 7.40
C GLY A 67 -4.09 2.67 8.21
N TYR A 68 -3.93 3.00 9.50
CA TYR A 68 -3.07 2.22 10.39
C TYR A 68 -3.64 0.82 10.66
N ASP A 69 -4.85 0.56 10.17
CA ASP A 69 -5.45 -0.76 10.33
C ASP A 69 -4.99 -1.68 9.21
N GLY A 70 -4.45 -1.09 8.15
CA GLY A 70 -3.97 -1.87 7.02
C GLY A 70 -4.92 -1.84 5.84
N LYS A 71 -6.12 -1.31 6.05
CA LYS A 71 -7.11 -1.22 4.98
C LYS A 71 -7.13 0.19 4.39
N PRO A 72 -7.75 0.38 3.21
CA PRO A 72 -7.91 1.70 2.60
C PRO A 72 -8.66 2.65 3.54
N LEU A 73 -7.95 3.65 4.04
CA LEU A 73 -8.52 4.58 4.99
C LEU A 73 -7.90 5.96 4.76
N ASP A 74 -8.68 6.85 4.17
CA ASP A 74 -8.20 8.18 3.83
C ASP A 74 -7.96 8.99 5.10
N LEU A 75 -6.91 9.81 5.06
CA LEU A 75 -6.54 10.65 6.20
C LEU A 75 -6.06 9.83 7.39
N GLY A 76 -5.69 8.57 7.13
CA GLY A 76 -5.30 7.67 8.21
C GLY A 76 -4.25 8.25 9.15
N PHE A 77 -3.19 8.80 8.58
CA PHE A 77 -2.14 9.42 9.38
C PHE A 77 -2.42 10.90 9.62
N CYS A 78 -3.01 11.55 8.63
CA CYS A 78 -3.25 12.99 8.70
C CYS A 78 -4.31 13.35 9.72
N THR A 79 -5.25 12.45 9.97
CA THR A 79 -6.36 12.70 10.89
C THR A 79 -5.86 12.79 12.33
N LEU A 80 -4.60 12.41 12.55
CA LEU A 80 -3.99 12.50 13.86
C LEU A 80 -3.61 13.94 14.17
N ALA A 81 -3.68 14.78 13.15
CA ALA A 81 -3.32 16.18 13.29
C ALA A 81 -4.54 17.08 13.10
N GLY A 82 -4.39 18.34 13.48
CA GLY A 82 -5.50 19.27 13.37
C GLY A 82 -5.50 20.02 12.05
N ILE A 83 -4.88 21.19 12.03
CA ILE A 83 -4.92 22.05 10.86
C ILE A 83 -3.92 21.57 9.80
N ARG A 84 -2.84 20.96 10.24
CA ARG A 84 -1.81 20.45 9.32
C ARG A 84 -2.27 19.17 8.63
N GLU A 85 -3.49 18.72 8.93
CA GLU A 85 -4.10 17.59 8.23
C GLU A 85 -4.36 17.96 6.78
N VAL A 86 -4.76 19.22 6.60
CA VAL A 86 -5.09 19.73 5.27
C VAL A 86 -3.86 19.66 4.36
N ASP A 87 -2.73 20.06 4.89
CA ASP A 87 -1.46 20.00 4.16
C ASP A 87 -1.01 18.56 3.98
N CYS A 88 -1.10 17.78 5.05
CA CYS A 88 -0.70 16.37 5.05
C CYS A 88 -1.30 15.59 3.89
N ARG A 89 -2.62 15.72 3.69
CA ARG A 89 -3.29 14.92 2.67
C ARG A 89 -2.89 15.35 1.26
N LYS A 90 -2.51 16.61 1.11
CA LYS A 90 -2.08 17.14 -0.20
C LYS A 90 -0.70 16.61 -0.57
N ASP A 91 0.23 16.69 0.37
CA ASP A 91 1.63 16.40 0.09
C ASP A 91 1.93 14.89 0.04
N ALA A 92 1.28 14.14 0.92
CA ALA A 92 1.63 12.73 1.14
C ALA A 92 1.54 11.87 -0.13
N GLN A 93 0.42 11.95 -0.84
CA GLN A 93 0.18 11.06 -1.98
C GLN A 93 1.15 11.32 -3.14
N THR A 94 1.89 12.42 -3.08
CA THR A 94 2.85 12.75 -4.14
C THR A 94 3.91 11.65 -4.26
N CYS A 95 4.18 10.98 -3.16
CA CYS A 95 5.11 9.83 -3.11
C CYS A 95 4.58 8.60 -3.88
N ASP A 96 4.07 8.83 -5.10
CA ASP A 96 3.37 7.79 -5.86
C ASP A 96 4.26 6.56 -6.12
N LYS A 97 5.37 6.71 -6.86
CA LYS A 97 6.37 5.63 -6.90
C LYS A 97 7.78 6.14 -6.61
N LYS A 98 8.33 6.91 -7.55
CA LYS A 98 9.73 7.30 -7.49
C LYS A 98 9.92 8.80 -7.69
N TYR A 99 9.67 9.27 -8.91
CA TYR A 99 10.02 10.62 -9.32
C TYR A 99 9.41 11.68 -8.40
N GLU A 100 8.10 11.59 -8.19
CA GLU A 100 7.41 12.57 -7.36
C GLU A 100 7.58 12.25 -5.88
N SER A 101 8.14 11.09 -5.57
CA SER A 101 8.38 10.71 -4.19
C SER A 101 9.47 11.58 -3.58
N ASP A 102 10.56 11.77 -4.30
CA ASP A 102 11.61 12.73 -3.87
C ASP A 102 11.00 14.10 -3.59
N LYS A 103 10.07 14.49 -4.45
CA LYS A 103 9.41 15.78 -4.32
C LYS A 103 8.53 15.80 -3.09
N CYS A 104 7.94 14.65 -2.81
CA CYS A 104 7.00 14.49 -1.71
C CYS A 104 7.74 14.37 -0.38
N LEU A 105 8.81 13.59 -0.36
CA LEU A 105 9.57 13.35 0.86
C LEU A 105 10.18 14.65 1.37
N ASN A 106 10.85 15.37 0.46
CA ASN A 106 11.41 16.68 0.77
C ASN A 106 10.34 17.64 1.26
N ALA A 107 9.10 17.41 0.86
CA ALA A 107 8.00 18.27 1.30
C ALA A 107 7.58 17.85 2.70
N ILE A 108 7.34 16.56 2.86
CA ILE A 108 6.99 15.95 4.14
C ILE A 108 7.94 16.37 5.28
N LYS A 109 9.18 16.72 4.94
CA LYS A 109 10.15 17.09 5.96
C LYS A 109 9.82 18.48 6.50
N GLU A 110 9.58 19.41 5.59
CA GLU A 110 9.34 20.81 5.95
C GLU A 110 7.92 21.01 6.47
N LYS A 111 7.04 20.03 6.25
CA LYS A 111 5.69 20.10 6.81
C LYS A 111 5.77 20.07 8.33
N TYR A 112 6.76 19.35 8.82
CA TYR A 112 7.04 19.25 10.23
C TYR A 112 8.40 19.87 10.52
N LYS A 113 8.71 20.92 9.75
CA LYS A 113 10.01 21.60 9.77
C LYS A 113 10.58 21.75 11.18
N PRO A 114 11.90 21.56 11.32
CA PRO A 114 12.58 21.63 12.61
C PRO A 114 12.60 23.04 13.18
N VAL A 115 11.80 23.26 14.21
CA VAL A 115 11.81 24.52 14.95
C VAL A 115 12.30 24.25 16.37
N VAL A 116 13.01 23.15 16.51
CA VAL A 116 13.56 22.71 17.79
C VAL A 116 14.84 23.48 18.12
N ASP A 117 15.30 23.37 19.36
CA ASP A 117 16.56 23.98 19.79
C ASP A 117 17.70 23.59 18.86
N PRO A 118 18.63 24.54 18.63
CA PRO A 118 19.83 24.28 17.82
C PRO A 118 20.70 23.20 18.45
N ASN A 119 20.69 22.01 17.85
CA ASN A 119 21.44 20.89 18.40
C ASN A 119 22.95 21.08 18.18
N PRO A 120 23.70 21.15 19.28
CA PRO A 120 25.14 21.40 19.23
C PRO A 120 25.95 20.20 18.75
N PRO A 121 26.71 20.39 17.67
CA PRO A 121 27.64 19.39 17.18
C PRO A 121 29.05 19.64 17.72
N ALA A 122 30.03 18.94 17.15
CA ALA A 122 31.41 19.13 17.55
C ALA A 122 32.20 19.72 16.40
N ALA A 1 -6.57 -32.40 -26.26
CA ALA A 1 -7.18 -31.20 -26.87
C ALA A 1 -7.64 -30.24 -25.78
N ASP A 2 -8.28 -30.77 -24.75
CA ASP A 2 -8.70 -29.98 -23.62
C ASP A 2 -8.11 -30.56 -22.34
N VAL A 3 -7.34 -29.76 -21.63
CA VAL A 3 -6.59 -30.23 -20.47
C VAL A 3 -7.33 -29.91 -19.18
N PHE A 4 -8.64 -30.16 -19.18
CA PHE A 4 -9.55 -29.82 -18.07
C PHE A 4 -9.17 -28.55 -17.32
N ASP A 5 -9.92 -27.49 -17.58
CA ASP A 5 -9.69 -26.20 -16.94
C ASP A 5 -9.67 -26.34 -15.42
N PRO A 6 -8.73 -25.64 -14.76
CA PRO A 6 -8.51 -25.77 -13.32
C PRO A 6 -9.78 -25.51 -12.50
N PRO A 7 -9.97 -26.30 -11.42
CA PRO A 7 -11.12 -26.13 -10.52
C PRO A 7 -11.22 -24.71 -9.99
N THR A 8 -12.44 -24.28 -9.65
CA THR A 8 -12.65 -22.93 -9.19
C THR A 8 -12.05 -22.71 -7.80
N GLN A 9 -10.90 -22.06 -7.77
CA GLN A 9 -10.24 -21.67 -6.53
C GLN A 9 -9.66 -20.27 -6.67
N TYR A 10 -10.26 -19.49 -7.55
CA TYR A 10 -9.83 -18.13 -7.79
C TYR A 10 -10.65 -17.16 -6.94
N GLY A 11 -10.03 -16.03 -6.59
CA GLY A 11 -10.71 -15.07 -5.75
C GLY A 11 -10.21 -13.65 -5.96
N TYR A 12 -10.53 -13.08 -7.11
CA TYR A 12 -10.21 -11.68 -7.38
C TYR A 12 -11.01 -11.20 -8.60
N ASP A 13 -11.18 -12.07 -9.58
CA ASP A 13 -11.95 -11.74 -10.78
C ASP A 13 -12.38 -13.02 -11.51
N GLY A 14 -11.43 -13.66 -12.18
CA GLY A 14 -11.74 -14.89 -12.90
C GLY A 14 -10.62 -15.90 -12.79
N LYS A 15 -9.39 -15.42 -12.63
CA LYS A 15 -8.24 -16.29 -12.44
C LYS A 15 -7.66 -16.11 -11.04
N PRO A 16 -6.70 -16.95 -10.62
CA PRO A 16 -6.01 -16.81 -9.34
C PRO A 16 -5.09 -15.60 -9.29
N LEU A 17 -4.21 -15.58 -8.30
CA LEU A 17 -3.26 -14.49 -8.15
C LEU A 17 -1.92 -14.87 -8.78
N ASP A 18 -1.51 -14.14 -9.80
CA ASP A 18 -0.23 -14.38 -10.45
C ASP A 18 0.58 -13.07 -10.49
N ALA A 19 1.67 -13.09 -11.24
CA ALA A 19 2.57 -11.94 -11.34
C ALA A 19 1.88 -10.73 -11.97
N SER A 20 0.83 -10.98 -12.75
CA SER A 20 0.11 -9.93 -13.47
C SER A 20 -0.34 -8.82 -12.53
N PHE A 21 -0.75 -9.18 -11.32
CA PHE A 21 -1.20 -8.20 -10.33
C PHE A 21 -0.05 -7.28 -9.94
N CYS A 22 1.14 -7.83 -9.80
CA CYS A 22 2.30 -7.09 -9.36
C CYS A 22 2.99 -6.38 -10.52
N ARG A 23 2.48 -6.60 -11.73
CA ARG A 23 3.04 -5.95 -12.92
C ARG A 23 2.75 -4.46 -12.92
N THR A 24 1.85 -4.05 -12.03
CA THR A 24 1.54 -2.65 -11.84
C THR A 24 2.73 -1.91 -11.24
N ALA A 25 3.65 -2.66 -10.64
CA ALA A 25 4.84 -2.10 -10.04
C ALA A 25 6.02 -2.11 -11.00
N GLY A 26 5.95 -3.00 -12.00
CA GLY A 26 6.96 -3.02 -13.03
C GLY A 26 8.18 -3.81 -12.61
N SER A 27 9.17 -3.10 -12.08
CA SER A 27 10.39 -3.73 -11.59
C SER A 27 10.07 -4.75 -10.51
N ARG A 28 9.08 -4.43 -9.68
CA ARG A 28 8.74 -5.25 -8.52
C ARG A 28 7.89 -6.46 -8.92
N GLU A 29 7.64 -6.62 -10.21
CA GLU A 29 6.97 -7.81 -10.70
C GLU A 29 7.85 -9.01 -10.42
N LYS A 30 9.15 -8.84 -10.62
CA LYS A 30 10.12 -9.91 -10.41
C LYS A 30 10.27 -10.22 -8.93
N ASP A 31 10.20 -9.19 -8.11
CA ASP A 31 10.19 -9.34 -6.66
C ASP A 31 9.00 -10.21 -6.25
N CYS A 32 7.86 -9.89 -6.84
CA CYS A 32 6.59 -10.56 -6.57
C CYS A 32 6.61 -12.00 -7.08
N ARG A 33 7.46 -12.30 -8.06
CA ARG A 33 7.52 -13.62 -8.66
C ARG A 33 7.85 -14.68 -7.61
N LYS A 34 8.63 -14.30 -6.62
CA LYS A 34 8.95 -15.21 -5.53
C LYS A 34 7.73 -15.41 -4.64
N ASP A 35 6.98 -14.32 -4.42
CA ASP A 35 5.81 -14.35 -3.54
C ASP A 35 4.73 -15.26 -4.12
N VAL A 36 4.53 -15.16 -5.42
CA VAL A 36 3.43 -15.88 -6.07
C VAL A 36 3.75 -17.36 -6.21
N GLN A 37 5.02 -17.67 -6.45
CA GLN A 37 5.46 -19.06 -6.60
C GLN A 37 5.54 -19.76 -5.25
N ALA A 38 6.21 -19.12 -4.29
CA ALA A 38 6.45 -19.74 -2.99
C ALA A 38 5.16 -19.88 -2.17
N CYS A 39 4.24 -18.95 -2.37
CA CYS A 39 2.98 -18.97 -1.63
C CYS A 39 1.96 -19.86 -2.35
N ASP A 40 1.80 -21.08 -1.86
CA ASP A 40 0.88 -22.04 -2.47
C ASP A 40 -0.56 -21.66 -2.19
N LYS A 41 -0.89 -21.50 -0.92
CA LYS A 41 -2.24 -21.13 -0.53
C LYS A 41 -2.31 -19.63 -0.32
N LYS A 42 -2.76 -18.94 -1.36
CA LYS A 42 -2.76 -17.48 -1.35
C LYS A 42 -4.04 -16.96 -0.71
N TYR A 43 -4.91 -17.88 -0.30
CA TYR A 43 -6.16 -17.52 0.34
C TYR A 43 -6.51 -18.48 1.45
N ASP A 44 -7.25 -17.98 2.42
CA ASP A 44 -7.74 -18.77 3.53
C ASP A 44 -8.81 -19.73 3.05
N ASP A 45 -9.00 -20.83 3.77
CA ASP A 45 -9.95 -21.88 3.38
C ASP A 45 -11.36 -21.32 3.19
N GLN A 46 -11.65 -20.22 3.88
CA GLN A 46 -12.98 -19.61 3.81
C GLN A 46 -13.06 -18.56 2.70
N GLY A 47 -12.00 -18.44 1.92
CA GLY A 47 -11.98 -17.49 0.81
C GLY A 47 -11.47 -16.12 1.24
N ARG A 48 -10.85 -16.08 2.40
CA ARG A 48 -10.32 -14.83 2.95
C ARG A 48 -8.87 -14.63 2.51
N GLU A 49 -8.36 -13.42 2.68
CA GLU A 49 -6.98 -13.13 2.35
C GLU A 49 -6.06 -13.54 3.49
N THR A 50 -5.01 -14.28 3.17
CA THR A 50 -4.08 -14.75 4.18
C THR A 50 -3.05 -13.67 4.52
N ALA A 51 -2.27 -13.93 5.56
CA ALA A 51 -1.17 -13.04 5.92
C ALA A 51 -0.16 -12.97 4.77
N CYS A 52 -0.01 -14.08 4.06
CA CYS A 52 0.86 -14.14 2.90
C CYS A 52 0.30 -13.28 1.79
N ALA A 53 -0.99 -13.44 1.51
CA ALA A 53 -1.68 -12.66 0.50
C ALA A 53 -1.64 -11.17 0.81
N LYS A 54 -1.62 -10.83 2.09
CA LYS A 54 -1.70 -9.44 2.51
C LYS A 54 -0.37 -8.75 2.26
N GLY A 55 0.73 -9.47 2.49
CA GLY A 55 2.03 -8.93 2.22
C GLY A 55 2.19 -8.51 0.77
N ILE A 56 1.85 -9.43 -0.12
CA ILE A 56 1.81 -9.15 -1.55
C ILE A 56 1.03 -7.86 -1.84
N ARG A 57 -0.19 -7.77 -1.32
CA ARG A 57 -1.00 -6.57 -1.46
C ARG A 57 -0.22 -5.31 -1.10
N GLU A 58 0.29 -5.26 0.14
CA GLU A 58 0.94 -4.05 0.65
C GLU A 58 2.26 -3.74 -0.06
N LYS A 59 3.06 -4.76 -0.32
CA LYS A 59 4.40 -4.54 -0.88
C LYS A 59 4.35 -4.01 -2.32
N TYR A 60 3.30 -4.33 -3.04
CA TYR A 60 3.22 -3.98 -4.46
C TYR A 60 1.94 -3.20 -4.76
N LYS A 61 1.38 -2.57 -3.74
CA LYS A 61 0.08 -1.90 -3.84
C LYS A 61 0.09 -0.75 -4.84
N PRO A 62 -1.09 -0.39 -5.37
CA PRO A 62 -1.26 0.77 -6.26
C PRO A 62 -1.31 2.09 -5.49
N ALA A 63 -2.01 3.08 -6.05
CA ALA A 63 -2.18 4.36 -5.37
C ALA A 63 -3.20 4.26 -4.26
N VAL A 64 -2.73 3.99 -3.06
CA VAL A 64 -3.56 3.86 -1.87
C VAL A 64 -2.68 3.95 -0.63
N VAL A 65 -3.28 4.34 0.49
CA VAL A 65 -2.57 4.40 1.76
C VAL A 65 -3.22 3.46 2.77
N TYR A 66 -2.50 2.41 3.14
CA TYR A 66 -3.04 1.42 4.06
C TYR A 66 -2.70 1.78 5.50
N GLY A 67 -3.69 1.67 6.37
CA GLY A 67 -3.48 1.96 7.77
C GLY A 67 -2.98 0.74 8.53
N TYR A 68 -2.99 0.84 9.85
CA TYR A 68 -2.51 -0.24 10.72
C TYR A 68 -3.29 -1.54 10.49
N ASP A 69 -4.53 -1.43 10.04
CA ASP A 69 -5.37 -2.60 9.81
C ASP A 69 -5.14 -3.19 8.42
N GLY A 70 -4.57 -2.38 7.54
CA GLY A 70 -4.37 -2.81 6.17
C GLY A 70 -5.38 -2.23 5.20
N LYS A 71 -6.45 -1.63 5.73
CA LYS A 71 -7.45 -0.98 4.90
C LYS A 71 -6.92 0.36 4.40
N PRO A 72 -7.38 0.82 3.22
CA PRO A 72 -6.94 2.08 2.63
C PRO A 72 -7.68 3.30 3.20
N LEU A 73 -7.22 3.78 4.35
CA LEU A 73 -7.77 4.99 4.93
C LEU A 73 -6.65 5.99 5.22
N ASP A 74 -6.90 7.25 4.87
CA ASP A 74 -5.88 8.28 4.93
C ASP A 74 -5.80 8.91 6.32
N LEU A 75 -5.17 8.19 7.25
CA LEU A 75 -4.96 8.69 8.61
C LEU A 75 -3.67 8.17 9.20
N GLY A 76 -3.40 6.88 8.99
CA GLY A 76 -2.31 6.19 9.68
C GLY A 76 -0.97 6.90 9.63
N PHE A 77 -0.59 7.37 8.45
CA PHE A 77 0.71 8.00 8.27
C PHE A 77 0.78 9.40 8.88
N CYS A 78 -0.34 10.10 8.88
CA CYS A 78 -0.34 11.52 9.23
C CYS A 78 -0.94 11.78 10.61
N THR A 79 -1.46 10.74 11.25
CA THR A 79 -2.09 10.88 12.57
C THR A 79 -1.05 11.17 13.65
N LEU A 80 0.23 11.15 13.26
CA LEU A 80 1.30 11.45 14.19
C LEU A 80 1.41 12.95 14.40
N ALA A 81 0.58 13.70 13.68
CA ALA A 81 0.55 15.14 13.76
C ALA A 81 -0.88 15.64 13.77
N GLY A 82 -1.08 16.93 14.00
CA GLY A 82 -2.41 17.50 14.03
C GLY A 82 -2.69 18.44 12.88
N ILE A 83 -2.18 19.65 12.97
CA ILE A 83 -2.52 20.70 12.00
C ILE A 83 -1.97 20.37 10.61
N ARG A 84 -0.86 19.65 10.55
CA ARG A 84 -0.25 19.32 9.26
C ARG A 84 -0.68 17.93 8.79
N GLU A 85 -1.53 17.27 9.57
CA GLU A 85 -2.06 15.97 9.21
C GLU A 85 -2.90 16.08 7.94
N VAL A 86 -3.69 17.15 7.88
CA VAL A 86 -4.56 17.41 6.74
C VAL A 86 -3.77 17.53 5.45
N ASP A 87 -2.68 18.31 5.48
CA ASP A 87 -1.88 18.54 4.28
C ASP A 87 -1.04 17.30 3.94
N CYS A 88 -0.58 16.60 4.96
CA CYS A 88 0.18 15.36 4.79
C CYS A 88 -0.54 14.34 3.90
N ARG A 89 -1.87 14.37 3.91
CA ARG A 89 -2.68 13.39 3.18
C ARG A 89 -2.39 13.42 1.67
N LYS A 90 -2.01 14.57 1.15
CA LYS A 90 -1.81 14.71 -0.30
C LYS A 90 -0.52 14.05 -0.77
N ASP A 91 0.60 14.46 -0.19
CA ASP A 91 1.93 13.99 -0.64
C ASP A 91 2.27 12.59 -0.15
N ALA A 92 1.56 12.11 0.87
CA ALA A 92 1.86 10.82 1.48
C ALA A 92 1.86 9.68 0.47
N GLN A 93 0.83 9.62 -0.36
CA GLN A 93 0.65 8.49 -1.27
C GLN A 93 1.53 8.59 -2.52
N THR A 94 2.15 9.74 -2.74
CA THR A 94 2.91 10.00 -3.96
C THR A 94 4.07 9.01 -4.14
N CYS A 95 4.56 8.45 -3.03
CA CYS A 95 5.58 7.39 -3.06
C CYS A 95 5.05 6.07 -3.66
N ASP A 96 4.32 6.16 -4.78
CA ASP A 96 3.58 5.00 -5.29
C ASP A 96 4.47 3.83 -5.70
N LYS A 97 5.36 4.03 -6.68
CA LYS A 97 6.16 2.91 -7.16
C LYS A 97 7.67 3.20 -7.17
N LYS A 98 8.10 4.05 -8.09
CA LYS A 98 9.53 4.21 -8.36
C LYS A 98 10.05 5.65 -8.37
N TYR A 99 9.66 6.43 -9.37
CA TYR A 99 10.28 7.73 -9.56
C TYR A 99 9.71 8.77 -8.60
N GLU A 100 8.43 8.65 -8.32
CA GLU A 100 7.77 9.65 -7.51
C GLU A 100 7.93 9.36 -6.01
N SER A 101 8.75 8.36 -5.68
CA SER A 101 9.07 8.12 -4.28
C SER A 101 10.05 9.20 -3.81
N ASP A 102 11.06 9.47 -4.64
CA ASP A 102 11.98 10.58 -4.41
C ASP A 102 11.22 11.89 -4.23
N LYS A 103 10.28 12.15 -5.14
CA LYS A 103 9.49 13.37 -5.13
C LYS A 103 8.64 13.45 -3.87
N CYS A 104 8.16 12.31 -3.43
CA CYS A 104 7.30 12.23 -2.26
C CYS A 104 8.13 12.32 -0.97
N LEU A 105 9.26 11.60 -0.93
CA LEU A 105 10.10 11.55 0.27
C LEU A 105 10.55 12.94 0.71
N ASN A 106 11.12 13.71 -0.21
CA ASN A 106 11.59 15.06 0.12
C ASN A 106 10.43 15.98 0.49
N ALA A 107 9.24 15.64 0.03
CA ALA A 107 8.07 16.46 0.26
C ALA A 107 7.56 16.27 1.67
N ILE A 108 7.86 15.10 2.25
CA ILE A 108 7.27 14.70 3.52
C ILE A 108 7.89 15.44 4.70
N LYS A 109 9.22 15.57 4.72
CA LYS A 109 9.89 16.10 5.90
C LYS A 109 9.73 17.62 5.98
N GLU A 110 9.63 18.27 4.83
CA GLU A 110 9.49 19.73 4.80
C GLU A 110 8.10 20.15 5.28
N LYS A 111 7.15 19.23 5.20
CA LYS A 111 5.82 19.47 5.71
C LYS A 111 5.85 19.60 7.23
N TYR A 112 6.85 19.00 7.86
CA TYR A 112 6.95 19.02 9.31
C TYR A 112 7.96 20.06 9.80
N LYS A 113 9.03 20.27 9.04
CA LYS A 113 10.02 21.29 9.39
C LYS A 113 9.59 22.65 8.84
N PRO A 114 10.05 23.76 9.45
CA PRO A 114 9.66 25.11 9.03
C PRO A 114 10.03 25.43 7.58
N VAL A 115 9.01 25.61 6.75
CA VAL A 115 9.19 26.03 5.37
C VAL A 115 8.33 27.25 5.06
N VAL A 116 7.92 27.95 6.12
CA VAL A 116 7.01 29.07 5.98
C VAL A 116 7.56 30.31 6.69
N ASP A 117 7.45 31.44 6.01
CA ASP A 117 7.79 32.73 6.60
C ASP A 117 6.53 33.47 7.00
N PRO A 118 6.22 33.50 8.31
CA PRO A 118 5.00 34.15 8.82
C PRO A 118 5.03 35.67 8.61
N ASN A 119 5.80 36.36 9.43
CA ASN A 119 5.93 37.81 9.31
C ASN A 119 7.39 38.20 9.41
N PRO A 120 7.90 39.00 8.46
CA PRO A 120 9.25 39.52 8.51
C PRO A 120 9.47 40.35 9.78
N PRO A 121 10.46 39.96 10.60
CA PRO A 121 10.73 40.59 11.90
C PRO A 121 10.91 42.10 11.80
N ALA A 122 9.96 42.84 12.34
CA ALA A 122 10.03 44.29 12.34
C ALA A 122 9.96 44.81 13.76
N ALA A 1 -9.31 -17.43 -31.94
CA ALA A 1 -9.11 -18.77 -32.55
C ALA A 1 -7.76 -19.36 -32.13
N ASP A 2 -6.79 -18.50 -31.87
CA ASP A 2 -5.46 -18.95 -31.47
C ASP A 2 -5.43 -19.30 -29.99
N VAL A 3 -5.80 -20.55 -29.67
CA VAL A 3 -5.76 -21.08 -28.31
C VAL A 3 -6.83 -20.44 -27.41
N PHE A 4 -7.42 -21.24 -26.53
CA PHE A 4 -8.44 -20.75 -25.63
C PHE A 4 -7.94 -20.77 -24.19
N ASP A 5 -8.41 -19.83 -23.39
CA ASP A 5 -8.02 -19.78 -21.98
C ASP A 5 -9.20 -20.21 -21.10
N PRO A 6 -8.98 -21.22 -20.25
CA PRO A 6 -10.02 -21.72 -19.34
C PRO A 6 -10.51 -20.65 -18.38
N PRO A 7 -11.84 -20.49 -18.27
CA PRO A 7 -12.46 -19.45 -17.44
C PRO A 7 -11.97 -19.49 -15.99
N THR A 8 -11.33 -18.40 -15.57
CA THR A 8 -10.84 -18.28 -14.21
C THR A 8 -11.92 -17.65 -13.34
N GLN A 9 -12.11 -18.20 -12.14
CA GLN A 9 -13.15 -17.72 -11.24
C GLN A 9 -12.58 -16.75 -10.21
N TYR A 10 -13.17 -15.56 -10.14
CA TYR A 10 -12.76 -14.53 -9.20
C TYR A 10 -13.95 -13.68 -8.77
N GLY A 11 -14.12 -13.54 -7.47
CA GLY A 11 -15.27 -12.79 -6.97
C GLY A 11 -14.97 -11.32 -6.72
N TYR A 12 -13.97 -10.79 -7.41
CA TYR A 12 -13.63 -9.38 -7.29
C TYR A 12 -13.26 -8.83 -8.65
N ASP A 13 -13.13 -7.52 -8.74
CA ASP A 13 -12.82 -6.87 -10.00
C ASP A 13 -11.39 -7.12 -10.41
N GLY A 14 -11.21 -7.99 -11.38
CA GLY A 14 -9.89 -8.25 -11.90
C GLY A 14 -9.48 -9.70 -11.74
N LYS A 15 -8.47 -9.92 -10.93
CA LYS A 15 -7.85 -11.23 -10.78
C LYS A 15 -7.47 -11.45 -9.33
N PRO A 16 -7.15 -12.70 -8.94
CA PRO A 16 -6.56 -12.98 -7.63
C PRO A 16 -5.15 -12.41 -7.54
N LEU A 17 -4.70 -12.15 -6.31
CA LEU A 17 -3.36 -11.59 -6.08
C LEU A 17 -2.28 -12.51 -6.62
N ASP A 18 -1.72 -12.14 -7.77
CA ASP A 18 -0.62 -12.88 -8.37
C ASP A 18 0.34 -11.91 -9.06
N ALA A 19 1.26 -12.44 -9.85
CA ALA A 19 2.27 -11.64 -10.52
C ALA A 19 1.66 -10.70 -11.54
N SER A 20 0.45 -11.04 -12.01
CA SER A 20 -0.24 -10.25 -13.02
C SER A 20 -0.35 -8.78 -12.64
N PHE A 21 -0.60 -8.50 -11.37
CA PHE A 21 -0.69 -7.12 -10.90
C PHE A 21 0.69 -6.47 -10.86
N CYS A 22 1.67 -7.24 -10.44
CA CYS A 22 3.05 -6.77 -10.36
C CYS A 22 3.62 -6.58 -11.76
N ARG A 23 3.03 -7.27 -12.72
CA ARG A 23 3.36 -7.12 -14.13
C ARG A 23 3.10 -5.69 -14.59
N THR A 24 2.07 -5.08 -14.04
CA THR A 24 1.74 -3.71 -14.36
C THR A 24 2.62 -2.74 -13.56
N ALA A 25 3.32 -3.26 -12.56
CA ALA A 25 4.20 -2.45 -11.73
C ALA A 25 5.56 -2.26 -12.40
N GLY A 26 5.98 -3.26 -13.17
CA GLY A 26 7.21 -3.13 -13.94
C GLY A 26 8.34 -3.97 -13.40
N SER A 27 9.40 -3.31 -12.96
CA SER A 27 10.60 -3.98 -12.47
C SER A 27 10.29 -4.83 -11.25
N ARG A 28 9.27 -4.41 -10.49
CA ARG A 28 8.92 -5.10 -9.26
C ARG A 28 8.25 -6.44 -9.53
N GLU A 29 7.95 -6.73 -10.80
CA GLU A 29 7.43 -8.04 -11.16
C GLU A 29 8.48 -9.11 -10.90
N LYS A 30 9.74 -8.74 -11.15
CA LYS A 30 10.85 -9.67 -11.01
C LYS A 30 10.98 -10.18 -9.58
N ASP A 31 10.70 -9.31 -8.61
CA ASP A 31 10.74 -9.70 -7.21
C ASP A 31 9.43 -10.35 -6.80
N CYS A 32 8.32 -9.77 -7.26
CA CYS A 32 6.98 -10.23 -6.93
C CYS A 32 6.75 -11.67 -7.37
N ARG A 33 7.15 -11.99 -8.60
CA ARG A 33 6.95 -13.31 -9.20
C ARG A 33 7.47 -14.43 -8.31
N LYS A 34 8.52 -14.15 -7.54
CA LYS A 34 9.14 -15.15 -6.70
C LYS A 34 8.29 -15.40 -5.46
N ASP A 35 7.94 -14.32 -4.79
CA ASP A 35 7.20 -14.38 -3.53
C ASP A 35 5.79 -14.93 -3.74
N VAL A 36 5.07 -14.36 -4.69
CA VAL A 36 3.66 -14.69 -4.86
C VAL A 36 3.47 -16.14 -5.35
N GLN A 37 4.36 -16.61 -6.20
CA GLN A 37 4.23 -17.96 -6.73
C GLN A 37 4.81 -19.00 -5.76
N ALA A 38 5.60 -18.52 -4.81
CA ALA A 38 6.09 -19.35 -3.71
C ALA A 38 5.01 -19.55 -2.65
N CYS A 39 3.81 -19.09 -2.96
CA CYS A 39 2.68 -19.16 -2.05
C CYS A 39 1.62 -20.07 -2.62
N ASP A 40 1.30 -21.15 -1.89
CA ASP A 40 0.31 -22.12 -2.35
C ASP A 40 -1.10 -21.58 -2.21
N LYS A 41 -1.49 -21.22 -1.00
CA LYS A 41 -2.81 -20.68 -0.76
C LYS A 41 -2.71 -19.18 -0.57
N LYS A 42 -2.99 -18.43 -1.63
CA LYS A 42 -2.92 -16.98 -1.59
C LYS A 42 -4.22 -16.41 -1.04
N TYR A 43 -5.20 -17.28 -0.88
CA TYR A 43 -6.47 -16.93 -0.26
C TYR A 43 -6.95 -18.09 0.57
N ASP A 44 -7.50 -17.78 1.73
CA ASP A 44 -7.96 -18.81 2.66
C ASP A 44 -9.40 -19.22 2.33
N ASP A 45 -9.85 -20.28 2.98
CA ASP A 45 -11.20 -20.82 2.77
C ASP A 45 -12.24 -19.81 3.20
N GLN A 46 -11.86 -18.95 4.13
CA GLN A 46 -12.76 -17.92 4.66
C GLN A 46 -12.94 -16.79 3.64
N GLY A 47 -12.20 -16.84 2.54
CA GLY A 47 -12.23 -15.76 1.58
C GLY A 47 -11.37 -14.59 2.04
N ARG A 48 -10.50 -14.87 2.99
CA ARG A 48 -9.61 -13.86 3.55
C ARG A 48 -8.16 -14.20 3.22
N GLU A 49 -7.28 -13.25 3.50
CA GLU A 49 -5.85 -13.43 3.27
C GLU A 49 -5.28 -14.54 4.15
N THR A 50 -4.21 -15.16 3.68
CA THR A 50 -3.42 -16.04 4.50
C THR A 50 -2.24 -15.25 5.07
N ALA A 51 -1.46 -15.86 5.94
CA ALA A 51 -0.30 -15.20 6.52
C ALA A 51 0.67 -14.75 5.42
N CYS A 52 0.89 -15.65 4.48
CA CYS A 52 1.76 -15.38 3.34
C CYS A 52 1.16 -14.32 2.43
N ALA A 53 -0.12 -14.46 2.10
CA ALA A 53 -0.81 -13.54 1.19
C ALA A 53 -0.78 -12.10 1.68
N LYS A 54 -0.76 -11.91 2.99
CA LYS A 54 -0.80 -10.57 3.55
C LYS A 54 0.53 -9.88 3.32
N GLY A 55 1.60 -10.65 3.47
CA GLY A 55 2.95 -10.13 3.27
C GLY A 55 3.20 -9.70 1.86
N ILE A 56 2.50 -10.32 0.91
CA ILE A 56 2.73 -10.04 -0.49
C ILE A 56 2.15 -8.67 -0.84
N ARG A 57 0.87 -8.49 -0.54
CA ARG A 57 0.21 -7.21 -0.81
C ARG A 57 0.83 -6.07 -0.01
N GLU A 58 1.47 -6.37 1.12
CA GLU A 58 2.22 -5.35 1.85
C GLU A 58 3.34 -4.77 0.98
N LYS A 59 3.88 -5.61 0.10
CA LYS A 59 4.89 -5.16 -0.85
C LYS A 59 4.25 -4.50 -2.06
N TYR A 60 3.34 -5.22 -2.69
CA TYR A 60 2.91 -4.89 -4.04
C TYR A 60 1.45 -4.46 -4.13
N LYS A 61 1.00 -3.77 -3.08
CA LYS A 61 -0.33 -3.16 -3.10
C LYS A 61 -0.49 -2.27 -4.34
N PRO A 62 -1.74 -2.01 -4.76
CA PRO A 62 -2.03 -1.08 -5.87
C PRO A 62 -1.49 0.32 -5.58
N ALA A 63 -1.53 1.19 -6.59
CA ALA A 63 -1.17 2.58 -6.35
C ALA A 63 -2.29 3.21 -5.54
N VAL A 64 -2.13 3.15 -4.24
CA VAL A 64 -3.19 3.48 -3.31
C VAL A 64 -2.61 3.66 -1.91
N VAL A 65 -3.31 4.40 -1.07
CA VAL A 65 -2.86 4.63 0.28
C VAL A 65 -3.62 3.75 1.27
N TYR A 66 -2.90 2.86 1.94
CA TYR A 66 -3.49 1.98 2.93
C TYR A 66 -3.24 2.49 4.33
N GLY A 67 -3.98 1.95 5.29
CA GLY A 67 -3.75 2.26 6.67
C GLY A 67 -2.83 1.25 7.31
N TYR A 68 -2.25 1.59 8.45
CA TYR A 68 -1.29 0.72 9.14
C TYR A 68 -1.94 -0.59 9.58
N ASP A 69 -3.27 -0.59 9.66
CA ASP A 69 -4.03 -1.77 10.07
C ASP A 69 -4.09 -2.79 8.94
N GLY A 70 -3.82 -2.34 7.72
CA GLY A 70 -3.84 -3.23 6.58
C GLY A 70 -5.13 -3.15 5.79
N LYS A 71 -6.18 -2.60 6.40
CA LYS A 71 -7.46 -2.44 5.72
C LYS A 71 -7.35 -1.33 4.68
N PRO A 72 -8.26 -1.32 3.68
CA PRO A 72 -8.25 -0.32 2.60
C PRO A 72 -8.76 1.05 3.05
N LEU A 73 -8.47 1.41 4.29
CA LEU A 73 -8.87 2.71 4.81
C LEU A 73 -7.68 3.66 4.78
N ASP A 74 -7.89 4.83 4.19
CA ASP A 74 -6.85 5.83 4.11
C ASP A 74 -6.98 6.81 5.27
N LEU A 75 -5.97 7.68 5.43
CA LEU A 75 -5.94 8.70 6.48
C LEU A 75 -5.68 8.11 7.87
N GLY A 76 -5.96 6.82 8.04
CA GLY A 76 -5.93 6.18 9.35
C GLY A 76 -4.65 6.38 10.13
N PHE A 77 -3.53 6.58 9.44
CA PHE A 77 -2.24 6.73 10.10
C PHE A 77 -1.93 8.19 10.43
N CYS A 78 -2.80 9.08 9.97
CA CYS A 78 -2.65 10.51 10.26
C CYS A 78 -3.80 11.02 11.15
N THR A 79 -4.91 10.28 11.18
CA THR A 79 -6.09 10.68 11.95
C THR A 79 -5.82 10.63 13.45
N LEU A 80 -4.60 10.27 13.84
CA LEU A 80 -4.22 10.26 15.24
C LEU A 80 -4.08 11.70 15.75
N ALA A 81 -3.64 12.59 14.88
CA ALA A 81 -3.48 14.00 15.25
C ALA A 81 -4.70 14.81 14.79
N GLY A 82 -4.52 15.71 13.83
CA GLY A 82 -5.65 16.53 13.41
C GLY A 82 -5.40 17.35 12.15
N ILE A 83 -5.13 18.64 12.35
CA ILE A 83 -5.25 19.64 11.29
C ILE A 83 -4.34 19.40 10.08
N ARG A 84 -3.04 19.25 10.30
CA ARG A 84 -2.09 19.25 9.18
C ARG A 84 -1.95 17.86 8.57
N GLU A 85 -2.34 16.85 9.33
CA GLU A 85 -2.06 15.47 8.97
C GLU A 85 -2.90 15.01 7.77
N VAL A 86 -4.11 15.54 7.66
CA VAL A 86 -5.03 15.21 6.57
C VAL A 86 -4.35 15.25 5.20
N ASP A 87 -3.39 16.14 5.04
CA ASP A 87 -2.67 16.32 3.78
C ASP A 87 -1.86 15.08 3.38
N CYS A 88 -1.40 14.32 4.37
CA CYS A 88 -0.47 13.21 4.14
C CYS A 88 -0.98 12.23 3.09
N ARG A 89 -2.25 11.83 3.19
CA ARG A 89 -2.81 10.79 2.32
C ARG A 89 -2.61 11.10 0.85
N LYS A 90 -2.67 12.38 0.50
CA LYS A 90 -2.61 12.79 -0.89
C LYS A 90 -1.27 12.41 -1.53
N ASP A 91 -0.17 12.85 -0.93
CA ASP A 91 1.16 12.49 -1.40
C ASP A 91 1.57 11.08 -1.00
N ALA A 92 1.06 10.60 0.13
CA ALA A 92 1.47 9.28 0.66
C ALA A 92 1.32 8.17 -0.37
N GLN A 93 0.20 8.16 -1.08
CA GLN A 93 -0.10 7.11 -2.06
C GLN A 93 0.84 7.12 -3.27
N THR A 94 1.64 8.17 -3.43
CA THR A 94 2.56 8.21 -4.56
C THR A 94 3.83 7.45 -4.19
N CYS A 95 3.98 7.21 -2.89
CA CYS A 95 5.06 6.39 -2.35
C CYS A 95 4.70 4.91 -2.41
N ASP A 96 4.11 4.48 -3.53
CA ASP A 96 3.55 3.12 -3.61
C ASP A 96 4.65 2.08 -3.43
N LYS A 97 5.66 2.07 -4.30
CA LYS A 97 6.85 1.26 -4.07
C LYS A 97 8.10 2.10 -4.28
N LYS A 98 8.38 2.41 -5.55
CA LYS A 98 9.55 3.19 -5.91
C LYS A 98 9.21 4.29 -6.90
N TYR A 99 7.96 4.36 -7.34
CA TYR A 99 7.59 5.24 -8.46
C TYR A 99 7.86 6.70 -8.13
N GLU A 100 7.09 7.26 -7.20
CA GLU A 100 7.29 8.63 -6.77
C GLU A 100 7.54 8.70 -5.28
N SER A 101 8.11 7.63 -4.74
CA SER A 101 8.40 7.55 -3.31
C SER A 101 9.41 8.64 -2.94
N ASP A 102 10.45 8.77 -3.75
CA ASP A 102 11.48 9.80 -3.55
C ASP A 102 10.88 11.19 -3.42
N LYS A 103 10.01 11.58 -4.36
CA LYS A 103 9.43 12.91 -4.34
C LYS A 103 8.41 13.04 -3.20
N CYS A 104 7.75 11.93 -2.87
CA CYS A 104 6.70 11.93 -1.86
C CYS A 104 7.28 12.11 -0.46
N LEU A 105 8.47 11.55 -0.24
CA LEU A 105 9.17 11.75 1.01
C LEU A 105 9.54 13.22 1.16
N ASN A 106 10.12 13.76 0.10
CA ASN A 106 10.45 15.19 0.04
C ASN A 106 9.20 16.05 0.18
N ALA A 107 8.08 15.54 -0.31
CA ALA A 107 6.80 16.27 -0.28
C ALA A 107 6.24 16.32 1.14
N ILE A 108 6.62 15.37 1.98
CA ILE A 108 6.11 15.34 3.33
C ILE A 108 7.02 16.16 4.24
N LYS A 109 8.31 15.84 4.22
CA LYS A 109 9.31 16.55 5.03
C LYS A 109 9.22 18.07 4.91
N GLU A 110 8.84 18.61 3.75
CA GLU A 110 8.73 20.06 3.60
C GLU A 110 7.54 20.61 4.39
N LYS A 111 6.39 19.98 4.24
CA LYS A 111 5.16 20.45 4.88
C LYS A 111 5.11 20.04 6.35
N TYR A 112 5.75 18.93 6.68
CA TYR A 112 5.70 18.39 8.03
C TYR A 112 7.04 18.56 8.73
N LYS A 113 7.75 19.64 8.40
CA LYS A 113 9.02 19.94 9.03
C LYS A 113 8.83 20.21 10.53
N PRO A 114 9.43 19.37 11.39
CA PRO A 114 9.33 19.52 12.83
C PRO A 114 10.22 20.65 13.35
N VAL A 115 9.69 21.86 13.32
CA VAL A 115 10.43 23.02 13.78
C VAL A 115 10.28 23.18 15.29
N VAL A 116 11.28 22.70 16.02
CA VAL A 116 11.31 22.82 17.46
C VAL A 116 12.37 23.86 17.85
N ASP A 117 12.38 24.29 19.11
CA ASP A 117 13.36 25.25 19.59
C ASP A 117 14.78 24.78 19.25
N PRO A 118 15.58 25.67 18.65
CA PRO A 118 16.94 25.34 18.19
C PRO A 118 17.84 24.80 19.29
N ASN A 119 18.86 24.07 18.89
CA ASN A 119 19.81 23.49 19.84
C ASN A 119 20.66 24.60 20.46
N PRO A 120 21.14 24.41 21.71
CA PRO A 120 22.02 25.37 22.38
C PRO A 120 23.29 25.60 21.58
N PRO A 121 23.45 26.81 21.02
CA PRO A 121 24.58 27.14 20.13
C PRO A 121 25.93 27.03 20.83
N ALA A 122 26.95 26.71 20.06
CA ALA A 122 28.30 26.64 20.58
C ALA A 122 28.81 28.03 20.92
N ALA A 1 -30.93 -26.95 -8.24
CA ALA A 1 -30.97 -25.53 -7.83
C ALA A 1 -29.59 -24.91 -8.00
N ASP A 2 -29.37 -23.78 -7.32
CA ASP A 2 -28.10 -23.06 -7.37
C ASP A 2 -27.82 -22.57 -8.78
N VAL A 3 -28.63 -21.62 -9.25
CA VAL A 3 -28.47 -21.06 -10.57
C VAL A 3 -28.09 -19.60 -10.47
N PHE A 4 -26.80 -19.33 -10.54
CA PHE A 4 -26.28 -17.97 -10.45
C PHE A 4 -24.82 -17.94 -10.86
N ASP A 5 -24.24 -16.75 -10.90
CA ASP A 5 -22.83 -16.59 -11.23
C ASP A 5 -21.97 -17.20 -10.14
N PRO A 6 -21.11 -18.17 -10.50
CA PRO A 6 -20.28 -18.91 -9.53
C PRO A 6 -19.47 -17.99 -8.61
N PRO A 7 -19.49 -18.28 -7.30
CA PRO A 7 -18.71 -17.52 -6.31
C PRO A 7 -17.23 -17.55 -6.65
N THR A 8 -16.58 -16.40 -6.61
CA THR A 8 -15.19 -16.29 -7.02
C THR A 8 -14.26 -17.01 -6.03
N GLN A 9 -13.43 -17.89 -6.57
CA GLN A 9 -12.37 -18.52 -5.80
C GLN A 9 -11.07 -17.79 -6.07
N TYR A 10 -11.14 -16.81 -6.95
CA TYR A 10 -9.95 -16.14 -7.48
C TYR A 10 -9.66 -14.84 -6.74
N GLY A 11 -10.71 -14.25 -6.19
CA GLY A 11 -10.56 -12.98 -5.52
C GLY A 11 -11.17 -11.86 -6.34
N TYR A 12 -10.76 -11.75 -7.59
CA TYR A 12 -11.31 -10.75 -8.49
C TYR A 12 -12.09 -11.42 -9.64
N ASP A 13 -11.38 -11.91 -10.65
CA ASP A 13 -12.04 -12.52 -11.80
C ASP A 13 -11.04 -13.30 -12.64
N GLY A 14 -11.47 -14.43 -13.16
CA GLY A 14 -10.64 -15.23 -14.04
C GLY A 14 -9.69 -16.12 -13.28
N LYS A 15 -8.64 -15.53 -12.73
CA LYS A 15 -7.63 -16.26 -11.99
C LYS A 15 -7.29 -15.54 -10.70
N PRO A 16 -6.71 -16.25 -9.72
CA PRO A 16 -6.29 -15.65 -8.44
C PRO A 16 -5.06 -14.74 -8.62
N LEU A 17 -4.50 -14.30 -7.50
CA LEU A 17 -3.26 -13.54 -7.53
C LEU A 17 -2.15 -14.37 -8.16
N ASP A 18 -1.58 -13.86 -9.24
CA ASP A 18 -0.55 -14.58 -9.97
C ASP A 18 0.59 -13.65 -10.37
N ALA A 19 1.71 -14.25 -10.79
CA ALA A 19 2.93 -13.51 -11.07
C ALA A 19 2.74 -12.47 -12.18
N SER A 20 1.88 -12.77 -13.13
CA SER A 20 1.65 -11.87 -14.27
C SER A 20 1.02 -10.55 -13.83
N PHE A 21 0.37 -10.54 -12.68
CA PHE A 21 -0.34 -9.36 -12.18
C PHE A 21 0.64 -8.26 -11.78
N CYS A 22 1.75 -8.65 -11.19
CA CYS A 22 2.70 -7.68 -10.64
C CYS A 22 3.61 -7.08 -11.70
N ARG A 23 3.39 -7.41 -12.96
CA ARG A 23 4.18 -6.85 -14.05
C ARG A 23 3.95 -5.35 -14.15
N THR A 24 2.80 -4.90 -13.66
CA THR A 24 2.43 -3.49 -13.66
C THR A 24 3.23 -2.72 -12.60
N ALA A 25 3.92 -3.45 -11.73
CA ALA A 25 4.73 -2.83 -10.70
C ALA A 25 6.13 -2.52 -11.22
N GLY A 26 6.52 -3.20 -12.30
CA GLY A 26 7.78 -2.91 -12.96
C GLY A 26 8.98 -3.35 -12.14
N SER A 27 9.44 -2.47 -11.27
CA SER A 27 10.58 -2.76 -10.41
C SER A 27 10.25 -3.90 -9.44
N ARG A 28 9.00 -3.96 -9.04
CA ARG A 28 8.55 -4.93 -8.04
C ARG A 28 8.05 -6.20 -8.72
N GLU A 29 8.17 -6.25 -10.04
CA GLU A 29 7.65 -7.36 -10.85
C GLU A 29 8.36 -8.67 -10.50
N LYS A 30 9.69 -8.64 -10.49
CA LYS A 30 10.48 -9.85 -10.32
C LYS A 30 10.24 -10.44 -8.94
N ASP A 31 10.31 -9.57 -7.95
CA ASP A 31 10.18 -9.97 -6.55
C ASP A 31 8.84 -10.62 -6.30
N CYS A 32 7.78 -10.02 -6.83
CA CYS A 32 6.43 -10.54 -6.66
C CYS A 32 6.29 -11.93 -7.29
N ARG A 33 7.01 -12.15 -8.38
CA ARG A 33 6.92 -13.42 -9.09
C ARG A 33 7.44 -14.55 -8.22
N LYS A 34 8.38 -14.25 -7.35
CA LYS A 34 8.99 -15.24 -6.48
C LYS A 34 8.03 -15.59 -5.34
N ASP A 35 7.51 -14.55 -4.67
CA ASP A 35 6.63 -14.75 -3.51
C ASP A 35 5.34 -15.46 -3.90
N VAL A 36 4.78 -15.10 -5.04
CA VAL A 36 3.47 -15.62 -5.43
C VAL A 36 3.53 -17.10 -5.81
N GLN A 37 4.64 -17.52 -6.38
CA GLN A 37 4.81 -18.92 -6.80
C GLN A 37 5.23 -19.78 -5.61
N ALA A 38 5.89 -19.15 -4.64
CA ALA A 38 6.26 -19.84 -3.40
C ALA A 38 5.04 -20.05 -2.51
N CYS A 39 4.17 -19.05 -2.49
CA CYS A 39 2.94 -19.13 -1.71
C CYS A 39 1.90 -19.92 -2.49
N ASP A 40 1.71 -21.18 -2.12
CA ASP A 40 0.87 -22.09 -2.89
C ASP A 40 -0.62 -21.86 -2.66
N LYS A 41 -1.04 -21.95 -1.42
CA LYS A 41 -2.47 -22.00 -1.06
C LYS A 41 -3.17 -20.66 -1.29
N LYS A 42 -2.38 -19.58 -1.31
CA LYS A 42 -2.90 -18.24 -1.63
C LYS A 42 -3.80 -17.69 -0.53
N TYR A 43 -5.01 -18.24 -0.42
CA TYR A 43 -6.05 -17.64 0.41
C TYR A 43 -6.41 -18.54 1.58
N ASP A 44 -7.07 -17.95 2.58
CA ASP A 44 -7.52 -18.68 3.75
C ASP A 44 -8.75 -19.51 3.41
N ASP A 45 -9.07 -20.49 4.24
CA ASP A 45 -10.22 -21.35 4.00
C ASP A 45 -11.52 -20.55 3.96
N GLN A 46 -11.53 -19.43 4.66
CA GLN A 46 -12.71 -18.56 4.70
C GLN A 46 -12.81 -17.73 3.43
N GLY A 47 -11.79 -17.82 2.58
CA GLY A 47 -11.77 -17.05 1.35
C GLY A 47 -11.08 -15.71 1.52
N ARG A 48 -10.64 -15.44 2.74
CA ARG A 48 -9.99 -14.17 3.06
C ARG A 48 -8.48 -14.26 2.87
N GLU A 49 -7.84 -13.10 2.89
CA GLU A 49 -6.40 -13.00 2.80
C GLU A 49 -5.74 -13.71 3.98
N THR A 50 -4.78 -14.57 3.69
CA THR A 50 -3.95 -15.18 4.72
C THR A 50 -2.86 -14.21 5.16
N ALA A 51 -2.03 -14.65 6.10
CA ALA A 51 -0.86 -13.88 6.47
C ALA A 51 0.05 -13.70 5.26
N CYS A 52 0.07 -14.71 4.40
CA CYS A 52 0.87 -14.68 3.19
C CYS A 52 0.22 -13.79 2.15
N ALA A 53 -1.08 -14.00 1.90
CA ALA A 53 -1.84 -13.19 0.96
C ALA A 53 -1.79 -11.72 1.32
N LYS A 54 -1.69 -11.41 2.60
CA LYS A 54 -1.64 -10.03 3.04
C LYS A 54 -0.26 -9.46 2.78
N GLY A 55 0.76 -10.16 3.28
CA GLY A 55 2.14 -9.74 3.10
C GLY A 55 2.52 -9.49 1.66
N ILE A 56 1.99 -10.29 0.74
CA ILE A 56 2.35 -10.16 -0.67
C ILE A 56 1.70 -8.92 -1.27
N ARG A 57 0.37 -8.85 -1.16
CA ARG A 57 -0.39 -7.72 -1.70
C ARG A 57 0.08 -6.38 -1.13
N GLU A 58 0.66 -6.36 0.06
CA GLU A 58 1.14 -5.11 0.63
C GLU A 58 2.62 -4.88 0.27
N LYS A 59 3.40 -5.95 0.14
CA LYS A 59 4.80 -5.85 -0.30
C LYS A 59 4.88 -5.06 -1.60
N TYR A 60 4.01 -5.41 -2.53
CA TYR A 60 4.04 -4.87 -3.87
C TYR A 60 2.73 -4.16 -4.18
N LYS A 61 2.14 -3.58 -3.14
CA LYS A 61 0.82 -2.95 -3.21
C LYS A 61 0.71 -1.96 -4.37
N PRO A 62 -0.48 -1.88 -4.99
CA PRO A 62 -0.78 -0.83 -5.95
C PRO A 62 -0.82 0.53 -5.27
N ALA A 63 -0.73 1.59 -6.06
CA ALA A 63 -0.77 2.94 -5.52
C ALA A 63 -2.15 3.26 -4.93
N VAL A 64 -2.29 2.99 -3.65
CA VAL A 64 -3.48 3.32 -2.88
C VAL A 64 -3.06 3.60 -1.45
N VAL A 65 -3.87 4.35 -0.73
CA VAL A 65 -3.51 4.72 0.63
C VAL A 65 -3.79 3.59 1.61
N TYR A 66 -2.72 2.95 2.05
CA TYR A 66 -2.80 1.93 3.08
C TYR A 66 -2.17 2.44 4.35
N GLY A 67 -2.55 1.87 5.48
CA GLY A 67 -1.92 2.21 6.73
C GLY A 67 -0.53 1.61 6.83
N TYR A 68 0.21 2.03 7.85
CA TYR A 68 1.57 1.56 8.05
C TYR A 68 1.63 0.05 8.27
N ASP A 69 0.51 -0.52 8.71
CA ASP A 69 0.44 -1.95 9.01
C ASP A 69 -0.35 -2.71 7.94
N GLY A 70 -0.86 -1.98 6.94
CA GLY A 70 -1.52 -2.63 5.82
C GLY A 70 -3.05 -2.54 5.86
N LYS A 71 -3.59 -1.73 6.77
CA LYS A 71 -5.03 -1.53 6.83
C LYS A 71 -5.48 -0.57 5.72
N PRO A 72 -6.63 -0.86 5.09
CA PRO A 72 -7.18 0.01 4.06
C PRO A 72 -7.93 1.21 4.64
N LEU A 73 -7.21 2.28 4.90
CA LEU A 73 -7.81 3.52 5.36
C LEU A 73 -7.02 4.71 4.81
N ASP A 74 -7.72 5.78 4.51
CA ASP A 74 -7.08 6.98 3.97
C ASP A 74 -6.44 7.77 5.11
N LEU A 75 -5.47 8.62 4.76
CA LEU A 75 -4.71 9.45 5.71
C LEU A 75 -4.10 8.62 6.84
N GLY A 76 -3.93 7.32 6.60
CA GLY A 76 -3.50 6.39 7.65
C GLY A 76 -2.13 6.72 8.25
N PHE A 77 -1.34 7.52 7.55
CA PHE A 77 -0.02 7.89 8.05
C PHE A 77 -0.04 9.27 8.70
N CYS A 78 -1.14 9.98 8.49
CA CYS A 78 -1.27 11.36 8.94
C CYS A 78 -2.33 11.46 10.03
N THR A 79 -2.86 10.30 10.44
CA THR A 79 -3.93 10.24 11.43
C THR A 79 -3.49 10.80 12.78
N LEU A 80 -2.18 10.78 13.01
CA LEU A 80 -1.60 11.18 14.28
C LEU A 80 -1.76 12.68 14.54
N ALA A 81 -2.17 13.41 13.52
CA ALA A 81 -2.37 14.85 13.66
C ALA A 81 -3.66 15.27 12.96
N GLY A 82 -4.12 16.49 13.25
CA GLY A 82 -5.30 17.00 12.60
C GLY A 82 -4.97 18.13 11.64
N ILE A 83 -4.20 19.10 12.13
CA ILE A 83 -3.77 20.22 11.30
C ILE A 83 -2.74 19.74 10.29
N ARG A 84 -1.77 18.97 10.77
CA ARG A 84 -0.71 18.43 9.92
C ARG A 84 -1.28 17.37 8.97
N GLU A 85 -2.43 16.81 9.32
CA GLU A 85 -3.11 15.82 8.46
C GLU A 85 -3.40 16.41 7.10
N VAL A 86 -3.97 17.62 7.11
CA VAL A 86 -4.37 18.30 5.89
C VAL A 86 -3.19 18.43 4.92
N ASP A 87 -2.06 18.80 5.48
CA ASP A 87 -0.84 18.99 4.70
C ASP A 87 -0.24 17.64 4.29
N CYS A 88 -0.05 16.77 5.29
CA CYS A 88 0.49 15.43 5.08
C CYS A 88 -0.24 14.64 3.99
N ARG A 89 -1.56 14.62 4.05
CA ARG A 89 -2.36 13.79 3.15
C ARG A 89 -2.17 14.16 1.68
N LYS A 90 -1.88 15.42 1.40
CA LYS A 90 -1.80 15.89 0.02
C LYS A 90 -0.58 15.32 -0.70
N ASP A 91 0.60 15.55 -0.15
CA ASP A 91 1.84 15.06 -0.75
C ASP A 91 2.05 13.57 -0.53
N ALA A 92 1.34 12.99 0.42
CA ALA A 92 1.51 11.58 0.77
C ALA A 92 1.35 10.66 -0.45
N GLN A 93 0.31 10.90 -1.24
CA GLN A 93 0.01 10.05 -2.40
C GLN A 93 1.07 10.12 -3.50
N THR A 94 1.98 11.07 -3.40
CA THR A 94 3.06 11.16 -4.37
C THR A 94 4.06 10.03 -4.10
N CYS A 95 4.00 9.48 -2.89
CA CYS A 95 4.90 8.41 -2.46
C CYS A 95 4.47 7.04 -3.00
N ASP A 96 4.07 6.97 -4.26
CA ASP A 96 3.44 5.75 -4.78
C ASP A 96 4.45 4.67 -5.20
N LYS A 97 5.39 4.96 -6.11
CA LYS A 97 6.30 3.89 -6.55
C LYS A 97 7.78 4.23 -6.38
N LYS A 98 8.28 5.15 -7.20
CA LYS A 98 9.72 5.39 -7.25
C LYS A 98 10.12 6.86 -7.20
N TYR A 99 9.86 7.55 -8.29
CA TYR A 99 10.43 8.88 -8.51
C TYR A 99 9.66 9.92 -7.73
N GLU A 100 8.35 9.90 -7.90
CA GLU A 100 7.47 10.79 -7.18
C GLU A 100 7.57 10.53 -5.68
N SER A 101 7.91 9.30 -5.32
CA SER A 101 8.08 8.95 -3.91
C SER A 101 9.13 9.84 -3.25
N ASP A 102 10.27 9.98 -3.90
CA ASP A 102 11.33 10.88 -3.43
C ASP A 102 10.82 12.31 -3.29
N LYS A 103 10.05 12.77 -4.29
CA LYS A 103 9.52 14.13 -4.28
C LYS A 103 8.52 14.30 -3.14
N CYS A 104 7.84 13.23 -2.81
CA CYS A 104 6.93 13.20 -1.68
C CYS A 104 7.70 13.14 -0.36
N LEU A 105 8.73 12.31 -0.32
CA LEU A 105 9.49 12.06 0.90
C LEU A 105 10.12 13.34 1.44
N ASN A 106 10.83 14.09 0.60
CA ASN A 106 11.46 15.34 1.03
C ASN A 106 10.42 16.36 1.51
N ALA A 107 9.19 16.21 1.03
CA ALA A 107 8.12 17.11 1.42
C ALA A 107 7.61 16.70 2.80
N ILE A 108 7.32 15.41 2.92
CA ILE A 108 6.88 14.80 4.18
C ILE A 108 7.83 15.14 5.34
N LYS A 109 9.10 15.38 5.06
CA LYS A 109 10.07 15.64 6.10
C LYS A 109 9.88 17.03 6.69
N GLU A 110 9.71 18.02 5.81
CA GLU A 110 9.57 19.40 6.23
C GLU A 110 8.19 19.67 6.81
N LYS A 111 7.27 18.74 6.62
CA LYS A 111 5.90 18.90 7.14
C LYS A 111 5.91 19.02 8.66
N TYR A 112 6.92 18.46 9.30
CA TYR A 112 6.96 18.40 10.74
C TYR A 112 8.06 19.28 11.34
N LYS A 113 8.37 20.39 10.66
CA LYS A 113 9.31 21.35 11.20
C LYS A 113 8.56 22.46 11.95
N PRO A 114 9.06 22.87 13.12
CA PRO A 114 8.45 23.95 13.90
C PRO A 114 8.64 25.30 13.23
N VAL A 115 7.70 25.65 12.36
CA VAL A 115 7.73 26.92 11.66
C VAL A 115 7.22 28.05 12.54
N VAL A 116 6.53 27.68 13.61
CA VAL A 116 5.97 28.67 14.51
C VAL A 116 7.02 29.11 15.53
N ASP A 117 7.67 30.21 15.23
CA ASP A 117 8.63 30.81 16.13
C ASP A 117 7.97 32.02 16.79
N PRO A 118 8.19 32.24 18.10
CA PRO A 118 7.62 33.38 18.82
C PRO A 118 7.72 34.69 18.03
N ASN A 119 6.56 35.21 17.64
CA ASN A 119 6.49 36.40 16.79
C ASN A 119 7.04 37.62 17.52
N PRO A 120 7.55 38.60 16.76
CA PRO A 120 8.07 39.85 17.30
C PRO A 120 7.04 40.61 18.13
N PRO A 121 7.49 41.36 19.15
CA PRO A 121 6.62 42.21 19.97
C PRO A 121 6.15 43.45 19.20
N ALA A 122 5.74 44.48 19.94
CA ALA A 122 5.29 45.72 19.33
C ALA A 122 6.45 46.47 18.69
N ALA A 1 -25.37 6.18 -11.51
CA ALA A 1 -26.42 6.08 -10.46
C ALA A 1 -26.34 4.75 -9.75
N ASP A 2 -26.26 3.66 -10.51
CA ASP A 2 -26.20 2.31 -9.96
C ASP A 2 -24.84 1.69 -10.26
N VAL A 3 -24.24 1.10 -9.25
CA VAL A 3 -22.96 0.41 -9.42
C VAL A 3 -22.81 -0.72 -8.40
N PHE A 4 -22.49 -1.91 -8.89
CA PHE A 4 -22.31 -3.06 -8.03
C PHE A 4 -20.84 -3.17 -7.60
N ASP A 5 -20.63 -3.68 -6.40
CA ASP A 5 -19.29 -3.86 -5.86
C ASP A 5 -18.53 -4.92 -6.65
N PRO A 6 -17.26 -4.65 -7.01
CA PRO A 6 -16.43 -5.57 -7.78
C PRO A 6 -16.36 -6.97 -7.17
N PRO A 7 -16.34 -8.00 -8.04
CA PRO A 7 -16.25 -9.41 -7.63
C PRO A 7 -15.18 -9.66 -6.58
N THR A 8 -15.62 -9.96 -5.37
CA THR A 8 -14.74 -10.06 -4.22
C THR A 8 -14.04 -11.41 -4.14
N GLN A 9 -14.58 -12.41 -4.82
CA GLN A 9 -14.05 -13.77 -4.73
C GLN A 9 -12.73 -13.91 -5.49
N TYR A 10 -12.37 -12.86 -6.23
CA TYR A 10 -11.08 -12.83 -6.90
C TYR A 10 -10.12 -11.93 -6.14
N GLY A 11 -10.64 -11.31 -5.09
CA GLY A 11 -9.85 -10.34 -4.33
C GLY A 11 -10.04 -8.94 -4.86
N TYR A 12 -9.77 -8.75 -6.15
CA TYR A 12 -9.88 -7.45 -6.77
C TYR A 12 -10.53 -7.57 -8.16
N ASP A 13 -11.25 -8.67 -8.36
CA ASP A 13 -11.87 -9.00 -9.65
C ASP A 13 -10.83 -9.43 -10.69
N GLY A 14 -11.16 -10.46 -11.46
CA GLY A 14 -10.25 -10.96 -12.47
C GLY A 14 -9.57 -12.23 -12.04
N LYS A 15 -8.36 -12.11 -11.54
CA LYS A 15 -7.59 -13.25 -11.07
C LYS A 15 -7.12 -13.01 -9.64
N PRO A 16 -6.76 -14.08 -8.90
CA PRO A 16 -6.14 -13.95 -7.59
C PRO A 16 -4.85 -13.13 -7.65
N LEU A 17 -4.49 -12.50 -6.54
CA LEU A 17 -3.28 -11.68 -6.49
C LEU A 17 -2.04 -12.50 -6.87
N ASP A 18 -1.47 -12.18 -8.01
CA ASP A 18 -0.32 -12.90 -8.53
C ASP A 18 0.61 -11.94 -9.27
N ALA A 19 1.56 -12.49 -10.02
CA ALA A 19 2.57 -11.67 -10.70
C ALA A 19 1.95 -10.72 -11.72
N SER A 20 0.77 -11.07 -12.21
CA SER A 20 0.07 -10.27 -13.19
C SER A 20 -0.17 -8.84 -12.70
N PHE A 21 -0.35 -8.70 -11.39
CA PHE A 21 -0.58 -7.39 -10.79
C PHE A 21 0.70 -6.57 -10.75
N CYS A 22 1.83 -7.25 -10.57
CA CYS A 22 3.10 -6.59 -10.31
C CYS A 22 3.81 -6.15 -11.59
N ARG A 23 3.14 -6.34 -12.73
CA ARG A 23 3.72 -5.96 -14.02
C ARG A 23 4.07 -4.48 -14.05
N THR A 24 3.20 -3.65 -13.48
CA THR A 24 3.38 -2.20 -13.51
C THR A 24 4.30 -1.72 -12.39
N ALA A 25 4.80 -2.66 -11.58
CA ALA A 25 5.70 -2.31 -10.48
C ALA A 25 7.11 -2.08 -11.01
N GLY A 26 7.52 -2.86 -11.99
CA GLY A 26 8.80 -2.65 -12.63
C GLY A 26 9.95 -3.27 -11.85
N SER A 27 10.43 -2.57 -10.85
CA SER A 27 11.55 -3.03 -10.05
C SER A 27 11.12 -4.15 -9.10
N ARG A 28 9.82 -4.32 -8.96
CA ARG A 28 9.28 -5.38 -8.11
C ARG A 28 8.65 -6.48 -8.95
N GLU A 29 8.93 -6.49 -10.25
CA GLU A 29 8.34 -7.47 -11.15
C GLU A 29 8.90 -8.86 -10.86
N LYS A 30 10.22 -9.00 -10.96
CA LYS A 30 10.88 -10.28 -10.74
C LYS A 30 10.83 -10.65 -9.26
N ASP A 31 10.85 -9.64 -8.41
CA ASP A 31 10.74 -9.84 -6.97
C ASP A 31 9.38 -10.44 -6.63
N CYS A 32 8.34 -9.90 -7.25
CA CYS A 32 6.97 -10.34 -7.03
C CYS A 32 6.76 -11.76 -7.53
N ARG A 33 7.07 -11.99 -8.81
CA ARG A 33 6.79 -13.27 -9.44
C ARG A 33 7.40 -14.45 -8.70
N LYS A 34 8.53 -14.24 -8.03
CA LYS A 34 9.20 -15.32 -7.33
C LYS A 34 8.46 -15.61 -6.03
N ASP A 35 8.18 -14.54 -5.30
CA ASP A 35 7.59 -14.65 -3.96
C ASP A 35 6.13 -15.08 -4.02
N VAL A 36 5.38 -14.50 -4.95
CA VAL A 36 3.95 -14.77 -5.07
C VAL A 36 3.69 -16.23 -5.45
N GLN A 37 4.59 -16.83 -6.23
CA GLN A 37 4.45 -18.23 -6.63
C GLN A 37 4.61 -19.15 -5.43
N ALA A 38 5.36 -18.71 -4.42
CA ALA A 38 5.57 -19.51 -3.23
C ALA A 38 4.30 -19.61 -2.40
N CYS A 39 3.45 -18.59 -2.52
CA CYS A 39 2.17 -18.58 -1.85
C CYS A 39 1.17 -19.39 -2.68
N ASP A 40 1.06 -20.68 -2.36
CA ASP A 40 0.24 -21.62 -3.12
C ASP A 40 -1.25 -21.31 -2.97
N LYS A 41 -1.69 -21.16 -1.74
CA LYS A 41 -3.07 -20.76 -1.50
C LYS A 41 -3.10 -19.29 -1.13
N LYS A 42 -3.65 -18.48 -2.01
CA LYS A 42 -3.64 -17.03 -1.83
C LYS A 42 -4.89 -16.60 -1.07
N TYR A 43 -5.82 -17.53 -0.93
CA TYR A 43 -7.00 -17.31 -0.14
C TYR A 43 -7.28 -18.57 0.66
N ASP A 44 -7.65 -18.40 1.91
CA ASP A 44 -7.91 -19.52 2.79
C ASP A 44 -9.23 -20.20 2.42
N ASP A 45 -9.42 -21.41 2.92
CA ASP A 45 -10.58 -22.24 2.58
C ASP A 45 -11.89 -21.52 2.86
N GLN A 46 -11.87 -20.61 3.82
CA GLN A 46 -13.09 -19.92 4.25
C GLN A 46 -13.25 -18.58 3.54
N GLY A 47 -12.21 -18.13 2.83
CA GLY A 47 -12.31 -16.91 2.07
C GLY A 47 -11.49 -15.76 2.64
N ARG A 48 -10.65 -16.03 3.62
CA ARG A 48 -9.82 -14.97 4.18
C ARG A 48 -8.44 -14.99 3.54
N GLU A 49 -7.84 -13.82 3.39
CA GLU A 49 -6.50 -13.71 2.81
C GLU A 49 -5.48 -14.43 3.69
N THR A 50 -4.53 -15.10 3.06
CA THR A 50 -3.52 -15.85 3.78
C THR A 50 -2.35 -14.97 4.21
N ALA A 51 -1.48 -15.53 5.04
CA ALA A 51 -0.32 -14.79 5.54
C ALA A 51 0.55 -14.29 4.39
N CYS A 52 0.84 -15.17 3.44
CA CYS A 52 1.66 -14.81 2.29
C CYS A 52 0.95 -13.78 1.42
N ALA A 53 -0.34 -13.99 1.18
CA ALA A 53 -1.15 -13.07 0.38
C ALA A 53 -1.19 -11.66 0.98
N LYS A 54 -1.10 -11.59 2.32
CA LYS A 54 -1.18 -10.30 3.00
C LYS A 54 0.16 -9.59 2.91
N GLY A 55 1.24 -10.36 2.94
CA GLY A 55 2.55 -9.77 2.80
C GLY A 55 2.74 -9.18 1.43
N ILE A 56 2.44 -9.99 0.41
CA ILE A 56 2.48 -9.55 -0.98
C ILE A 56 1.70 -8.24 -1.19
N ARG A 57 0.43 -8.21 -0.78
CA ARG A 57 -0.41 -7.01 -0.96
C ARG A 57 0.24 -5.77 -0.34
N GLU A 58 0.99 -5.94 0.75
CA GLU A 58 1.68 -4.82 1.39
C GLU A 58 3.00 -4.50 0.68
N LYS A 59 3.75 -5.53 0.28
CA LYS A 59 5.03 -5.36 -0.39
C LYS A 59 4.85 -4.69 -1.75
N TYR A 60 3.85 -5.13 -2.48
CA TYR A 60 3.61 -4.69 -3.85
C TYR A 60 2.39 -3.79 -3.90
N LYS A 61 2.22 -3.04 -2.81
CA LYS A 61 1.11 -2.12 -2.59
C LYS A 61 0.61 -1.43 -3.86
N PRO A 62 -0.70 -1.50 -4.10
CA PRO A 62 -1.35 -0.71 -5.14
C PRO A 62 -1.11 0.77 -4.89
N ALA A 63 -0.75 1.52 -5.92
CA ALA A 63 -0.67 2.96 -5.81
C ALA A 63 -2.05 3.53 -5.50
N VAL A 64 -2.34 3.63 -4.22
CA VAL A 64 -3.65 4.02 -3.74
C VAL A 64 -3.57 4.34 -2.26
N VAL A 65 -4.50 5.12 -1.75
CA VAL A 65 -4.54 5.42 -0.33
C VAL A 65 -5.36 4.37 0.43
N TYR A 66 -4.68 3.61 1.28
CA TYR A 66 -5.34 2.60 2.10
C TYR A 66 -5.40 3.04 3.55
N GLY A 67 -6.45 2.62 4.25
CA GLY A 67 -6.53 2.80 5.67
C GLY A 67 -6.00 1.59 6.39
N TYR A 68 -6.06 1.57 7.70
CA TYR A 68 -5.51 0.46 8.48
C TYR A 68 -6.45 -0.74 8.37
N ASP A 69 -7.69 -0.47 8.00
CA ASP A 69 -8.68 -1.52 7.77
C ASP A 69 -8.41 -2.27 6.47
N GLY A 70 -7.58 -1.69 5.62
CA GLY A 70 -7.36 -2.23 4.29
C GLY A 70 -8.36 -1.66 3.30
N LYS A 71 -9.10 -0.65 3.74
CA LYS A 71 -10.08 0.01 2.90
C LYS A 71 -9.43 1.21 2.20
N PRO A 72 -9.93 1.59 1.01
CA PRO A 72 -9.43 2.78 0.30
C PRO A 72 -9.83 4.07 1.03
N LEU A 73 -9.00 4.47 1.97
CA LEU A 73 -9.27 5.64 2.79
C LEU A 73 -7.96 6.34 3.14
N ASP A 74 -7.97 7.67 3.13
CA ASP A 74 -6.76 8.45 3.37
C ASP A 74 -6.46 8.52 4.86
N LEU A 75 -5.91 7.45 5.41
CA LEU A 75 -5.58 7.42 6.85
C LEU A 75 -4.40 6.50 7.15
N GLY A 76 -4.36 5.34 6.51
CA GLY A 76 -3.43 4.28 6.89
C GLY A 76 -1.98 4.71 6.96
N PHE A 77 -1.59 5.68 6.17
CA PHE A 77 -0.20 6.15 6.15
C PHE A 77 -0.03 7.45 6.94
N CYS A 78 -1.14 8.12 7.20
CA CYS A 78 -1.07 9.48 7.72
C CYS A 78 -1.47 9.58 9.18
N THR A 79 -2.34 8.67 9.64
CA THR A 79 -2.83 8.69 11.01
C THR A 79 -1.69 8.56 12.02
N LEU A 80 -0.58 7.97 11.58
CA LEU A 80 0.60 7.80 12.43
C LEU A 80 1.20 9.14 12.80
N ALA A 81 0.99 10.15 11.96
CA ALA A 81 1.53 11.49 12.22
C ALA A 81 0.59 12.28 13.12
N GLY A 82 -0.69 11.93 13.10
CA GLY A 82 -1.66 12.58 13.94
C GLY A 82 -2.34 13.75 13.24
N ILE A 83 -2.26 14.92 13.86
CA ILE A 83 -2.97 16.12 13.39
C ILE A 83 -2.59 16.50 11.96
N ARG A 84 -1.39 16.16 11.56
CA ARG A 84 -0.87 16.56 10.26
C ARG A 84 -1.33 15.61 9.14
N GLU A 85 -2.16 14.63 9.49
CA GLU A 85 -2.58 13.62 8.53
C GLU A 85 -3.40 14.24 7.40
N VAL A 86 -4.16 15.28 7.72
CA VAL A 86 -4.97 15.99 6.74
C VAL A 86 -4.11 16.53 5.59
N ASP A 87 -2.93 17.02 5.90
CA ASP A 87 -2.02 17.52 4.88
C ASP A 87 -1.39 16.36 4.13
N CYS A 88 -1.00 15.36 4.91
CA CYS A 88 -0.45 14.11 4.37
C CYS A 88 -1.37 13.49 3.31
N ARG A 89 -2.67 13.73 3.45
CA ARG A 89 -3.67 13.16 2.54
C ARG A 89 -3.35 13.50 1.08
N LYS A 90 -2.97 14.74 0.84
CA LYS A 90 -2.70 15.23 -0.51
C LYS A 90 -1.37 14.69 -1.02
N ASP A 91 -0.36 14.85 -0.20
CA ASP A 91 1.03 14.71 -0.62
C ASP A 91 1.50 13.26 -0.64
N ALA A 92 1.08 12.47 0.34
CA ALA A 92 1.60 11.12 0.55
C ALA A 92 1.38 10.21 -0.66
N GLN A 93 0.21 10.27 -1.27
CA GLN A 93 -0.12 9.37 -2.36
C GLN A 93 0.72 9.61 -3.61
N THR A 94 1.45 10.73 -3.63
CA THR A 94 2.35 11.01 -4.74
C THR A 94 3.51 10.02 -4.73
N CYS A 95 3.77 9.46 -3.56
CA CYS A 95 4.73 8.36 -3.40
C CYS A 95 4.14 7.05 -3.93
N ASP A 96 3.50 7.11 -5.10
CA ASP A 96 2.69 6.00 -5.58
C ASP A 96 3.52 4.76 -5.91
N LYS A 97 4.49 4.85 -6.83
CA LYS A 97 5.39 3.72 -7.06
C LYS A 97 6.86 4.14 -6.99
N LYS A 98 7.30 4.90 -7.99
CA LYS A 98 8.72 5.19 -8.16
C LYS A 98 8.98 6.67 -8.44
N TYR A 99 8.56 7.07 -9.64
CA TYR A 99 8.92 8.34 -10.25
C TYR A 99 8.63 9.52 -9.33
N GLU A 100 7.39 9.63 -8.91
CA GLU A 100 6.97 10.76 -8.10
C GLU A 100 7.18 10.49 -6.61
N SER A 101 7.74 9.33 -6.27
CA SER A 101 8.01 9.01 -4.88
C SER A 101 9.13 9.92 -4.36
N ASP A 102 10.19 10.03 -5.15
CA ASP A 102 11.28 10.96 -4.86
C ASP A 102 10.75 12.39 -4.70
N LYS A 103 9.90 12.80 -5.62
CA LYS A 103 9.27 14.11 -5.58
C LYS A 103 8.42 14.25 -4.32
N CYS A 104 7.67 13.19 -4.02
CA CYS A 104 6.79 13.15 -2.87
C CYS A 104 7.55 13.24 -1.54
N LEU A 105 8.73 12.62 -1.48
CA LEU A 105 9.54 12.66 -0.28
C LEU A 105 9.98 14.09 -0.01
N ASN A 106 10.53 14.72 -1.05
CA ASN A 106 10.94 16.12 -0.99
C ASN A 106 9.75 17.02 -0.68
N ALA A 107 8.58 16.62 -1.15
CA ALA A 107 7.36 17.40 -0.98
C ALA A 107 6.86 17.35 0.47
N ILE A 108 7.22 16.29 1.17
CA ILE A 108 6.75 16.11 2.53
C ILE A 108 7.71 16.79 3.50
N LYS A 109 8.99 16.42 3.38
CA LYS A 109 10.04 17.02 4.18
C LYS A 109 10.03 18.55 4.15
N GLU A 110 9.62 19.15 3.03
CA GLU A 110 9.57 20.61 2.96
C GLU A 110 8.34 21.16 3.70
N LYS A 111 7.23 20.42 3.66
CA LYS A 111 6.06 20.79 4.45
C LYS A 111 6.38 20.78 5.94
N TYR A 112 7.35 19.97 6.32
CA TYR A 112 7.81 19.92 7.71
C TYR A 112 8.97 20.89 7.94
N LYS A 113 8.92 22.00 7.21
CA LYS A 113 9.91 23.06 7.34
C LYS A 113 9.70 23.80 8.66
N PRO A 114 10.80 24.08 9.39
CA PRO A 114 10.73 24.69 10.72
C PRO A 114 10.54 26.20 10.65
N VAL A 115 9.48 26.61 9.97
CA VAL A 115 9.20 28.03 9.80
C VAL A 115 8.56 28.59 11.07
N VAL A 116 9.36 28.70 12.11
CA VAL A 116 8.89 29.22 13.39
C VAL A 116 9.79 30.35 13.86
N ASP A 117 9.29 31.58 13.77
CA ASP A 117 10.05 32.74 14.22
C ASP A 117 9.53 33.20 15.58
N PRO A 118 10.27 32.90 16.66
CA PRO A 118 9.88 33.28 18.01
C PRO A 118 10.56 34.56 18.50
N ASN A 119 11.41 35.13 17.67
CA ASN A 119 12.17 36.30 18.06
C ASN A 119 11.99 37.45 17.07
N PRO A 120 11.12 38.40 17.41
CA PRO A 120 10.98 39.64 16.67
C PRO A 120 11.90 40.73 17.23
N PRO A 121 12.90 41.14 16.44
CA PRO A 121 13.91 42.12 16.88
C PRO A 121 13.30 43.48 17.21
N ALA A 122 13.85 44.11 18.23
CA ALA A 122 13.38 45.42 18.67
C ALA A 122 14.06 46.51 17.85
N ALA A 1 -27.53 -11.70 -2.17
CA ALA A 1 -28.69 -12.57 -2.47
C ALA A 1 -28.34 -14.03 -2.17
N ASP A 2 -29.31 -14.92 -2.43
CA ASP A 2 -29.13 -16.35 -2.13
C ASP A 2 -28.38 -17.06 -3.26
N VAL A 3 -27.79 -16.28 -4.16
CA VAL A 3 -27.03 -16.83 -5.27
C VAL A 3 -25.64 -17.29 -4.85
N PHE A 4 -25.58 -17.95 -3.70
CA PHE A 4 -24.35 -18.42 -3.06
C PHE A 4 -23.17 -17.44 -3.25
N ASP A 5 -21.97 -17.95 -3.09
CA ASP A 5 -20.75 -17.16 -3.26
C ASP A 5 -20.36 -17.13 -4.73
N PRO A 6 -19.90 -15.97 -5.24
CA PRO A 6 -19.48 -15.84 -6.64
C PRO A 6 -18.52 -16.95 -7.07
N PRO A 7 -18.57 -17.35 -8.35
CA PRO A 7 -17.73 -18.42 -8.91
C PRO A 7 -16.28 -17.98 -9.11
N THR A 8 -15.82 -17.09 -8.24
CA THR A 8 -14.45 -16.61 -8.25
C THR A 8 -14.08 -16.10 -6.86
N GLN A 9 -13.12 -16.75 -6.24
CA GLN A 9 -12.61 -16.31 -4.94
C GLN A 9 -11.71 -15.09 -5.14
N TYR A 10 -11.90 -14.08 -4.31
CA TYR A 10 -11.10 -12.86 -4.41
C TYR A 10 -10.74 -12.33 -3.03
N GLY A 11 -9.71 -11.49 -3.00
CA GLY A 11 -9.24 -10.95 -1.74
C GLY A 11 -9.57 -9.48 -1.57
N TYR A 12 -9.20 -8.68 -2.56
CA TYR A 12 -9.41 -7.23 -2.49
C TYR A 12 -10.67 -6.85 -3.24
N ASP A 13 -11.49 -7.85 -3.52
CA ASP A 13 -12.69 -7.72 -4.36
C ASP A 13 -12.33 -7.69 -5.84
N GLY A 14 -13.17 -8.27 -6.66
CA GLY A 14 -12.90 -8.39 -8.08
C GLY A 14 -12.27 -9.72 -8.42
N LYS A 15 -10.96 -9.84 -8.19
CA LYS A 15 -10.22 -11.04 -8.51
C LYS A 15 -9.24 -11.39 -7.39
N PRO A 16 -8.70 -12.62 -7.38
CA PRO A 16 -7.66 -13.03 -6.43
C PRO A 16 -6.31 -12.37 -6.74
N LEU A 17 -5.35 -12.55 -5.86
CA LEU A 17 -4.04 -11.96 -6.05
C LEU A 17 -3.13 -12.89 -6.85
N ASP A 18 -2.45 -12.33 -7.83
CA ASP A 18 -1.54 -13.09 -8.69
C ASP A 18 -0.35 -12.22 -9.08
N ALA A 19 0.70 -12.85 -9.58
CA ALA A 19 1.93 -12.15 -9.96
C ALA A 19 1.67 -11.18 -11.12
N SER A 20 0.64 -11.45 -11.91
CA SER A 20 0.30 -10.62 -13.06
C SER A 20 0.00 -9.17 -12.65
N PHE A 21 -0.47 -8.98 -11.42
CA PHE A 21 -0.78 -7.65 -10.91
C PHE A 21 0.50 -6.85 -10.68
N CYS A 22 1.59 -7.55 -10.41
CA CYS A 22 2.85 -6.89 -10.11
C CYS A 22 3.56 -6.41 -11.37
N ARG A 23 2.98 -6.69 -12.53
CA ARG A 23 3.54 -6.22 -13.79
C ARG A 23 3.45 -4.71 -13.86
N THR A 24 2.40 -4.17 -13.26
CA THR A 24 2.16 -2.74 -13.25
C THR A 24 2.98 -2.06 -12.14
N ALA A 25 3.72 -2.86 -11.39
CA ALA A 25 4.58 -2.34 -10.33
C ALA A 25 5.91 -1.88 -10.90
N GLY A 26 6.55 -2.76 -11.65
CA GLY A 26 7.82 -2.42 -12.29
C GLY A 26 8.93 -3.37 -11.91
N SER A 27 9.97 -2.83 -11.30
CA SER A 27 11.13 -3.63 -10.88
C SER A 27 10.72 -4.72 -9.89
N ARG A 28 9.59 -4.51 -9.23
CA ARG A 28 9.11 -5.46 -8.22
C ARG A 28 8.48 -6.69 -8.89
N GLU A 29 8.41 -6.67 -10.22
CA GLU A 29 7.87 -7.78 -10.99
C GLU A 29 8.75 -9.03 -10.83
N LYS A 30 10.06 -8.81 -10.80
CA LYS A 30 11.03 -9.90 -10.74
C LYS A 30 10.89 -10.66 -9.42
N ASP A 31 10.66 -9.90 -8.36
CA ASP A 31 10.49 -10.47 -7.04
C ASP A 31 9.13 -11.12 -6.90
N CYS A 32 8.10 -10.39 -7.32
CA CYS A 32 6.72 -10.84 -7.15
C CYS A 32 6.47 -12.16 -7.86
N ARG A 33 7.02 -12.33 -9.06
CA ARG A 33 6.77 -13.54 -9.83
C ARG A 33 7.33 -14.76 -9.09
N LYS A 34 8.47 -14.59 -8.42
CA LYS A 34 9.06 -15.66 -7.64
C LYS A 34 8.32 -15.85 -6.32
N ASP A 35 7.90 -14.73 -5.74
CA ASP A 35 7.25 -14.73 -4.43
C ASP A 35 5.87 -15.39 -4.50
N VAL A 36 5.15 -15.12 -5.58
CA VAL A 36 3.83 -15.70 -5.77
C VAL A 36 3.94 -17.19 -6.10
N GLN A 37 5.01 -17.59 -6.78
CA GLN A 37 5.24 -18.99 -7.09
C GLN A 37 5.57 -19.77 -5.82
N ALA A 38 6.12 -19.05 -4.84
CA ALA A 38 6.42 -19.62 -3.53
C ALA A 38 5.18 -19.58 -2.63
N CYS A 39 4.07 -19.17 -3.21
CA CYS A 39 2.82 -19.04 -2.47
C CYS A 39 1.70 -19.77 -3.19
N ASP A 40 1.45 -21.00 -2.81
CA ASP A 40 0.45 -21.82 -3.47
C ASP A 40 -0.90 -21.63 -2.80
N LYS A 41 -0.92 -21.66 -1.48
CA LYS A 41 -2.14 -21.46 -0.72
C LYS A 41 -2.28 -20.00 -0.35
N LYS A 42 -2.92 -19.23 -1.22
CA LYS A 42 -3.04 -17.80 -1.04
C LYS A 42 -4.30 -17.45 -0.26
N TYR A 43 -5.09 -18.47 0.10
CA TYR A 43 -6.30 -18.25 0.88
C TYR A 43 -6.46 -19.37 1.91
N ASP A 44 -6.92 -19.01 3.09
CA ASP A 44 -7.03 -19.94 4.21
C ASP A 44 -8.14 -20.96 3.98
N ASP A 45 -8.38 -21.80 4.98
CA ASP A 45 -9.36 -22.89 4.90
C ASP A 45 -10.77 -22.32 4.64
N GLN A 46 -11.04 -21.14 5.20
CA GLN A 46 -12.32 -20.49 5.02
C GLN A 46 -12.40 -19.79 3.66
N GLY A 47 -11.25 -19.37 3.17
CA GLY A 47 -11.20 -18.70 1.88
C GLY A 47 -10.79 -17.24 2.01
N ARG A 48 -10.36 -16.86 3.20
CA ARG A 48 -9.94 -15.50 3.47
C ARG A 48 -8.44 -15.35 3.21
N GLU A 49 -7.97 -14.11 3.18
CA GLU A 49 -6.57 -13.82 2.90
C GLU A 49 -5.64 -14.48 3.90
N THR A 50 -4.55 -15.04 3.41
CA THR A 50 -3.52 -15.57 4.27
C THR A 50 -2.50 -14.50 4.59
N ALA A 51 -1.50 -14.84 5.41
CA ALA A 51 -0.39 -13.94 5.68
C ALA A 51 0.30 -13.54 4.38
N CYS A 52 0.31 -14.49 3.43
CA CYS A 52 0.87 -14.25 2.12
C CYS A 52 -0.01 -13.31 1.31
N ALA A 53 -1.32 -13.59 1.29
CA ALA A 53 -2.26 -12.78 0.52
C ALA A 53 -2.30 -11.33 0.99
N LYS A 54 -2.05 -11.12 2.27
CA LYS A 54 -2.07 -9.77 2.81
C LYS A 54 -0.74 -9.11 2.50
N GLY A 55 0.31 -9.93 2.49
CA GLY A 55 1.66 -9.44 2.32
C GLY A 55 1.90 -8.87 0.94
N ILE A 56 1.43 -9.56 -0.08
CA ILE A 56 1.68 -9.14 -1.46
C ILE A 56 1.13 -7.75 -1.71
N ARG A 57 -0.11 -7.54 -1.30
CA ARG A 57 -0.79 -6.26 -1.57
C ARG A 57 -0.19 -5.10 -0.76
N GLU A 58 0.45 -5.40 0.36
CA GLU A 58 1.12 -4.35 1.14
C GLU A 58 2.59 -4.18 0.73
N LYS A 59 3.17 -5.23 0.16
CA LYS A 59 4.57 -5.17 -0.31
C LYS A 59 4.65 -4.51 -1.67
N TYR A 60 3.88 -5.04 -2.61
CA TYR A 60 3.93 -4.62 -4.00
C TYR A 60 2.86 -3.57 -4.27
N LYS A 61 2.62 -2.75 -3.25
CA LYS A 61 1.55 -1.76 -3.22
C LYS A 61 1.45 -0.94 -4.52
N PRO A 62 0.23 -0.55 -4.86
CA PRO A 62 -0.03 0.50 -5.83
C PRO A 62 -0.06 1.86 -5.13
N ALA A 63 -0.02 2.94 -5.89
CA ALA A 63 -0.09 4.27 -5.31
C ALA A 63 -1.49 4.55 -4.75
N VAL A 64 -1.64 4.25 -3.47
CA VAL A 64 -2.87 4.54 -2.74
C VAL A 64 -2.52 4.79 -1.28
N VAL A 65 -3.33 5.59 -0.61
CA VAL A 65 -3.15 5.83 0.81
C VAL A 65 -3.50 4.59 1.62
N TYR A 66 -2.48 3.96 2.19
CA TYR A 66 -2.67 2.71 2.92
C TYR A 66 -2.52 2.93 4.42
N GLY A 67 -3.48 2.43 5.17
CA GLY A 67 -3.44 2.57 6.61
C GLY A 67 -2.82 1.36 7.29
N TYR A 68 -2.61 1.48 8.60
CA TYR A 68 -1.95 0.45 9.40
C TYR A 68 -2.61 -0.93 9.28
N ASP A 69 -3.92 -0.98 9.15
CA ASP A 69 -4.63 -2.26 9.07
C ASP A 69 -4.49 -2.89 7.69
N GLY A 70 -4.10 -2.08 6.71
CA GLY A 70 -4.06 -2.56 5.34
C GLY A 70 -5.29 -2.15 4.57
N LYS A 71 -5.97 -1.11 5.06
CA LYS A 71 -7.11 -0.55 4.36
C LYS A 71 -6.69 0.72 3.65
N PRO A 72 -7.42 1.13 2.59
CA PRO A 72 -7.12 2.33 1.82
C PRO A 72 -7.68 3.60 2.45
N LEU A 73 -7.56 3.71 3.77
CA LEU A 73 -8.05 4.88 4.48
C LEU A 73 -6.90 5.87 4.72
N ASP A 74 -7.14 7.11 4.38
CA ASP A 74 -6.12 8.16 4.46
C ASP A 74 -6.18 8.88 5.79
N LEU A 75 -5.68 8.24 6.84
CA LEU A 75 -5.62 8.83 8.18
C LEU A 75 -4.43 8.31 8.99
N GLY A 76 -3.85 7.19 8.57
CA GLY A 76 -2.91 6.45 9.40
C GLY A 76 -1.78 7.28 9.98
N PHE A 77 -1.09 8.05 9.15
CA PHE A 77 0.05 8.84 9.62
C PHE A 77 -0.36 10.31 9.75
N CYS A 78 -1.64 10.58 9.63
CA CYS A 78 -2.12 11.96 9.61
C CYS A 78 -2.98 12.27 10.83
N THR A 79 -3.30 11.24 11.61
CA THR A 79 -4.14 11.40 12.80
C THR A 79 -3.46 12.24 13.86
N LEU A 80 -2.25 11.85 14.21
CA LEU A 80 -1.48 12.52 15.25
C LEU A 80 -1.11 13.97 14.86
N ALA A 81 -1.20 14.27 13.58
CA ALA A 81 -0.82 15.58 13.07
C ALA A 81 -1.95 16.60 13.29
N GLY A 82 -3.00 16.49 12.51
CA GLY A 82 -4.10 17.45 12.60
C GLY A 82 -4.40 18.07 11.26
N ILE A 83 -3.99 19.32 11.07
CA ILE A 83 -4.27 20.04 9.83
C ILE A 83 -3.54 19.40 8.64
N ARG A 84 -2.40 18.77 8.92
CA ARG A 84 -1.60 18.13 7.86
C ARG A 84 -2.39 17.02 7.16
N GLU A 85 -3.45 16.54 7.83
CA GLU A 85 -4.33 15.50 7.32
C GLU A 85 -4.84 15.84 5.92
N VAL A 86 -5.14 17.11 5.72
CA VAL A 86 -5.68 17.58 4.46
C VAL A 86 -4.66 17.40 3.33
N ASP A 87 -3.44 17.83 3.58
CA ASP A 87 -2.39 17.83 2.56
C ASP A 87 -1.84 16.43 2.33
N CYS A 88 -1.51 15.73 3.42
CA CYS A 88 -0.81 14.44 3.37
C CYS A 88 -1.48 13.40 2.46
N ARG A 89 -2.80 13.45 2.32
CA ARG A 89 -3.48 12.46 1.48
C ARG A 89 -3.16 12.68 0.01
N LYS A 90 -2.92 13.93 -0.37
CA LYS A 90 -2.57 14.25 -1.75
C LYS A 90 -1.11 13.91 -2.06
N ASP A 91 -0.19 14.41 -1.25
CA ASP A 91 1.24 14.37 -1.58
C ASP A 91 1.87 13.00 -1.30
N ALA A 92 1.43 12.33 -0.23
CA ALA A 92 1.99 11.03 0.13
C ALA A 92 1.78 9.99 -0.98
N GLN A 93 0.68 10.13 -1.73
CA GLN A 93 0.38 9.21 -2.83
C GLN A 93 1.46 9.21 -3.91
N THR A 94 2.37 10.19 -3.88
CA THR A 94 3.47 10.26 -4.84
C THR A 94 4.45 9.10 -4.62
N CYS A 95 4.36 8.51 -3.43
CA CYS A 95 5.14 7.32 -3.05
C CYS A 95 4.65 6.08 -3.80
N ASP A 96 4.46 6.21 -5.12
CA ASP A 96 3.81 5.17 -5.94
C ASP A 96 4.37 3.77 -5.63
N LYS A 97 5.64 3.52 -5.90
CA LYS A 97 6.35 2.43 -5.23
C LYS A 97 7.70 2.90 -4.71
N LYS A 98 8.59 3.15 -5.66
CA LYS A 98 10.00 3.43 -5.36
C LYS A 98 10.50 4.70 -6.03
N TYR A 99 10.52 4.68 -7.36
CA TYR A 99 11.19 5.71 -8.17
C TYR A 99 10.67 7.13 -7.92
N GLU A 100 9.49 7.27 -7.36
CA GLU A 100 8.95 8.60 -7.10
C GLU A 100 8.75 8.82 -5.60
N SER A 101 9.24 7.88 -4.80
CA SER A 101 9.06 7.93 -3.37
C SER A 101 9.91 9.05 -2.76
N ASP A 102 11.05 9.34 -3.38
CA ASP A 102 11.94 10.41 -2.92
C ASP A 102 11.20 11.75 -2.85
N LYS A 103 10.45 12.05 -3.90
CA LYS A 103 9.75 13.32 -4.02
C LYS A 103 8.64 13.37 -2.98
N CYS A 104 8.06 12.21 -2.70
CA CYS A 104 6.98 12.07 -1.76
C CYS A 104 7.48 12.19 -0.32
N LEU A 105 8.64 11.60 -0.07
CA LEU A 105 9.25 11.61 1.26
C LEU A 105 9.53 13.05 1.67
N ASN A 106 10.06 13.81 0.74
CA ASN A 106 10.36 15.23 0.96
C ASN A 106 9.10 16.05 1.19
N ALA A 107 7.98 15.57 0.65
CA ALA A 107 6.71 16.27 0.74
C ALA A 107 6.12 16.09 2.13
N ILE A 108 6.52 15.01 2.78
CA ILE A 108 6.01 14.65 4.09
C ILE A 108 6.78 15.38 5.19
N LYS A 109 8.04 15.73 4.91
CA LYS A 109 8.91 16.29 5.92
C LYS A 109 8.54 17.73 6.24
N GLU A 110 8.12 18.45 5.20
CA GLU A 110 7.70 19.85 5.36
C GLU A 110 6.45 19.96 6.22
N LYS A 111 5.77 18.84 6.41
CA LYS A 111 4.56 18.80 7.20
C LYS A 111 4.87 18.96 8.69
N TYR A 112 5.99 18.41 9.12
CA TYR A 112 6.30 18.33 10.55
C TYR A 112 7.52 19.17 10.92
N LYS A 113 7.91 20.09 10.05
CA LYS A 113 9.02 20.99 10.38
C LYS A 113 8.54 22.05 11.37
N PRO A 114 9.47 22.60 12.19
CA PRO A 114 9.16 23.59 13.23
C PRO A 114 8.35 24.78 12.70
N VAL A 115 7.13 24.93 13.21
CA VAL A 115 6.27 26.05 12.83
C VAL A 115 5.72 26.76 14.06
N VAL A 116 6.14 26.33 15.24
CA VAL A 116 5.62 26.90 16.48
C VAL A 116 6.74 27.54 17.30
N ASP A 117 6.62 28.83 17.54
CA ASP A 117 7.60 29.55 18.37
C ASP A 117 7.49 29.06 19.80
N PRO A 118 8.54 28.40 20.31
CA PRO A 118 8.49 27.68 21.58
C PRO A 118 8.38 28.59 22.81
N ASN A 119 9.36 29.46 23.00
CA ASN A 119 9.46 30.21 24.25
C ASN A 119 9.53 31.70 24.01
N PRO A 120 8.94 32.48 24.92
CA PRO A 120 9.05 33.94 24.94
C PRO A 120 10.32 34.38 25.67
N PRO A 121 10.59 35.70 25.76
CA PRO A 121 11.75 36.24 26.48
C PRO A 121 11.85 35.69 27.91
N ALA A 122 13.08 35.57 28.40
CA ALA A 122 13.33 35.08 29.75
C ALA A 122 12.78 36.05 30.79
N ALA A 1 -0.18 -40.69 -16.31
CA ALA A 1 -1.63 -40.41 -16.29
C ALA A 1 -1.87 -38.93 -16.06
N ASP A 2 -2.72 -38.34 -16.92
CA ASP A 2 -3.01 -36.91 -16.88
C ASP A 2 -1.77 -36.09 -17.19
N VAL A 3 -1.67 -35.64 -18.44
CA VAL A 3 -0.47 -34.99 -18.92
C VAL A 3 -0.56 -33.47 -18.74
N PHE A 4 -1.63 -33.04 -18.11
CA PHE A 4 -1.91 -31.63 -17.96
C PHE A 4 -1.31 -31.08 -16.68
N ASP A 5 -1.17 -29.77 -16.61
CA ASP A 5 -0.64 -29.12 -15.41
C ASP A 5 -1.73 -29.03 -14.34
N PRO A 6 -1.42 -29.55 -13.13
CA PRO A 6 -2.39 -29.60 -12.03
C PRO A 6 -2.87 -28.22 -11.60
N PRO A 7 -4.18 -27.96 -11.69
CA PRO A 7 -4.75 -26.68 -11.32
C PRO A 7 -4.67 -26.41 -9.82
N THR A 8 -4.21 -25.21 -9.48
CA THR A 8 -4.15 -24.77 -8.08
C THR A 8 -5.57 -24.58 -7.54
N GLN A 9 -5.72 -24.53 -6.22
CA GLN A 9 -7.02 -24.26 -5.63
C GLN A 9 -7.43 -22.82 -5.94
N TYR A 10 -8.46 -22.67 -6.77
CA TYR A 10 -8.95 -21.35 -7.15
C TYR A 10 -10.45 -21.39 -7.38
N GLY A 11 -11.05 -20.24 -7.57
CA GLY A 11 -12.48 -20.17 -7.81
C GLY A 11 -13.03 -18.78 -7.63
N TYR A 12 -12.46 -17.83 -8.36
CA TYR A 12 -12.93 -16.45 -8.32
C TYR A 12 -12.90 -15.90 -9.75
N ASP A 13 -11.71 -15.62 -10.23
CA ASP A 13 -11.47 -15.24 -11.61
C ASP A 13 -10.10 -15.77 -11.99
N GLY A 14 -9.92 -17.06 -11.77
CA GLY A 14 -8.61 -17.66 -11.87
C GLY A 14 -7.88 -17.53 -10.55
N LYS A 15 -6.69 -16.97 -10.59
CA LYS A 15 -5.93 -16.71 -9.38
C LYS A 15 -6.23 -15.31 -8.88
N PRO A 16 -6.43 -15.14 -7.56
CA PRO A 16 -6.74 -13.83 -6.97
C PRO A 16 -5.59 -12.85 -7.12
N LEU A 17 -4.38 -13.33 -6.86
CA LEU A 17 -3.19 -12.52 -7.04
C LEU A 17 -2.05 -13.44 -7.47
N ASP A 18 -1.54 -13.22 -8.67
CA ASP A 18 -0.49 -14.06 -9.20
C ASP A 18 0.60 -13.16 -9.80
N ALA A 19 1.58 -13.77 -10.46
CA ALA A 19 2.71 -13.03 -11.01
C ALA A 19 2.25 -12.04 -12.07
N SER A 20 1.16 -12.38 -12.74
CA SER A 20 0.60 -11.54 -13.79
C SER A 20 0.21 -10.16 -13.27
N PHE A 21 -0.15 -10.09 -11.99
CA PHE A 21 -0.60 -8.85 -11.39
C PHE A 21 0.56 -7.88 -11.19
N CYS A 22 1.68 -8.40 -10.70
CA CYS A 22 2.83 -7.56 -10.39
C CYS A 22 3.57 -7.09 -11.66
N ARG A 23 3.15 -7.59 -12.81
CA ARG A 23 3.73 -7.15 -14.08
C ARG A 23 3.46 -5.67 -14.30
N THR A 24 2.30 -5.24 -13.83
CA THR A 24 1.90 -3.85 -13.96
C THR A 24 2.44 -3.01 -12.80
N ALA A 25 3.20 -3.66 -11.91
CA ALA A 25 3.84 -2.97 -10.80
C ALA A 25 5.21 -2.43 -11.22
N GLY A 26 5.81 -3.08 -12.20
CA GLY A 26 7.03 -2.57 -12.81
C GLY A 26 8.29 -3.01 -12.09
N SER A 27 8.83 -2.12 -11.27
CA SER A 27 10.12 -2.33 -10.62
C SER A 27 10.19 -3.63 -9.82
N ARG A 28 9.08 -4.00 -9.20
CA ARG A 28 9.05 -5.15 -8.31
C ARG A 28 8.38 -6.35 -8.96
N GLU A 29 8.24 -6.31 -10.29
CA GLU A 29 7.64 -7.42 -11.03
C GLU A 29 8.50 -8.67 -10.89
N LYS A 30 9.80 -8.48 -11.09
CA LYS A 30 10.74 -9.59 -11.09
C LYS A 30 10.76 -10.31 -9.73
N ASP A 31 10.82 -9.53 -8.66
CA ASP A 31 10.85 -10.10 -7.32
C ASP A 31 9.51 -10.68 -6.93
N CYS A 32 8.43 -9.99 -7.29
CA CYS A 32 7.09 -10.43 -6.93
C CYS A 32 6.75 -11.76 -7.57
N ARG A 33 7.12 -11.94 -8.84
CA ARG A 33 6.77 -13.16 -9.56
C ARG A 33 7.43 -14.37 -8.92
N LYS A 34 8.59 -14.15 -8.32
CA LYS A 34 9.33 -15.20 -7.65
C LYS A 34 8.68 -15.52 -6.30
N ASP A 35 8.22 -14.46 -5.63
CA ASP A 35 7.63 -14.58 -4.30
C ASP A 35 6.21 -15.16 -4.36
N VAL A 36 5.37 -14.58 -5.23
CA VAL A 36 3.95 -14.92 -5.26
C VAL A 36 3.70 -16.34 -5.78
N GLN A 37 4.49 -16.76 -6.77
CA GLN A 37 4.31 -18.10 -7.34
C GLN A 37 4.89 -19.17 -6.41
N ALA A 38 5.80 -18.76 -5.55
CA ALA A 38 6.34 -19.66 -4.52
C ALA A 38 5.30 -19.91 -3.44
N CYS A 39 4.30 -19.05 -3.40
CA CYS A 39 3.21 -19.16 -2.44
C CYS A 39 2.07 -19.98 -3.03
N ASP A 40 1.55 -20.94 -2.27
CA ASP A 40 0.49 -21.83 -2.76
C ASP A 40 -0.83 -21.12 -2.88
N LYS A 41 -1.29 -20.61 -1.76
CA LYS A 41 -2.64 -20.14 -1.62
C LYS A 41 -2.68 -18.66 -1.28
N LYS A 42 -3.40 -17.90 -2.08
CA LYS A 42 -3.57 -16.48 -1.85
C LYS A 42 -4.88 -16.25 -1.11
N TYR A 43 -5.60 -17.33 -0.84
CA TYR A 43 -6.80 -17.29 -0.04
C TYR A 43 -6.94 -18.60 0.71
N ASP A 44 -7.34 -18.50 1.97
CA ASP A 44 -7.55 -19.70 2.78
C ASP A 44 -8.90 -20.31 2.48
N ASP A 45 -9.15 -21.49 3.03
CA ASP A 45 -10.38 -22.24 2.78
C ASP A 45 -11.57 -21.51 3.37
N GLN A 46 -11.30 -20.58 4.29
CA GLN A 46 -12.34 -19.79 4.93
C GLN A 46 -12.64 -18.55 4.10
N GLY A 47 -11.97 -18.43 2.95
CA GLY A 47 -12.14 -17.26 2.10
C GLY A 47 -11.43 -16.05 2.67
N ARG A 48 -10.48 -16.28 3.56
CA ARG A 48 -9.77 -15.21 4.22
C ARG A 48 -8.32 -15.15 3.74
N GLU A 49 -7.64 -14.05 4.06
CA GLU A 49 -6.24 -13.90 3.70
C GLU A 49 -5.38 -14.84 4.53
N THR A 50 -4.45 -15.51 3.86
CA THR A 50 -3.46 -16.31 4.56
C THR A 50 -2.36 -15.38 5.08
N ALA A 51 -1.42 -15.91 5.85
CA ALA A 51 -0.31 -15.11 6.34
C ALA A 51 0.52 -14.61 5.15
N CYS A 52 0.69 -15.49 4.17
CA CYS A 52 1.37 -15.14 2.93
C CYS A 52 0.58 -14.09 2.15
N ALA A 53 -0.72 -14.33 2.00
CA ALA A 53 -1.59 -13.45 1.21
C ALA A 53 -1.52 -12.00 1.67
N LYS A 54 -1.41 -11.77 2.98
CA LYS A 54 -1.43 -10.41 3.48
C LYS A 54 -0.03 -9.82 3.41
N GLY A 55 0.97 -10.68 3.39
CA GLY A 55 2.34 -10.25 3.31
C GLY A 55 2.66 -9.73 1.92
N ILE A 56 1.98 -10.28 0.94
CA ILE A 56 2.08 -9.79 -0.42
C ILE A 56 1.30 -8.47 -0.52
N ARG A 57 0.06 -8.50 -0.07
CA ARG A 57 -0.82 -7.34 -0.14
C ARG A 57 -0.26 -6.10 0.56
N GLU A 58 0.48 -6.30 1.65
CA GLU A 58 1.01 -5.17 2.40
C GLU A 58 2.08 -4.42 1.61
N LYS A 59 3.01 -5.15 1.01
CA LYS A 59 4.15 -4.55 0.33
C LYS A 59 3.85 -4.20 -1.11
N TYR A 60 3.29 -5.15 -1.85
CA TYR A 60 3.16 -5.03 -3.29
C TYR A 60 1.94 -4.24 -3.72
N LYS A 61 1.53 -3.28 -2.90
CA LYS A 61 0.43 -2.37 -3.26
C LYS A 61 0.83 -1.55 -4.47
N PRO A 62 0.13 -1.76 -5.61
CA PRO A 62 0.50 -1.20 -6.92
C PRO A 62 0.75 0.31 -6.90
N ALA A 63 -0.32 1.08 -7.01
CA ALA A 63 -0.24 2.53 -6.87
C ALA A 63 -1.50 3.05 -6.22
N VAL A 64 -1.47 3.17 -4.90
CA VAL A 64 -2.64 3.55 -4.12
C VAL A 64 -2.23 4.02 -2.73
N VAL A 65 -3.03 4.87 -2.13
CA VAL A 65 -2.76 5.38 -0.80
C VAL A 65 -3.60 4.62 0.24
N TYR A 66 -2.92 4.11 1.25
CA TYR A 66 -3.59 3.36 2.31
C TYR A 66 -3.03 3.78 3.67
N GLY A 67 -3.64 3.25 4.72
CA GLY A 67 -3.12 3.48 6.05
C GLY A 67 -2.09 2.45 6.42
N TYR A 68 -1.27 2.76 7.43
CA TYR A 68 -0.19 1.87 7.84
C TYR A 68 -0.71 0.58 8.47
N ASP A 69 -2.02 0.53 8.69
CA ASP A 69 -2.65 -0.63 9.31
C ASP A 69 -3.15 -1.60 8.24
N GLY A 70 -2.83 -1.31 6.99
CA GLY A 70 -3.25 -2.17 5.90
C GLY A 70 -4.72 -2.04 5.59
N LYS A 71 -5.22 -0.82 5.68
CA LYS A 71 -6.63 -0.54 5.43
C LYS A 71 -6.76 0.79 4.69
N PRO A 72 -7.89 1.00 3.98
CA PRO A 72 -8.20 2.30 3.40
C PRO A 72 -8.38 3.34 4.50
N LEU A 73 -7.42 4.23 4.62
CA LEU A 73 -7.39 5.16 5.73
C LEU A 73 -6.82 6.51 5.30
N ASP A 74 -7.62 7.56 5.45
CA ASP A 74 -7.14 8.90 5.21
C ASP A 74 -6.25 9.33 6.36
N LEU A 75 -5.23 10.14 6.06
CA LEU A 75 -4.30 10.62 7.08
C LEU A 75 -3.52 9.45 7.68
N GLY A 76 -3.48 8.33 6.96
CA GLY A 76 -2.89 7.11 7.49
C GLY A 76 -1.50 7.29 8.06
N PHE A 77 -0.66 8.03 7.37
CA PHE A 77 0.70 8.26 7.83
C PHE A 77 0.82 9.64 8.46
N CYS A 78 -0.30 10.32 8.65
CA CYS A 78 -0.30 11.70 9.09
C CYS A 78 -0.90 11.84 10.50
N THR A 79 -1.69 10.86 10.92
CA THR A 79 -2.41 10.92 12.18
C THR A 79 -1.48 11.02 13.39
N LEU A 80 -0.23 10.58 13.22
CA LEU A 80 0.74 10.60 14.32
C LEU A 80 1.39 11.98 14.45
N ALA A 81 1.02 12.89 13.55
CA ALA A 81 1.58 14.23 13.57
C ALA A 81 0.56 15.21 14.13
N GLY A 82 0.82 16.50 13.95
CA GLY A 82 -0.08 17.52 14.45
C GLY A 82 -1.10 17.95 13.41
N ILE A 83 -1.55 19.20 13.51
CA ILE A 83 -2.56 19.76 12.59
C ILE A 83 -2.13 19.61 11.14
N ARG A 84 -0.81 19.58 10.92
CA ARG A 84 -0.25 19.48 9.58
C ARG A 84 -0.59 18.16 8.90
N GLU A 85 -1.27 17.27 9.64
CA GLU A 85 -1.77 16.02 9.08
C GLU A 85 -2.70 16.31 7.91
N VAL A 86 -3.42 17.42 8.02
CA VAL A 86 -4.34 17.86 6.97
C VAL A 86 -3.59 18.12 5.67
N ASP A 87 -2.45 18.79 5.79
CA ASP A 87 -1.60 19.05 4.63
C ASP A 87 -1.00 17.75 4.12
N CYS A 88 -0.54 16.92 5.04
CA CYS A 88 0.06 15.62 4.74
C CYS A 88 -0.85 14.77 3.84
N ARG A 89 -2.15 14.92 3.99
CA ARG A 89 -3.11 14.15 3.20
C ARG A 89 -2.98 14.47 1.71
N LYS A 90 -2.71 15.74 1.40
CA LYS A 90 -2.59 16.19 0.01
C LYS A 90 -1.26 15.75 -0.60
N ASP A 91 -0.22 15.80 0.23
CA ASP A 91 1.14 15.60 -0.25
C ASP A 91 1.47 14.12 -0.44
N ALA A 92 0.68 13.27 0.19
CA ALA A 92 0.94 11.82 0.24
C ALA A 92 1.08 11.19 -1.16
N GLN A 93 0.18 11.54 -2.08
CA GLN A 93 0.18 10.95 -3.42
C GLN A 93 1.47 11.21 -4.19
N THR A 94 2.25 12.20 -3.77
CA THR A 94 3.53 12.47 -4.41
C THR A 94 4.52 11.34 -4.09
N CYS A 95 4.18 10.55 -3.10
CA CYS A 95 5.01 9.45 -2.64
C CYS A 95 4.46 8.11 -3.16
N ASP A 96 4.04 8.07 -4.42
CA ASP A 96 3.27 6.93 -4.93
C ASP A 96 4.06 5.61 -4.89
N LYS A 97 5.17 5.51 -5.63
CA LYS A 97 6.07 4.38 -5.44
C LYS A 97 7.51 4.83 -5.25
N LYS A 98 8.10 5.35 -6.33
CA LYS A 98 9.51 5.75 -6.33
C LYS A 98 9.71 7.12 -6.97
N TYR A 99 9.10 7.28 -8.14
CA TYR A 99 9.35 8.42 -9.05
C TYR A 99 9.41 9.75 -8.32
N GLU A 100 8.26 10.22 -7.86
CA GLU A 100 8.18 11.50 -7.17
C GLU A 100 8.41 11.33 -5.67
N SER A 101 8.68 10.11 -5.24
CA SER A 101 8.80 9.80 -3.82
C SER A 101 9.99 10.54 -3.20
N ASP A 102 11.15 10.46 -3.85
CA ASP A 102 12.33 11.20 -3.40
C ASP A 102 12.05 12.70 -3.32
N LYS A 103 11.27 13.20 -4.26
CA LYS A 103 10.89 14.61 -4.29
C LYS A 103 9.88 14.88 -3.18
N CYS A 104 8.98 13.93 -3.02
CA CYS A 104 7.91 13.98 -2.02
C CYS A 104 8.48 13.98 -0.61
N LEU A 105 9.55 13.22 -0.40
CA LEU A 105 10.17 13.11 0.92
C LEU A 105 10.72 14.47 1.34
N ASN A 106 11.43 15.11 0.44
CA ASN A 106 11.98 16.44 0.68
C ASN A 106 10.87 17.45 0.97
N ALA A 107 9.68 17.19 0.44
CA ALA A 107 8.53 18.04 0.70
C ALA A 107 7.97 17.70 2.07
N ILE A 108 7.72 16.41 2.27
CA ILE A 108 7.27 15.86 3.55
C ILE A 108 8.12 16.36 4.73
N LYS A 109 9.37 16.71 4.48
CA LYS A 109 10.26 17.16 5.54
C LYS A 109 9.90 18.59 5.93
N GLU A 110 9.71 19.43 4.93
CA GLU A 110 9.40 20.84 5.15
C GLU A 110 7.95 21.02 5.57
N LYS A 111 7.14 19.98 5.38
CA LYS A 111 5.76 20.00 5.87
C LYS A 111 5.77 20.08 7.39
N TYR A 112 6.81 19.50 7.99
CA TYR A 112 6.91 19.45 9.45
C TYR A 112 8.11 20.26 9.94
N LYS A 113 8.59 21.18 9.12
CA LYS A 113 9.71 22.02 9.52
C LYS A 113 9.25 23.03 10.58
N PRO A 114 10.06 23.25 11.62
CA PRO A 114 9.74 24.20 12.69
C PRO A 114 9.72 25.63 12.17
N VAL A 115 8.51 26.15 11.94
CA VAL A 115 8.33 27.48 11.40
C VAL A 115 8.15 28.49 12.52
N VAL A 116 8.22 28.01 13.74
CA VAL A 116 8.13 28.88 14.91
C VAL A 116 9.48 28.98 15.60
N ASP A 117 9.84 30.19 16.00
CA ASP A 117 11.09 30.42 16.70
C ASP A 117 10.84 30.58 18.20
N PRO A 118 11.86 30.29 19.02
CA PRO A 118 11.75 30.36 20.48
C PRO A 118 11.57 31.80 20.99
N ASN A 119 11.40 31.94 22.30
CA ASN A 119 11.21 33.25 22.90
C ASN A 119 12.55 33.97 22.99
N PRO A 120 12.67 35.13 22.34
CA PRO A 120 13.92 35.89 22.30
C PRO A 120 14.40 36.32 23.68
N PRO A 121 15.57 35.83 24.09
CA PRO A 121 16.22 36.21 25.35
C PRO A 121 16.92 37.56 25.24
N ALA A 122 17.47 38.02 26.34
CA ALA A 122 18.20 39.28 26.37
C ALA A 122 19.66 39.02 26.73
N ALA A 1 -21.77 8.82 -9.02
CA ALA A 1 -20.86 7.68 -9.29
C ALA A 1 -21.60 6.37 -9.08
N ASP A 2 -22.14 5.83 -10.16
CA ASP A 2 -22.90 4.58 -10.11
C ASP A 2 -22.47 3.65 -11.24
N VAL A 3 -22.19 2.41 -10.88
CA VAL A 3 -21.73 1.42 -11.84
C VAL A 3 -21.85 0.00 -11.27
N PHE A 4 -22.68 -0.13 -10.22
CA PHE A 4 -22.83 -1.37 -9.43
C PHE A 4 -21.55 -2.20 -9.32
N ASP A 5 -20.91 -2.11 -8.16
CA ASP A 5 -19.64 -2.79 -7.91
C ASP A 5 -19.77 -4.29 -8.09
N PRO A 6 -18.98 -4.86 -9.00
CA PRO A 6 -18.97 -6.31 -9.24
C PRO A 6 -18.49 -7.08 -8.01
N PRO A 7 -19.14 -8.21 -7.69
CA PRO A 7 -18.81 -9.03 -6.52
C PRO A 7 -17.35 -9.47 -6.53
N THR A 8 -16.54 -8.85 -5.69
CA THR A 8 -15.14 -9.19 -5.61
C THR A 8 -14.92 -10.27 -4.55
N GLN A 9 -15.09 -11.52 -4.96
CA GLN A 9 -14.90 -12.65 -4.08
C GLN A 9 -13.62 -13.40 -4.44
N TYR A 10 -12.76 -12.74 -5.20
CA TYR A 10 -11.48 -13.31 -5.59
C TYR A 10 -10.38 -12.72 -4.72
N GLY A 11 -10.09 -11.45 -4.94
CA GLY A 11 -9.07 -10.77 -4.15
C GLY A 11 -9.15 -9.26 -4.32
N TYR A 12 -8.60 -8.75 -5.40
CA TYR A 12 -8.60 -7.32 -5.67
C TYR A 12 -9.66 -6.98 -6.72
N ASP A 13 -9.95 -7.95 -7.59
CA ASP A 13 -10.89 -7.75 -8.68
C ASP A 13 -11.34 -9.12 -9.18
N GLY A 14 -11.51 -9.28 -10.50
CA GLY A 14 -11.94 -10.55 -11.05
C GLY A 14 -10.90 -11.64 -10.90
N LYS A 15 -9.68 -11.25 -10.55
CA LYS A 15 -8.62 -12.21 -10.33
C LYS A 15 -8.06 -12.09 -8.91
N PRO A 16 -7.45 -13.17 -8.41
CA PRO A 16 -6.66 -13.14 -7.18
C PRO A 16 -5.26 -12.59 -7.45
N LEU A 17 -4.48 -12.35 -6.41
CA LEU A 17 -3.14 -11.81 -6.59
C LEU A 17 -2.25 -12.80 -7.35
N ASP A 18 -1.63 -12.32 -8.41
CA ASP A 18 -0.77 -13.14 -9.24
C ASP A 18 0.38 -12.29 -9.78
N ALA A 19 1.43 -12.93 -10.28
CA ALA A 19 2.56 -12.23 -10.84
C ALA A 19 2.13 -11.34 -12.01
N SER A 20 1.06 -11.75 -12.68
CA SER A 20 0.50 -10.99 -13.79
C SER A 20 0.05 -9.60 -13.32
N PHE A 21 -0.43 -9.52 -12.09
CA PHE A 21 -0.89 -8.25 -11.52
C PHE A 21 0.29 -7.35 -11.19
N CYS A 22 1.40 -7.96 -10.77
CA CYS A 22 2.57 -7.22 -10.30
C CYS A 22 3.36 -6.60 -11.45
N ARG A 23 2.87 -6.74 -12.67
CA ARG A 23 3.55 -6.20 -13.84
C ARG A 23 3.64 -4.66 -13.76
N THR A 24 2.66 -4.05 -13.13
CA THR A 24 2.61 -2.60 -13.00
C THR A 24 3.53 -2.12 -11.88
N ALA A 25 3.96 -3.04 -11.04
CA ALA A 25 4.88 -2.73 -9.96
C ALA A 25 6.29 -2.54 -10.51
N GLY A 26 6.55 -3.16 -11.65
CA GLY A 26 7.80 -2.93 -12.35
C GLY A 26 8.96 -3.70 -11.76
N SER A 27 9.76 -3.01 -10.96
CA SER A 27 10.98 -3.59 -10.40
C SER A 27 10.67 -4.79 -9.52
N ARG A 28 9.67 -4.66 -8.67
CA ARG A 28 9.35 -5.69 -7.70
C ARG A 28 8.46 -6.77 -8.31
N GLU A 29 8.30 -6.75 -9.62
CA GLU A 29 7.67 -7.87 -10.33
C GLU A 29 8.64 -9.05 -10.29
N LYS A 30 9.92 -8.70 -10.28
CA LYS A 30 11.00 -9.67 -10.22
C LYS A 30 10.87 -10.50 -8.95
N ASP A 31 10.43 -9.84 -7.90
CA ASP A 31 10.23 -10.46 -6.62
C ASP A 31 8.88 -11.15 -6.55
N CYS A 32 7.83 -10.43 -6.97
CA CYS A 32 6.47 -10.92 -6.89
C CYS A 32 6.30 -12.27 -7.60
N ARG A 33 6.93 -12.42 -8.77
CA ARG A 33 6.78 -13.64 -9.55
C ARG A 33 7.33 -14.85 -8.79
N LYS A 34 8.35 -14.62 -7.98
CA LYS A 34 8.93 -15.66 -7.15
C LYS A 34 8.04 -15.95 -5.94
N ASP A 35 7.54 -14.90 -5.30
CA ASP A 35 6.78 -15.04 -4.07
C ASP A 35 5.41 -15.65 -4.31
N VAL A 36 4.77 -15.26 -5.41
CA VAL A 36 3.41 -15.69 -5.69
C VAL A 36 3.36 -17.20 -5.99
N GLN A 37 4.35 -17.68 -6.74
CA GLN A 37 4.41 -19.09 -7.10
C GLN A 37 4.94 -19.92 -5.94
N ALA A 38 5.65 -19.27 -5.03
CA ALA A 38 6.15 -19.91 -3.82
C ALA A 38 5.12 -19.79 -2.70
N CYS A 39 3.90 -19.46 -3.08
CA CYS A 39 2.81 -19.35 -2.12
C CYS A 39 1.62 -20.18 -2.62
N ASP A 40 1.49 -21.39 -2.10
CA ASP A 40 0.52 -22.35 -2.62
C ASP A 40 -0.91 -21.94 -2.25
N LYS A 41 -1.15 -21.68 -0.97
CA LYS A 41 -2.46 -21.25 -0.54
C LYS A 41 -2.43 -19.75 -0.22
N LYS A 42 -2.83 -18.97 -1.20
CA LYS A 42 -2.84 -17.52 -1.06
C LYS A 42 -4.22 -17.06 -0.60
N TYR A 43 -5.12 -18.00 -0.47
CA TYR A 43 -6.43 -17.74 0.09
C TYR A 43 -6.89 -18.94 0.90
N ASP A 44 -7.48 -18.67 2.05
CA ASP A 44 -7.90 -19.73 2.94
C ASP A 44 -9.26 -20.28 2.53
N ASP A 45 -9.79 -21.18 3.34
CA ASP A 45 -11.02 -21.88 3.00
C ASP A 45 -12.22 -20.95 3.12
N GLN A 46 -12.26 -20.19 4.23
CA GLN A 46 -13.26 -19.15 4.39
C GLN A 46 -13.00 -17.97 3.44
N GLY A 47 -12.03 -18.12 2.55
CA GLY A 47 -11.74 -17.09 1.58
C GLY A 47 -11.04 -15.90 2.21
N ARG A 48 -10.17 -16.16 3.18
CA ARG A 48 -9.46 -15.10 3.87
C ARG A 48 -8.00 -15.06 3.42
N GLU A 49 -7.33 -13.94 3.67
CA GLU A 49 -5.94 -13.78 3.28
C GLU A 49 -5.03 -14.41 4.31
N THR A 50 -3.99 -15.10 3.84
CA THR A 50 -3.00 -15.66 4.72
C THR A 50 -1.90 -14.63 5.00
N ALA A 51 -0.95 -14.96 5.87
CA ALA A 51 0.16 -14.07 6.14
C ALA A 51 1.02 -13.89 4.91
N CYS A 52 1.11 -14.96 4.12
CA CYS A 52 1.85 -14.94 2.87
C CYS A 52 1.12 -14.08 1.85
N ALA A 53 -0.17 -14.34 1.70
CA ALA A 53 -1.01 -13.57 0.80
C ALA A 53 -0.96 -12.07 1.08
N LYS A 54 -0.88 -11.72 2.35
CA LYS A 54 -0.88 -10.32 2.74
C LYS A 54 0.53 -9.76 2.59
N GLY A 55 1.51 -10.66 2.63
CA GLY A 55 2.90 -10.26 2.55
C GLY A 55 3.25 -9.82 1.15
N ILE A 56 2.64 -10.46 0.18
CA ILE A 56 2.78 -10.06 -1.20
C ILE A 56 2.00 -8.77 -1.41
N ARG A 57 0.79 -8.75 -0.85
CA ARG A 57 -0.08 -7.58 -0.89
C ARG A 57 0.64 -6.33 -0.37
N GLU A 58 1.34 -6.46 0.75
CA GLU A 58 2.00 -5.32 1.38
C GLU A 58 3.22 -4.84 0.59
N LYS A 59 4.02 -5.77 0.09
CA LYS A 59 5.26 -5.42 -0.59
C LYS A 59 5.02 -4.95 -2.01
N TYR A 60 4.12 -5.62 -2.71
CA TYR A 60 3.97 -5.41 -4.14
C TYR A 60 2.59 -4.82 -4.47
N LYS A 61 2.07 -4.04 -3.54
CA LYS A 61 0.76 -3.40 -3.73
C LYS A 61 0.81 -2.34 -4.82
N PRO A 62 -0.34 -2.05 -5.45
CA PRO A 62 -0.47 -0.90 -6.34
C PRO A 62 -0.46 0.39 -5.53
N ALA A 63 -0.18 1.51 -6.20
CA ALA A 63 -0.13 2.79 -5.52
C ALA A 63 -1.53 3.26 -5.14
N VAL A 64 -1.92 2.95 -3.92
CA VAL A 64 -3.21 3.34 -3.37
C VAL A 64 -3.04 3.66 -1.88
N VAL A 65 -3.95 4.47 -1.33
CA VAL A 65 -3.83 4.91 0.05
C VAL A 65 -4.42 3.90 1.04
N TYR A 66 -3.55 3.32 1.85
CA TYR A 66 -3.95 2.43 2.94
C TYR A 66 -3.27 2.85 4.22
N GLY A 67 -3.57 2.14 5.31
CA GLY A 67 -2.91 2.39 6.56
C GLY A 67 -1.68 1.52 6.75
N TYR A 68 -1.04 1.62 7.91
CA TYR A 68 0.15 0.84 8.18
C TYR A 68 -0.22 -0.62 8.50
N ASP A 69 -1.53 -0.86 8.58
CA ASP A 69 -2.04 -2.20 8.81
C ASP A 69 -2.22 -2.93 7.48
N GLY A 70 -2.14 -2.18 6.38
CA GLY A 70 -2.44 -2.75 5.07
C GLY A 70 -3.93 -2.89 4.89
N LYS A 71 -4.67 -1.97 5.48
CA LYS A 71 -6.12 -1.99 5.47
C LYS A 71 -6.62 -0.58 5.18
N PRO A 72 -7.79 -0.41 4.55
CA PRO A 72 -8.33 0.91 4.22
C PRO A 72 -8.62 1.80 5.44
N LEU A 73 -7.59 2.51 5.90
CA LEU A 73 -7.76 3.63 6.82
C LEU A 73 -6.67 4.66 6.54
N ASP A 74 -7.06 5.91 6.35
CA ASP A 74 -6.14 6.94 5.91
C ASP A 74 -5.80 7.94 7.02
N LEU A 75 -4.85 7.53 7.87
CA LEU A 75 -4.33 8.41 8.92
C LEU A 75 -3.16 7.75 9.66
N GLY A 76 -2.64 6.67 9.11
CA GLY A 76 -1.77 5.77 9.87
C GLY A 76 -0.64 6.46 10.60
N PHE A 77 0.10 7.30 9.90
CA PHE A 77 1.27 7.96 10.47
C PHE A 77 0.97 9.42 10.79
N CYS A 78 -0.21 9.86 10.41
CA CYS A 78 -0.54 11.27 10.46
C CYS A 78 -1.07 11.68 11.82
N THR A 79 -1.50 10.71 12.62
CA THR A 79 -2.07 10.97 13.94
C THR A 79 -1.08 11.72 14.86
N LEU A 80 0.19 11.74 14.47
CA LEU A 80 1.23 12.41 15.25
C LEU A 80 1.18 13.92 15.04
N ALA A 81 0.41 14.37 14.05
CA ALA A 81 0.44 15.77 13.65
C ALA A 81 -0.69 16.59 14.28
N GLY A 82 -1.93 16.14 14.10
CA GLY A 82 -3.06 16.87 14.63
C GLY A 82 -3.65 17.82 13.61
N ILE A 83 -3.01 18.97 13.44
CA ILE A 83 -3.48 20.00 12.52
C ILE A 83 -3.06 19.67 11.08
N ARG A 84 -1.78 19.44 10.88
CA ARG A 84 -1.22 19.26 9.55
C ARG A 84 -1.42 17.84 9.02
N GLU A 85 -2.08 16.98 9.79
CA GLU A 85 -2.33 15.62 9.35
C GLU A 85 -3.42 15.59 8.29
N VAL A 86 -4.37 16.51 8.38
CA VAL A 86 -5.40 16.64 7.36
C VAL A 86 -4.76 16.84 5.99
N ASP A 87 -3.61 17.50 5.99
CA ASP A 87 -2.88 17.80 4.77
C ASP A 87 -2.15 16.56 4.22
N CYS A 88 -1.64 15.72 5.10
CA CYS A 88 -0.87 14.52 4.71
C CYS A 88 -1.64 13.65 3.70
N ARG A 89 -2.97 13.65 3.81
CA ARG A 89 -3.82 12.75 3.04
C ARG A 89 -3.63 12.93 1.54
N LYS A 90 -3.42 14.17 1.13
CA LYS A 90 -3.23 14.49 -0.28
C LYS A 90 -1.84 14.09 -0.75
N ASP A 91 -0.87 14.48 0.05
CA ASP A 91 0.54 14.45 -0.36
C ASP A 91 1.17 13.07 -0.24
N ALA A 92 0.61 12.24 0.64
CA ALA A 92 1.18 10.92 0.93
C ALA A 92 1.28 10.03 -0.31
N GLN A 93 0.26 10.11 -1.16
CA GLN A 93 0.18 9.22 -2.34
C GLN A 93 1.26 9.53 -3.38
N THR A 94 1.84 10.73 -3.29
CA THR A 94 2.87 11.15 -4.24
C THR A 94 4.02 10.15 -4.28
N CYS A 95 4.33 9.60 -3.11
CA CYS A 95 5.37 8.57 -2.96
C CYS A 95 4.93 7.22 -3.53
N ASP A 96 4.33 7.22 -4.72
CA ASP A 96 3.59 6.04 -5.19
C ASP A 96 4.50 4.82 -5.44
N LYS A 97 5.45 4.89 -6.37
CA LYS A 97 6.42 3.82 -6.49
C LYS A 97 7.87 4.30 -6.62
N LYS A 98 8.19 4.96 -7.74
CA LYS A 98 9.58 5.30 -8.05
C LYS A 98 9.74 6.76 -8.48
N TYR A 99 9.20 7.07 -9.66
CA TYR A 99 9.44 8.35 -10.32
C TYR A 99 9.03 9.53 -9.44
N GLU A 100 7.80 9.51 -8.97
CA GLU A 100 7.27 10.64 -8.23
C GLU A 100 7.66 10.54 -6.75
N SER A 101 8.34 9.47 -6.38
CA SER A 101 8.78 9.28 -5.02
C SER A 101 9.78 10.38 -4.62
N ASP A 102 10.80 10.59 -5.44
CA ASP A 102 11.75 11.69 -5.23
C ASP A 102 11.04 13.03 -5.09
N LYS A 103 10.02 13.24 -5.93
CA LYS A 103 9.20 14.46 -5.85
C LYS A 103 8.48 14.52 -4.50
N CYS A 104 8.01 13.38 -4.06
CA CYS A 104 7.26 13.25 -2.84
C CYS A 104 8.14 13.46 -1.61
N LEU A 105 9.38 12.97 -1.68
CA LEU A 105 10.30 13.05 -0.56
C LEU A 105 10.50 14.50 -0.17
N ASN A 106 10.82 15.31 -1.16
CA ASN A 106 10.97 16.75 -0.98
C ASN A 106 9.70 17.39 -0.43
N ALA A 107 8.55 16.84 -0.79
CA ALA A 107 7.27 17.43 -0.39
C ALA A 107 6.98 17.07 1.05
N ILE A 108 7.04 15.77 1.33
CA ILE A 108 6.75 15.22 2.65
C ILE A 108 7.48 15.99 3.76
N LYS A 109 8.73 16.38 3.53
CA LYS A 109 9.50 17.02 4.58
C LYS A 109 9.11 18.49 4.75
N GLU A 110 8.78 19.16 3.63
CA GLU A 110 8.42 20.58 3.66
C GLU A 110 7.00 20.74 4.18
N LYS A 111 6.19 19.70 4.02
CA LYS A 111 4.81 19.70 4.49
C LYS A 111 4.77 19.68 6.01
N TYR A 112 5.62 18.86 6.61
CA TYR A 112 5.67 18.73 8.06
C TYR A 112 6.77 19.62 8.63
N LYS A 113 7.13 20.64 7.89
CA LYS A 113 8.16 21.58 8.31
C LYS A 113 7.66 22.43 9.47
N PRO A 114 8.52 22.73 10.45
CA PRO A 114 8.18 23.58 11.59
C PRO A 114 8.19 25.06 11.20
N VAL A 115 7.41 25.39 10.19
CA VAL A 115 7.40 26.74 9.62
C VAL A 115 6.79 27.74 10.60
N VAL A 116 5.95 27.23 11.50
CA VAL A 116 5.31 28.07 12.50
C VAL A 116 6.35 28.61 13.48
N ASP A 117 6.29 29.90 13.77
CA ASP A 117 7.23 30.54 14.67
C ASP A 117 6.93 30.15 16.12
N PRO A 118 7.89 30.38 17.04
CA PRO A 118 7.75 30.03 18.46
C PRO A 118 6.40 30.44 19.06
N ASN A 119 5.91 29.64 19.99
CA ASN A 119 4.64 29.89 20.65
C ASN A 119 4.70 31.20 21.45
N PRO A 120 3.55 31.88 21.61
CA PRO A 120 3.48 33.11 22.40
C PRO A 120 3.98 32.91 23.84
N PRO A 121 4.65 33.92 24.40
CA PRO A 121 5.24 33.83 25.74
C PRO A 121 4.19 33.81 26.84
N ALA A 122 4.60 33.39 28.02
CA ALA A 122 3.71 33.37 29.17
C ALA A 122 4.15 34.41 30.19
N ALA A 1 -11.76 5.99 -23.64
CA ALA A 1 -10.88 4.82 -23.43
C ALA A 1 -11.67 3.52 -23.52
N ASP A 2 -11.55 2.82 -24.63
CA ASP A 2 -12.25 1.56 -24.83
C ASP A 2 -11.38 0.40 -24.41
N VAL A 3 -11.83 -0.34 -23.41
CA VAL A 3 -11.12 -1.52 -22.94
C VAL A 3 -11.99 -2.33 -21.99
N PHE A 4 -12.09 -3.62 -22.25
CA PHE A 4 -12.85 -4.51 -21.38
C PHE A 4 -11.90 -5.31 -20.50
N ASP A 5 -12.12 -5.22 -19.21
CA ASP A 5 -11.30 -5.95 -18.24
C ASP A 5 -11.57 -7.44 -18.36
N PRO A 6 -10.51 -8.25 -18.55
CA PRO A 6 -10.64 -9.70 -18.68
C PRO A 6 -11.40 -10.30 -17.49
N PRO A 7 -12.49 -11.03 -17.80
CA PRO A 7 -13.34 -11.66 -16.78
C PRO A 7 -12.56 -12.53 -15.82
N THR A 8 -12.90 -12.47 -14.55
CA THR A 8 -12.22 -13.24 -13.52
C THR A 8 -13.21 -13.58 -12.40
N GLN A 9 -12.95 -14.67 -11.69
CA GLN A 9 -13.78 -15.03 -10.55
C GLN A 9 -13.18 -14.40 -9.28
N TYR A 10 -13.78 -13.32 -8.83
CA TYR A 10 -13.21 -12.55 -7.75
C TYR A 10 -14.25 -12.24 -6.67
N GLY A 11 -13.78 -12.18 -5.44
CA GLY A 11 -14.59 -11.70 -4.34
C GLY A 11 -13.90 -10.54 -3.66
N TYR A 12 -13.03 -9.89 -4.42
CA TYR A 12 -12.20 -8.82 -3.91
C TYR A 12 -12.13 -7.72 -4.96
N ASP A 13 -11.45 -6.63 -4.66
CA ASP A 13 -11.34 -5.52 -5.59
C ASP A 13 -10.37 -5.83 -6.72
N GLY A 14 -10.90 -6.41 -7.79
CA GLY A 14 -10.09 -6.67 -8.97
C GLY A 14 -9.96 -8.15 -9.26
N LYS A 15 -8.79 -8.70 -8.97
CA LYS A 15 -8.47 -10.09 -9.25
C LYS A 15 -7.77 -10.70 -8.05
N PRO A 16 -7.59 -12.04 -8.02
CA PRO A 16 -6.76 -12.69 -7.01
C PRO A 16 -5.33 -12.17 -7.08
N LEU A 17 -4.72 -11.97 -5.92
CA LEU A 17 -3.37 -11.41 -5.83
C LEU A 17 -2.38 -12.24 -6.63
N ASP A 18 -1.91 -11.68 -7.74
CA ASP A 18 -0.95 -12.37 -8.59
C ASP A 18 0.02 -11.37 -9.22
N ALA A 19 0.83 -11.84 -10.16
CA ALA A 19 1.88 -11.02 -10.78
C ALA A 19 1.29 -9.91 -11.64
N SER A 20 0.05 -10.10 -12.08
CA SER A 20 -0.63 -9.15 -12.95
C SER A 20 -0.61 -7.73 -12.38
N PHE A 21 -0.80 -7.61 -11.07
CA PHE A 21 -0.80 -6.31 -10.40
C PHE A 21 0.61 -5.73 -10.35
N CYS A 22 1.60 -6.61 -10.33
CA CYS A 22 2.98 -6.21 -10.13
C CYS A 22 3.68 -5.87 -11.45
N ARG A 23 2.95 -5.95 -12.55
CA ARG A 23 3.51 -5.63 -13.86
C ARG A 23 3.93 -4.16 -13.91
N THR A 24 3.09 -3.32 -13.33
CA THR A 24 3.30 -1.89 -13.33
C THR A 24 4.40 -1.49 -12.34
N ALA A 25 4.76 -2.42 -11.46
CA ALA A 25 5.80 -2.16 -10.48
C ALA A 25 7.18 -2.18 -11.13
N GLY A 26 7.37 -3.12 -12.04
CA GLY A 26 8.63 -3.21 -12.77
C GLY A 26 9.79 -3.69 -11.91
N SER A 27 10.28 -2.80 -11.05
CA SER A 27 11.43 -3.09 -10.19
C SER A 27 11.10 -4.15 -9.14
N ARG A 28 9.83 -4.54 -9.06
CA ARG A 28 9.38 -5.53 -8.10
C ARG A 28 8.56 -6.62 -8.80
N GLU A 29 8.60 -6.61 -10.14
CA GLU A 29 7.83 -7.58 -10.93
C GLU A 29 8.41 -8.98 -10.79
N LYS A 30 9.75 -9.08 -10.88
CA LYS A 30 10.43 -10.36 -10.82
C LYS A 30 10.25 -10.98 -9.45
N ASP A 31 10.34 -10.13 -8.43
CA ASP A 31 10.10 -10.55 -7.05
C ASP A 31 8.70 -11.10 -6.91
N CYS A 32 7.74 -10.32 -7.38
CA CYS A 32 6.34 -10.66 -7.26
C CYS A 32 6.01 -11.96 -8.00
N ARG A 33 6.50 -12.09 -9.23
CA ARG A 33 6.16 -13.26 -10.03
C ARG A 33 6.76 -14.53 -9.43
N LYS A 34 7.92 -14.41 -8.82
CA LYS A 34 8.58 -15.56 -8.22
C LYS A 34 7.90 -15.92 -6.91
N ASP A 35 7.70 -14.92 -6.06
CA ASP A 35 7.21 -15.14 -4.70
C ASP A 35 5.75 -15.60 -4.69
N VAL A 36 4.94 -15.02 -5.55
CA VAL A 36 3.50 -15.31 -5.55
C VAL A 36 3.22 -16.70 -6.15
N GLN A 37 3.96 -17.09 -7.19
CA GLN A 37 3.71 -18.37 -7.82
C GLN A 37 4.23 -19.51 -6.95
N ALA A 38 5.25 -19.21 -6.16
CA ALA A 38 5.77 -20.17 -5.19
C ALA A 38 4.82 -20.31 -4.01
N CYS A 39 3.86 -19.41 -3.94
CA CYS A 39 2.86 -19.42 -2.89
C CYS A 39 1.56 -20.04 -3.42
N ASP A 40 1.33 -21.29 -3.08
CA ASP A 40 0.18 -22.02 -3.60
C ASP A 40 -1.12 -21.55 -2.98
N LYS A 41 -1.18 -21.50 -1.66
CA LYS A 41 -2.38 -21.11 -0.98
C LYS A 41 -2.39 -19.60 -0.78
N LYS A 42 -2.86 -18.87 -1.79
CA LYS A 42 -2.93 -17.42 -1.71
C LYS A 42 -4.23 -16.98 -1.04
N TYR A 43 -5.12 -17.94 -0.82
CA TYR A 43 -6.37 -17.69 -0.11
C TYR A 43 -6.74 -18.91 0.72
N ASP A 44 -7.23 -18.67 1.91
CA ASP A 44 -7.58 -19.76 2.81
C ASP A 44 -9.02 -20.21 2.57
N ASP A 45 -9.45 -21.23 3.30
CA ASP A 45 -10.76 -21.85 3.09
C ASP A 45 -11.89 -20.93 3.54
N GLN A 46 -11.55 -19.94 4.35
CA GLN A 46 -12.54 -18.99 4.84
C GLN A 46 -12.64 -17.78 3.90
N GLY A 47 -11.73 -17.69 2.94
CA GLY A 47 -11.77 -16.62 1.97
C GLY A 47 -10.96 -15.40 2.40
N ARG A 48 -9.94 -15.63 3.22
CA ARG A 48 -9.06 -14.58 3.67
C ARG A 48 -7.65 -14.88 3.18
N GLU A 49 -6.74 -13.92 3.29
CA GLU A 49 -5.36 -14.12 2.88
C GLU A 49 -4.62 -14.96 3.93
N THR A 50 -3.71 -15.80 3.46
CA THR A 50 -2.88 -16.60 4.34
C THR A 50 -1.71 -15.75 4.85
N ALA A 51 -0.81 -16.36 5.61
CA ALA A 51 0.35 -15.64 6.12
C ALA A 51 1.24 -15.21 4.95
N CYS A 52 1.45 -16.14 4.02
CA CYS A 52 2.23 -15.88 2.83
C CYS A 52 1.52 -14.86 1.94
N ALA A 53 0.23 -15.08 1.71
CA ALA A 53 -0.57 -14.21 0.86
C ALA A 53 -0.67 -12.80 1.41
N LYS A 54 -0.63 -12.65 2.72
CA LYS A 54 -0.79 -11.34 3.33
C LYS A 54 0.54 -10.60 3.25
N GLY A 55 1.61 -11.36 3.15
CA GLY A 55 2.92 -10.77 2.94
C GLY A 55 3.00 -10.04 1.62
N ILE A 56 2.25 -10.53 0.63
CA ILE A 56 2.31 -9.99 -0.72
C ILE A 56 1.70 -8.59 -0.77
N ARG A 57 0.50 -8.47 -0.21
CA ARG A 57 -0.22 -7.19 -0.17
C ARG A 57 0.57 -6.13 0.60
N GLU A 58 1.43 -6.55 1.51
CA GLU A 58 2.24 -5.63 2.28
C GLU A 58 3.55 -5.30 1.56
N LYS A 59 4.19 -6.32 0.96
CA LYS A 59 5.45 -6.13 0.25
C LYS A 59 5.30 -5.16 -0.91
N TYR A 60 4.34 -5.45 -1.79
CA TYR A 60 4.22 -4.76 -3.05
C TYR A 60 3.11 -3.72 -2.99
N LYS A 61 2.91 -3.16 -1.82
CA LYS A 61 1.87 -2.16 -1.60
C LYS A 61 2.16 -0.89 -2.41
N PRO A 62 1.25 -0.53 -3.34
CA PRO A 62 1.43 0.61 -4.24
C PRO A 62 1.01 1.94 -3.61
N ALA A 63 1.07 3.02 -4.39
CA ALA A 63 0.65 4.33 -3.91
C ALA A 63 -0.86 4.44 -3.88
N VAL A 64 -1.40 4.14 -2.72
CA VAL A 64 -2.81 4.28 -2.44
C VAL A 64 -2.96 4.57 -0.96
N VAL A 65 -4.06 5.16 -0.55
CA VAL A 65 -4.21 5.52 0.85
C VAL A 65 -4.34 4.25 1.69
N TYR A 66 -3.25 3.93 2.37
CA TYR A 66 -3.12 2.73 3.16
C TYR A 66 -2.36 3.05 4.43
N GLY A 67 -2.39 2.13 5.37
CA GLY A 67 -1.56 2.27 6.54
C GLY A 67 -0.21 1.64 6.31
N TYR A 68 0.84 2.29 6.83
CA TYR A 68 2.19 1.75 6.69
C TYR A 68 2.34 0.46 7.48
N ASP A 69 1.35 0.18 8.31
CA ASP A 69 1.31 -1.04 9.10
C ASP A 69 0.63 -2.14 8.31
N GLY A 70 0.26 -1.82 7.08
CA GLY A 70 -0.25 -2.83 6.16
C GLY A 70 -1.75 -2.79 5.97
N LYS A 71 -2.46 -2.14 6.87
CA LYS A 71 -3.93 -2.13 6.84
C LYS A 71 -4.45 -1.20 5.73
N PRO A 72 -5.56 -1.60 5.09
CA PRO A 72 -6.17 -0.84 3.98
C PRO A 72 -6.98 0.36 4.46
N LEU A 73 -6.44 1.10 5.41
CA LEU A 73 -7.13 2.26 5.94
C LEU A 73 -6.39 3.54 5.60
N ASP A 74 -7.14 4.60 5.35
CA ASP A 74 -6.55 5.90 5.06
C ASP A 74 -6.44 6.72 6.34
N LEU A 75 -5.81 7.89 6.22
CA LEU A 75 -5.60 8.79 7.36
C LEU A 75 -4.68 8.18 8.41
N GLY A 76 -3.90 7.16 8.01
CA GLY A 76 -3.00 6.50 8.93
C GLY A 76 -2.04 7.45 9.61
N PHE A 77 -1.44 8.34 8.83
CA PHE A 77 -0.52 9.34 9.35
C PHE A 77 -1.22 10.71 9.44
N CYS A 78 -2.50 10.73 9.12
CA CYS A 78 -3.22 12.00 8.97
C CYS A 78 -4.30 12.18 10.05
N THR A 79 -4.66 11.10 10.71
CA THR A 79 -5.74 11.14 11.71
C THR A 79 -5.43 12.12 12.84
N LEU A 80 -4.14 12.30 13.13
CA LEU A 80 -3.72 13.21 14.18
C LEU A 80 -3.59 14.66 13.67
N ALA A 81 -3.80 14.84 12.36
CA ALA A 81 -3.56 16.15 11.75
C ALA A 81 -4.77 16.60 10.94
N GLY A 82 -5.61 17.43 11.55
CA GLY A 82 -6.79 17.92 10.88
C GLY A 82 -6.48 18.79 9.67
N ILE A 83 -5.51 19.69 9.82
CA ILE A 83 -5.16 20.60 8.75
C ILE A 83 -4.38 19.88 7.65
N ARG A 84 -3.45 19.03 8.07
CA ARG A 84 -2.58 18.33 7.14
C ARG A 84 -3.30 17.16 6.46
N GLU A 85 -4.46 16.78 6.98
CA GLU A 85 -5.28 15.72 6.37
C GLU A 85 -5.61 16.07 4.93
N VAL A 86 -5.93 17.35 4.71
CA VAL A 86 -6.28 17.86 3.39
C VAL A 86 -5.18 17.53 2.38
N ASP A 87 -3.96 17.89 2.74
CA ASP A 87 -2.82 17.75 1.82
C ASP A 87 -2.38 16.30 1.70
N CYS A 88 -2.12 15.65 2.83
CA CYS A 88 -1.45 14.35 2.84
C CYS A 88 -2.12 13.31 1.94
N ARG A 89 -3.45 13.24 1.94
CA ARG A 89 -4.14 12.23 1.15
C ARG A 89 -4.03 12.56 -0.35
N LYS A 90 -3.99 13.85 -0.66
CA LYS A 90 -3.82 14.32 -2.02
C LYS A 90 -2.36 14.17 -2.47
N ASP A 91 -1.45 14.44 -1.54
CA ASP A 91 -0.02 14.48 -1.84
C ASP A 91 0.58 13.10 -1.98
N ALA A 92 0.22 12.21 -1.06
CA ALA A 92 0.84 10.88 -0.99
C ALA A 92 0.73 10.11 -2.30
N GLN A 93 -0.33 10.34 -3.05
CA GLN A 93 -0.59 9.63 -4.30
C GLN A 93 0.52 9.79 -5.35
N THR A 94 1.31 10.86 -5.29
CA THR A 94 2.37 11.03 -6.26
C THR A 94 3.53 10.09 -5.96
N CYS A 95 3.50 9.52 -4.77
CA CYS A 95 4.47 8.49 -4.33
C CYS A 95 4.22 7.15 -5.05
N ASP A 96 3.96 7.19 -6.37
CA ASP A 96 3.36 6.05 -7.07
C ASP A 96 4.11 4.72 -6.85
N LYS A 97 5.37 4.63 -7.25
CA LYS A 97 6.21 3.53 -6.75
C LYS A 97 7.56 4.03 -6.26
N LYS A 98 8.39 4.51 -7.18
CA LYS A 98 9.76 4.90 -6.86
C LYS A 98 10.13 6.29 -7.39
N TYR A 99 10.12 6.43 -8.71
CA TYR A 99 10.63 7.65 -9.37
C TYR A 99 9.95 8.91 -8.83
N GLU A 100 8.63 8.92 -8.88
CA GLU A 100 7.89 10.10 -8.46
C GLU A 100 7.73 10.14 -6.94
N SER A 101 8.27 9.14 -6.26
CA SER A 101 8.21 9.09 -4.81
C SER A 101 9.25 10.02 -4.23
N ASP A 102 10.39 10.14 -4.90
CA ASP A 102 11.40 11.12 -4.52
C ASP A 102 10.83 12.53 -4.60
N LYS A 103 10.17 12.83 -5.71
CA LYS A 103 9.45 14.09 -5.88
C LYS A 103 8.39 14.24 -4.80
N CYS A 104 7.72 13.14 -4.53
CA CYS A 104 6.66 13.06 -3.54
C CYS A 104 7.18 13.37 -2.15
N LEU A 105 8.35 12.83 -1.82
CA LEU A 105 8.94 13.01 -0.49
C LEU A 105 9.25 14.49 -0.28
N ASN A 106 9.81 15.12 -1.31
CA ASN A 106 10.11 16.55 -1.27
C ASN A 106 8.87 17.35 -0.89
N ALA A 107 7.70 16.92 -1.36
CA ALA A 107 6.46 17.61 -1.06
C ALA A 107 5.97 17.25 0.34
N ILE A 108 5.91 15.94 0.57
CA ILE A 108 5.48 15.39 1.86
C ILE A 108 6.26 15.94 3.05
N LYS A 109 7.55 16.23 2.86
CA LYS A 109 8.39 16.61 3.99
C LYS A 109 8.10 18.05 4.42
N GLU A 110 7.88 18.94 3.45
CA GLU A 110 7.59 20.35 3.75
C GLU A 110 6.19 20.51 4.32
N LYS A 111 5.38 19.46 4.24
CA LYS A 111 4.05 19.47 4.84
C LYS A 111 4.13 19.33 6.35
N TYR A 112 5.26 18.83 6.83
CA TYR A 112 5.51 18.78 8.26
C TYR A 112 6.50 19.87 8.68
N LYS A 113 6.81 20.73 7.71
CA LYS A 113 7.72 21.84 7.94
C LYS A 113 6.93 23.12 8.22
N PRO A 114 7.18 23.77 9.36
CA PRO A 114 6.57 25.05 9.68
C PRO A 114 7.07 26.17 8.76
N VAL A 115 6.24 26.59 7.81
CA VAL A 115 6.62 27.63 6.88
C VAL A 115 6.02 28.97 7.28
N VAL A 116 5.39 28.99 8.44
CA VAL A 116 4.75 30.19 8.96
C VAL A 116 5.77 31.06 9.70
N ASP A 117 5.76 32.35 9.39
CA ASP A 117 6.61 33.30 10.07
C ASP A 117 5.91 33.75 11.35
N PRO A 118 6.63 33.77 12.48
CA PRO A 118 6.08 34.08 13.81
C PRO A 118 5.03 35.21 13.78
N ASN A 119 3.93 34.99 14.51
CA ASN A 119 2.82 35.93 14.54
C ASN A 119 3.27 37.33 14.98
N PRO A 120 2.72 38.37 14.35
CA PRO A 120 2.99 39.76 14.73
C PRO A 120 2.32 40.11 16.05
N PRO A 121 2.79 41.16 16.73
CA PRO A 121 2.20 41.62 17.98
C PRO A 121 0.94 42.43 17.75
N ALA A 122 -0.01 42.32 18.65
CA ALA A 122 -1.24 43.09 18.56
C ALA A 122 -1.22 44.20 19.61
N ALA A 1 -19.38 -32.96 -16.53
CA ALA A 1 -19.42 -33.65 -17.84
C ALA A 1 -18.03 -33.67 -18.46
N ASP A 2 -17.62 -32.53 -19.03
CA ASP A 2 -16.29 -32.39 -19.59
C ASP A 2 -15.86 -30.94 -19.49
N VAL A 3 -14.86 -30.69 -18.66
CA VAL A 3 -14.37 -29.34 -18.38
C VAL A 3 -15.37 -28.55 -17.54
N PHE A 4 -14.87 -27.94 -16.47
CA PHE A 4 -15.70 -27.09 -15.63
C PHE A 4 -15.04 -25.74 -15.48
N ASP A 5 -15.71 -24.81 -14.83
CA ASP A 5 -15.16 -23.47 -14.62
C ASP A 5 -14.05 -23.51 -13.57
N PRO A 6 -12.97 -22.75 -13.81
CA PRO A 6 -11.79 -22.75 -12.93
C PRO A 6 -12.13 -22.50 -11.46
N PRO A 7 -11.29 -23.06 -10.55
CA PRO A 7 -11.47 -22.93 -9.11
C PRO A 7 -11.84 -21.53 -8.66
N THR A 8 -12.85 -21.44 -7.81
CA THR A 8 -13.41 -20.17 -7.40
C THR A 8 -12.71 -19.64 -6.13
N GLN A 9 -11.40 -19.50 -6.21
CA GLN A 9 -10.62 -18.99 -5.08
C GLN A 9 -9.95 -17.67 -5.46
N TYR A 10 -10.60 -16.57 -5.08
CA TYR A 10 -10.06 -15.24 -5.33
C TYR A 10 -10.53 -14.29 -4.23
N GLY A 11 -9.74 -13.26 -3.95
CA GLY A 11 -10.07 -12.36 -2.86
C GLY A 11 -9.73 -10.92 -3.13
N TYR A 12 -10.00 -10.44 -4.34
CA TYR A 12 -9.86 -9.02 -4.65
C TYR A 12 -10.49 -8.70 -6.01
N ASP A 13 -10.44 -9.66 -6.93
CA ASP A 13 -11.03 -9.50 -8.24
C ASP A 13 -11.60 -10.85 -8.70
N GLY A 14 -11.74 -11.05 -10.00
CA GLY A 14 -12.25 -12.29 -10.51
C GLY A 14 -11.20 -13.38 -10.57
N LYS A 15 -9.98 -13.00 -10.24
CA LYS A 15 -8.86 -13.93 -10.18
C LYS A 15 -8.08 -13.71 -8.89
N PRO A 16 -7.35 -14.74 -8.41
CA PRO A 16 -6.51 -14.63 -7.23
C PRO A 16 -5.28 -13.77 -7.50
N LEU A 17 -4.64 -13.28 -6.43
CA LEU A 17 -3.45 -12.47 -6.57
C LEU A 17 -2.29 -13.31 -7.12
N ASP A 18 -1.79 -12.91 -8.28
CA ASP A 18 -0.70 -13.64 -8.91
C ASP A 18 0.22 -12.67 -9.65
N ALA A 19 1.16 -13.21 -10.42
CA ALA A 19 2.14 -12.40 -11.14
C ALA A 19 1.47 -11.56 -12.22
N SER A 20 0.29 -11.99 -12.64
CA SER A 20 -0.45 -11.31 -13.70
C SER A 20 -0.64 -9.82 -13.39
N PHE A 21 -0.85 -9.50 -12.12
CA PHE A 21 -1.05 -8.12 -11.69
C PHE A 21 0.26 -7.34 -11.75
N CYS A 22 1.36 -8.01 -11.52
CA CYS A 22 2.66 -7.37 -11.43
C CYS A 22 3.36 -7.29 -12.78
N ARG A 23 2.66 -7.73 -13.83
CA ARG A 23 3.21 -7.69 -15.19
C ARG A 23 3.43 -6.25 -15.65
N THR A 24 2.88 -5.31 -14.90
CA THR A 24 3.04 -3.90 -15.21
C THR A 24 3.78 -3.18 -14.07
N ALA A 25 4.40 -3.96 -13.18
CA ALA A 25 5.08 -3.40 -12.00
C ALA A 25 6.48 -2.91 -12.35
N GLY A 26 7.05 -3.45 -13.41
CA GLY A 26 8.37 -3.04 -13.85
C GLY A 26 9.48 -3.53 -12.93
N SER A 27 9.94 -2.62 -12.06
CA SER A 27 11.07 -2.89 -11.17
C SER A 27 10.87 -4.16 -10.36
N ARG A 28 9.71 -4.29 -9.73
CA ARG A 28 9.46 -5.39 -8.83
C ARG A 28 8.53 -6.43 -9.46
N GLU A 29 8.47 -6.43 -10.79
CA GLU A 29 7.75 -7.46 -11.52
C GLU A 29 8.41 -8.81 -11.28
N LYS A 30 9.73 -8.80 -11.29
CA LYS A 30 10.51 -10.02 -11.14
C LYS A 30 10.45 -10.51 -9.69
N ASP A 31 10.40 -9.57 -8.76
CA ASP A 31 10.27 -9.89 -7.34
C ASP A 31 8.90 -10.49 -7.07
N CYS A 32 7.87 -9.85 -7.59
CA CYS A 32 6.49 -10.25 -7.35
C CYS A 32 6.23 -11.67 -7.80
N ARG A 33 6.72 -12.03 -8.99
CA ARG A 33 6.42 -13.32 -9.57
C ARG A 33 7.04 -14.45 -8.75
N LYS A 34 8.18 -14.19 -8.12
CA LYS A 34 8.82 -15.17 -7.27
C LYS A 34 8.11 -15.26 -5.92
N ASP A 35 7.78 -14.09 -5.38
CA ASP A 35 7.18 -13.99 -4.05
C ASP A 35 5.78 -14.62 -4.04
N VAL A 36 5.03 -14.42 -5.12
CA VAL A 36 3.68 -14.92 -5.21
C VAL A 36 3.64 -16.43 -5.47
N GLN A 37 4.61 -16.94 -6.24
CA GLN A 37 4.64 -18.37 -6.55
C GLN A 37 5.21 -19.17 -5.40
N ALA A 38 5.94 -18.50 -4.51
CA ALA A 38 6.41 -19.12 -3.28
C ALA A 38 5.26 -19.37 -2.32
N CYS A 39 4.12 -18.75 -2.61
CA CYS A 39 2.96 -18.88 -1.76
C CYS A 39 1.86 -19.67 -2.47
N ASP A 40 1.78 -20.97 -2.18
CA ASP A 40 0.75 -21.83 -2.78
C ASP A 40 -0.60 -21.58 -2.14
N LYS A 41 -0.63 -21.56 -0.82
CA LYS A 41 -1.85 -21.29 -0.09
C LYS A 41 -1.95 -19.80 0.19
N LYS A 42 -2.59 -19.09 -0.73
CA LYS A 42 -2.65 -17.64 -0.64
C LYS A 42 -3.85 -17.21 0.19
N TYR A 43 -4.89 -18.04 0.22
CA TYR A 43 -6.15 -17.60 0.79
C TYR A 43 -6.57 -18.50 1.94
N ASP A 44 -7.28 -17.91 2.88
CA ASP A 44 -7.73 -18.59 4.08
C ASP A 44 -8.97 -19.44 3.78
N ASP A 45 -9.23 -20.39 4.66
CA ASP A 45 -10.39 -21.29 4.54
C ASP A 45 -11.70 -20.52 4.41
N GLN A 46 -11.77 -19.34 5.02
CA GLN A 46 -12.99 -18.54 4.97
C GLN A 46 -13.01 -17.63 3.73
N GLY A 47 -12.03 -17.80 2.85
CA GLY A 47 -11.97 -17.01 1.64
C GLY A 47 -11.32 -15.65 1.87
N ARG A 48 -10.55 -15.54 2.94
CA ARG A 48 -9.87 -14.30 3.27
C ARG A 48 -8.42 -14.32 2.80
N GLU A 49 -7.78 -13.17 2.81
CA GLU A 49 -6.36 -13.09 2.49
C GLU A 49 -5.54 -13.39 3.75
N THR A 50 -4.55 -14.26 3.60
CA THR A 50 -3.71 -14.66 4.72
C THR A 50 -2.63 -13.62 4.99
N ALA A 51 -1.75 -13.90 5.94
CA ALA A 51 -0.61 -13.04 6.21
C ALA A 51 0.34 -13.05 5.02
N CYS A 52 0.40 -14.20 4.34
CA CYS A 52 1.20 -14.32 3.12
C CYS A 52 0.56 -13.51 2.01
N ALA A 53 -0.75 -13.72 1.82
CA ALA A 53 -1.51 -12.98 0.81
C ALA A 53 -1.42 -11.47 1.01
N LYS A 54 -1.38 -11.03 2.26
CA LYS A 54 -1.40 -9.60 2.53
C LYS A 54 0.01 -9.06 2.34
N GLY A 55 0.98 -9.97 2.47
CA GLY A 55 2.37 -9.60 2.36
C GLY A 55 2.73 -9.28 0.94
N ILE A 56 2.07 -9.95 0.01
CA ILE A 56 2.23 -9.65 -1.40
C ILE A 56 1.53 -8.34 -1.71
N ARG A 57 0.32 -8.19 -1.15
CA ARG A 57 -0.47 -6.98 -1.29
C ARG A 57 0.29 -5.73 -0.85
N GLU A 58 1.10 -5.87 0.19
CA GLU A 58 1.81 -4.71 0.74
C GLU A 58 3.14 -4.43 0.02
N LYS A 59 3.89 -5.47 -0.32
CA LYS A 59 5.18 -5.28 -1.00
C LYS A 59 4.97 -4.63 -2.36
N TYR A 60 3.96 -5.11 -3.07
CA TYR A 60 3.72 -4.69 -4.44
C TYR A 60 2.41 -3.93 -4.51
N LYS A 61 2.10 -3.22 -3.43
CA LYS A 61 0.85 -2.49 -3.29
C LYS A 61 0.62 -1.55 -4.46
N PRO A 62 -0.64 -1.38 -4.88
CA PRO A 62 -1.02 -0.31 -5.80
C PRO A 62 -0.91 1.04 -5.08
N ALA A 63 -0.82 2.12 -5.83
CA ALA A 63 -0.71 3.44 -5.23
C ALA A 63 -2.01 3.80 -4.50
N VAL A 64 -2.06 3.48 -3.22
CA VAL A 64 -3.20 3.74 -2.36
C VAL A 64 -2.68 4.05 -0.97
N VAL A 65 -3.39 4.90 -0.24
CA VAL A 65 -3.03 5.19 1.13
C VAL A 65 -3.64 4.16 2.07
N TYR A 66 -2.79 3.36 2.70
CA TYR A 66 -3.24 2.35 3.63
C TYR A 66 -3.36 2.93 5.02
N GLY A 67 -4.43 2.59 5.72
CA GLY A 67 -4.65 3.10 7.06
C GLY A 67 -4.07 2.20 8.13
N TYR A 68 -4.31 2.54 9.39
CA TYR A 68 -3.80 1.76 10.52
C TYR A 68 -4.44 0.38 10.56
N ASP A 69 -5.53 0.23 9.82
CA ASP A 69 -6.24 -1.05 9.73
C ASP A 69 -5.42 -2.04 8.92
N GLY A 70 -4.43 -1.54 8.18
CA GLY A 70 -3.68 -2.38 7.26
C GLY A 70 -4.46 -2.58 5.98
N LYS A 71 -5.51 -1.78 5.84
CA LYS A 71 -6.42 -1.88 4.72
C LYS A 71 -6.34 -0.60 3.88
N PRO A 72 -6.48 -0.70 2.56
CA PRO A 72 -6.45 0.47 1.67
C PRO A 72 -7.72 1.32 1.77
N LEU A 73 -7.63 2.43 2.49
CA LEU A 73 -8.73 3.38 2.58
C LEU A 73 -8.17 4.81 2.67
N ASP A 74 -8.74 5.71 1.90
CA ASP A 74 -8.23 7.08 1.87
C ASP A 74 -8.59 7.83 3.15
N LEU A 75 -7.67 8.70 3.57
CA LEU A 75 -7.80 9.54 4.78
C LEU A 75 -7.80 8.70 6.07
N GLY A 76 -7.99 7.39 5.96
CA GLY A 76 -8.07 6.52 7.12
C GLY A 76 -6.81 6.53 7.97
N PHE A 77 -5.69 6.82 7.33
CA PHE A 77 -4.40 6.85 8.02
C PHE A 77 -4.24 8.15 8.82
N CYS A 78 -5.03 9.16 8.48
CA CYS A 78 -4.86 10.48 9.07
C CYS A 78 -6.06 10.87 9.94
N THR A 79 -7.04 9.97 10.05
CA THR A 79 -8.28 10.28 10.77
C THR A 79 -8.04 10.40 12.27
N LEU A 80 -6.88 9.92 12.72
CA LEU A 80 -6.54 9.94 14.13
C LEU A 80 -5.97 11.30 14.54
N ALA A 81 -5.74 12.15 13.54
CA ALA A 81 -5.21 13.48 13.78
C ALA A 81 -6.33 14.52 13.71
N GLY A 82 -5.98 15.77 13.93
CA GLY A 82 -6.97 16.84 13.89
C GLY A 82 -6.87 17.67 12.63
N ILE A 83 -6.21 18.82 12.73
CA ILE A 83 -6.10 19.74 11.62
C ILE A 83 -5.07 19.27 10.61
N ARG A 84 -4.05 18.55 11.09
CA ARG A 84 -2.94 18.11 10.25
C ARG A 84 -3.38 16.98 9.32
N GLU A 85 -4.63 16.54 9.47
CA GLU A 85 -5.20 15.48 8.64
C GLU A 85 -5.25 15.91 7.18
N VAL A 86 -5.56 17.18 6.95
CA VAL A 86 -5.69 17.73 5.61
C VAL A 86 -4.34 17.72 4.90
N ASP A 87 -3.31 18.06 5.66
CA ASP A 87 -1.93 18.10 5.17
C ASP A 87 -1.39 16.67 5.01
N CYS A 88 -1.98 15.78 5.79
CA CYS A 88 -1.52 14.40 5.90
C CYS A 88 -1.92 13.60 4.67
N ARG A 89 -3.09 13.92 4.12
CA ARG A 89 -3.68 13.16 3.03
C ARG A 89 -2.94 13.42 1.70
N LYS A 90 -2.42 14.62 1.53
CA LYS A 90 -1.90 15.06 0.24
C LYS A 90 -0.65 14.29 -0.19
N ASP A 91 0.36 14.29 0.68
CA ASP A 91 1.67 13.74 0.32
C ASP A 91 1.71 12.22 0.45
N ALA A 92 0.83 11.67 1.27
CA ALA A 92 0.86 10.25 1.61
C ALA A 92 0.86 9.35 0.36
N GLN A 93 0.02 9.69 -0.61
CA GLN A 93 -0.09 8.87 -1.83
C GLN A 93 1.17 8.93 -2.69
N THR A 94 2.09 9.84 -2.37
CA THR A 94 3.34 9.99 -3.12
C THR A 94 4.40 9.01 -2.60
N CYS A 95 4.12 8.43 -1.43
CA CYS A 95 5.06 7.52 -0.78
C CYS A 95 4.72 6.06 -1.11
N ASP A 96 4.39 5.78 -2.37
CA ASP A 96 3.81 4.49 -2.74
C ASP A 96 4.81 3.33 -2.65
N LYS A 97 5.90 3.37 -3.42
CA LYS A 97 6.89 2.30 -3.35
C LYS A 97 8.32 2.82 -3.16
N LYS A 98 8.87 3.39 -4.24
CA LYS A 98 10.23 3.89 -4.21
C LYS A 98 10.38 5.24 -4.90
N TYR A 99 9.80 5.35 -6.10
CA TYR A 99 10.15 6.42 -7.05
C TYR A 99 9.85 7.81 -6.48
N GLU A 100 8.58 8.14 -6.36
CA GLU A 100 8.20 9.43 -5.82
C GLU A 100 8.23 9.43 -4.29
N SER A 101 8.60 8.30 -3.73
CA SER A 101 8.70 8.17 -2.28
C SER A 101 9.81 9.06 -1.73
N ASP A 102 10.89 9.21 -2.50
CA ASP A 102 11.95 10.15 -2.18
C ASP A 102 11.39 11.56 -2.06
N LYS A 103 10.51 11.90 -2.99
CA LYS A 103 9.89 13.22 -3.00
C LYS A 103 8.94 13.37 -1.82
N CYS A 104 8.33 12.27 -1.42
CA CYS A 104 7.47 12.25 -0.24
C CYS A 104 8.29 12.51 1.02
N LEU A 105 9.42 11.81 1.13
CA LEU A 105 10.25 11.88 2.32
C LEU A 105 10.66 13.33 2.63
N ASN A 106 11.19 14.03 1.63
CA ASN A 106 11.67 15.40 1.85
C ASN A 106 10.51 16.36 2.04
N ALA A 107 9.36 16.02 1.46
CA ALA A 107 8.19 16.89 1.52
C ALA A 107 7.52 16.79 2.88
N ILE A 108 7.64 15.62 3.49
CA ILE A 108 7.01 15.37 4.78
C ILE A 108 7.82 15.99 5.89
N LYS A 109 9.12 16.08 5.68
CA LYS A 109 10.01 16.63 6.70
C LYS A 109 9.94 18.14 6.70
N GLU A 110 9.59 18.69 5.54
CA GLU A 110 9.53 20.14 5.35
C GLU A 110 8.36 20.70 6.13
N LYS A 111 7.25 19.98 6.11
CA LYS A 111 6.05 20.38 6.82
C LYS A 111 6.14 20.04 8.30
N TYR A 112 6.74 18.91 8.62
CA TYR A 112 6.93 18.50 10.00
C TYR A 112 8.33 18.89 10.46
N LYS A 113 8.80 20.00 9.91
CA LYS A 113 10.11 20.57 10.22
C LYS A 113 10.22 20.90 11.70
N PRO A 114 11.42 20.71 12.29
CA PRO A 114 11.70 21.12 13.67
C PRO A 114 11.66 22.64 13.83
N VAL A 115 10.45 23.20 13.78
CA VAL A 115 10.24 24.62 14.01
C VAL A 115 9.99 24.91 15.48
N VAL A 116 10.00 23.84 16.27
CA VAL A 116 9.85 23.95 17.71
C VAL A 116 11.05 24.68 18.29
N ASP A 117 10.84 25.43 19.36
CA ASP A 117 11.92 26.18 20.02
C ASP A 117 13.05 25.24 20.41
N PRO A 118 14.25 25.50 19.86
CA PRO A 118 15.45 24.70 20.17
C PRO A 118 15.88 24.91 21.61
N ASN A 119 16.59 23.95 22.16
CA ASN A 119 16.97 24.02 23.56
C ASN A 119 18.23 24.88 23.74
N PRO A 120 18.19 25.78 24.74
CA PRO A 120 19.35 26.61 25.09
C PRO A 120 20.40 25.78 25.85
N PRO A 121 21.49 26.41 26.35
CA PRO A 121 22.49 25.73 27.18
C PRO A 121 21.85 24.88 28.27
N ALA A 122 21.82 23.57 28.04
CA ALA A 122 21.20 22.62 28.95
C ALA A 122 21.59 21.20 28.55
N ALA A 1 -32.19 -16.25 -23.96
CA ALA A 1 -31.99 -15.07 -23.08
C ALA A 1 -30.99 -15.39 -21.98
N ASP A 2 -29.75 -14.98 -22.19
CA ASP A 2 -28.69 -15.22 -21.21
C ASP A 2 -28.41 -13.96 -20.43
N VAL A 3 -28.38 -14.07 -19.11
CA VAL A 3 -28.12 -12.92 -18.25
C VAL A 3 -27.18 -13.32 -17.10
N PHE A 4 -26.58 -14.50 -17.25
CA PHE A 4 -25.71 -15.04 -16.21
C PHE A 4 -24.34 -14.39 -16.24
N ASP A 5 -24.01 -13.69 -15.17
CA ASP A 5 -22.70 -13.08 -15.02
C ASP A 5 -21.89 -13.90 -14.02
N PRO A 6 -20.74 -14.43 -14.44
CA PRO A 6 -19.92 -15.35 -13.63
C PRO A 6 -19.46 -14.74 -12.32
N PRO A 7 -19.87 -15.34 -11.20
CA PRO A 7 -19.43 -14.95 -9.86
C PRO A 7 -17.96 -15.25 -9.67
N THR A 8 -17.15 -14.21 -9.52
CA THR A 8 -15.71 -14.37 -9.42
C THR A 8 -15.31 -15.07 -8.13
N GLN A 9 -15.12 -16.37 -8.22
CA GLN A 9 -14.59 -17.16 -7.11
C GLN A 9 -13.07 -17.12 -7.16
N TYR A 10 -12.54 -16.31 -8.07
CA TYR A 10 -11.11 -16.15 -8.24
C TYR A 10 -10.64 -14.92 -7.47
N GLY A 11 -11.04 -13.75 -7.96
CA GLY A 11 -10.63 -12.50 -7.37
C GLY A 11 -11.18 -11.32 -8.13
N TYR A 12 -10.73 -11.17 -9.37
CA TYR A 12 -11.25 -10.13 -10.25
C TYR A 12 -11.76 -10.78 -11.53
N ASP A 13 -12.16 -12.05 -11.41
CA ASP A 13 -12.51 -12.91 -12.55
C ASP A 13 -11.25 -13.29 -13.33
N GLY A 14 -11.11 -14.58 -13.60
CA GLY A 14 -9.94 -15.07 -14.28
C GLY A 14 -8.93 -15.63 -13.30
N LYS A 15 -8.26 -14.75 -12.59
CA LYS A 15 -7.25 -15.15 -11.61
C LYS A 15 -7.52 -14.49 -10.26
N PRO A 16 -7.09 -15.11 -9.16
CA PRO A 16 -7.11 -14.50 -7.85
C PRO A 16 -5.99 -13.46 -7.70
N LEU A 17 -4.77 -13.94 -7.94
CA LEU A 17 -3.58 -13.10 -7.92
C LEU A 17 -2.63 -13.64 -8.96
N ASP A 18 -2.28 -12.83 -9.96
CA ASP A 18 -1.51 -13.32 -11.09
C ASP A 18 -0.31 -12.43 -11.36
N ALA A 19 0.73 -13.02 -11.97
CA ALA A 19 1.96 -12.31 -12.27
C ALA A 19 1.73 -11.21 -13.30
N SER A 20 0.68 -11.35 -14.10
CA SER A 20 0.34 -10.35 -15.10
C SER A 20 0.07 -9.00 -14.44
N PHE A 21 -0.47 -9.03 -13.23
CA PHE A 21 -0.69 -7.82 -12.45
C PHE A 21 0.64 -7.29 -11.95
N CYS A 22 1.55 -8.20 -11.65
CA CYS A 22 2.84 -7.86 -11.07
C CYS A 22 3.75 -7.17 -12.09
N ARG A 23 3.60 -7.50 -13.36
CA ARG A 23 4.38 -6.84 -14.41
C ARG A 23 3.88 -5.42 -14.62
N THR A 24 2.66 -5.17 -14.15
CA THR A 24 2.09 -3.84 -14.17
C THR A 24 2.42 -3.10 -12.87
N ALA A 25 2.90 -3.84 -11.89
CA ALA A 25 3.34 -3.27 -10.63
C ALA A 25 4.66 -2.55 -10.80
N GLY A 26 5.61 -3.21 -11.47
CA GLY A 26 6.86 -2.55 -11.81
C GLY A 26 8.03 -3.49 -11.66
N SER A 27 9.07 -3.04 -10.96
CA SER A 27 10.25 -3.84 -10.72
C SER A 27 9.90 -5.07 -9.86
N ARG A 28 8.72 -5.01 -9.24
CA ARG A 28 8.25 -6.09 -8.39
C ARG A 28 7.78 -7.29 -9.21
N GLU A 29 7.86 -7.19 -10.53
CA GLU A 29 7.54 -8.32 -11.40
C GLU A 29 8.47 -9.48 -11.10
N LYS A 30 9.75 -9.17 -10.95
CA LYS A 30 10.76 -10.20 -10.70
C LYS A 30 10.62 -10.77 -9.30
N ASP A 31 10.12 -9.95 -8.39
CA ASP A 31 9.93 -10.37 -7.01
C ASP A 31 8.67 -11.21 -6.90
N CYS A 32 7.64 -10.79 -7.62
CA CYS A 32 6.32 -11.45 -7.60
C CYS A 32 6.42 -12.90 -8.02
N ARG A 33 7.00 -13.14 -9.18
CA ARG A 33 7.15 -14.50 -9.70
C ARG A 33 7.84 -15.42 -8.69
N LYS A 34 8.73 -14.87 -7.87
CA LYS A 34 9.39 -15.65 -6.84
C LYS A 34 8.48 -15.85 -5.63
N ASP A 35 8.00 -14.74 -5.08
CA ASP A 35 7.25 -14.76 -3.82
C ASP A 35 5.86 -15.38 -3.99
N VAL A 36 5.11 -14.89 -4.96
CA VAL A 36 3.71 -15.27 -5.13
C VAL A 36 3.58 -16.73 -5.58
N GLN A 37 4.56 -17.22 -6.33
CA GLN A 37 4.55 -18.61 -6.78
C GLN A 37 5.03 -19.56 -5.68
N ALA A 38 5.95 -19.08 -4.84
CA ALA A 38 6.45 -19.88 -3.73
C ALA A 38 5.38 -19.97 -2.65
N CYS A 39 4.61 -18.91 -2.52
CA CYS A 39 3.49 -18.86 -1.60
C CYS A 39 2.38 -19.78 -2.11
N ASP A 40 2.17 -20.89 -1.43
CA ASP A 40 1.17 -21.88 -1.86
C ASP A 40 -0.22 -21.35 -1.68
N LYS A 41 -0.51 -21.04 -0.44
CA LYS A 41 -1.82 -20.62 -0.03
C LYS A 41 -1.84 -19.11 0.16
N LYS A 42 -2.28 -18.39 -0.85
CA LYS A 42 -2.30 -16.93 -0.80
C LYS A 42 -3.68 -16.44 -0.43
N TYR A 43 -4.60 -17.39 -0.25
CA TYR A 43 -5.89 -17.10 0.34
C TYR A 43 -6.30 -18.26 1.22
N ASP A 44 -6.88 -17.92 2.36
CA ASP A 44 -7.30 -18.92 3.32
C ASP A 44 -8.59 -19.58 2.89
N ASP A 45 -8.79 -20.82 3.32
CA ASP A 45 -9.95 -21.61 2.92
C ASP A 45 -11.25 -20.96 3.36
N GLN A 46 -11.16 -20.09 4.35
CA GLN A 46 -12.33 -19.37 4.87
C GLN A 46 -12.59 -18.09 4.08
N GLY A 47 -11.85 -17.91 2.99
CA GLY A 47 -12.02 -16.72 2.16
C GLY A 47 -11.22 -15.56 2.69
N ARG A 48 -10.35 -15.83 3.65
CA ARG A 48 -9.53 -14.81 4.27
C ARG A 48 -8.22 -14.67 3.51
N GLU A 49 -7.47 -13.62 3.77
CA GLU A 49 -6.14 -13.50 3.21
C GLU A 49 -5.11 -13.94 4.24
N THR A 50 -4.18 -14.79 3.82
CA THR A 50 -3.23 -15.41 4.73
C THR A 50 -2.16 -14.42 5.17
N ALA A 51 -1.32 -14.86 6.11
CA ALA A 51 -0.19 -14.06 6.57
C ALA A 51 0.73 -13.72 5.42
N CYS A 52 0.97 -14.70 4.55
CA CYS A 52 1.75 -14.51 3.35
C CYS A 52 1.07 -13.47 2.44
N ALA A 53 -0.23 -13.67 2.24
CA ALA A 53 -1.03 -12.75 1.44
C ALA A 53 -1.01 -11.34 2.00
N LYS A 54 -0.88 -11.23 3.33
CA LYS A 54 -0.91 -9.94 4.00
C LYS A 54 0.32 -9.16 3.59
N GLY A 55 1.44 -9.86 3.50
CA GLY A 55 2.69 -9.26 3.11
C GLY A 55 2.67 -8.84 1.66
N ILE A 56 2.17 -9.73 0.81
CA ILE A 56 1.95 -9.41 -0.60
C ILE A 56 1.16 -8.10 -0.74
N ARG A 57 0.02 -8.00 -0.04
CA ARG A 57 -0.75 -6.75 0.03
C ARG A 57 0.17 -5.54 0.30
N GLU A 58 1.03 -5.68 1.30
CA GLU A 58 1.89 -4.57 1.73
C GLU A 58 2.88 -4.18 0.64
N LYS A 59 3.54 -5.18 0.06
CA LYS A 59 4.64 -4.95 -0.87
C LYS A 59 4.14 -4.56 -2.26
N TYR A 60 3.13 -5.25 -2.73
CA TYR A 60 2.62 -5.08 -4.10
C TYR A 60 1.43 -4.14 -4.11
N LYS A 61 1.45 -3.18 -3.19
CA LYS A 61 0.36 -2.22 -3.02
C LYS A 61 -0.11 -1.60 -4.32
N PRO A 62 -1.41 -1.74 -4.62
CA PRO A 62 -2.07 -0.92 -5.62
C PRO A 62 -2.14 0.51 -5.12
N ALA A 63 -1.60 1.44 -5.90
CA ALA A 63 -1.45 2.84 -5.47
C ALA A 63 -2.77 3.47 -5.05
N VAL A 64 -3.04 3.42 -3.75
CA VAL A 64 -4.17 4.09 -3.12
C VAL A 64 -3.77 4.47 -1.68
N VAL A 65 -4.42 5.47 -1.12
CA VAL A 65 -4.12 5.88 0.24
C VAL A 65 -4.81 4.99 1.26
N TYR A 66 -4.01 4.17 1.94
CA TYR A 66 -4.51 3.32 3.02
C TYR A 66 -4.37 4.03 4.36
N GLY A 67 -5.14 3.58 5.33
CA GLY A 67 -5.07 4.17 6.66
C GLY A 67 -4.14 3.40 7.58
N TYR A 68 -4.18 3.73 8.86
CA TYR A 68 -3.27 3.14 9.85
C TYR A 68 -3.54 1.65 10.05
N ASP A 69 -4.78 1.24 9.82
CA ASP A 69 -5.18 -0.16 10.03
C ASP A 69 -4.86 -1.02 8.80
N GLY A 70 -4.65 -0.37 7.67
CA GLY A 70 -4.46 -1.09 6.44
C GLY A 70 -5.72 -1.09 5.59
N LYS A 71 -6.82 -0.64 6.19
CA LYS A 71 -8.07 -0.48 5.46
C LYS A 71 -7.99 0.74 4.54
N PRO A 72 -8.82 0.80 3.50
CA PRO A 72 -8.83 1.90 2.52
C PRO A 72 -9.52 3.16 3.04
N LEU A 73 -9.34 3.47 4.32
CA LEU A 73 -9.89 4.71 4.86
C LEU A 73 -8.84 5.82 4.76
N ASP A 74 -9.31 7.05 4.67
CA ASP A 74 -8.45 8.17 4.29
C ASP A 74 -7.62 8.68 5.47
N LEU A 75 -6.60 9.49 5.16
CA LEU A 75 -5.78 10.22 6.15
C LEU A 75 -5.37 9.38 7.36
N GLY A 76 -5.18 8.09 7.16
CA GLY A 76 -4.91 7.17 8.25
C GLY A 76 -3.71 7.58 9.10
N PHE A 77 -2.62 7.97 8.46
CA PHE A 77 -1.38 8.26 9.19
C PHE A 77 -1.14 9.76 9.33
N CYS A 78 -2.09 10.57 8.90
CA CYS A 78 -1.91 12.02 8.92
C CYS A 78 -2.64 12.65 10.11
N THR A 79 -3.49 11.86 10.76
CA THR A 79 -4.28 12.36 11.88
C THR A 79 -3.52 12.36 13.20
N LEU A 80 -2.35 11.71 13.21
CA LEU A 80 -1.55 11.61 14.42
C LEU A 80 -1.05 12.99 14.83
N ALA A 81 -0.65 13.78 13.85
CA ALA A 81 -0.24 15.16 14.09
C ALA A 81 -1.46 16.05 14.23
N GLY A 82 -2.54 15.68 13.56
CA GLY A 82 -3.77 16.44 13.64
C GLY A 82 -3.74 17.69 12.78
N ILE A 83 -2.89 18.64 13.18
CA ILE A 83 -2.79 19.92 12.48
C ILE A 83 -2.28 19.72 11.05
N ARG A 84 -1.47 18.69 10.85
CA ARG A 84 -0.87 18.45 9.54
C ARG A 84 -1.72 17.53 8.68
N GLU A 85 -2.87 17.12 9.20
CA GLU A 85 -3.74 16.16 8.53
C GLU A 85 -4.14 16.64 7.13
N VAL A 86 -4.61 17.87 7.06
CA VAL A 86 -5.11 18.44 5.81
C VAL A 86 -4.02 18.50 4.74
N ASP A 87 -2.82 18.87 5.15
CA ASP A 87 -1.69 19.01 4.23
C ASP A 87 -1.14 17.64 3.84
N CYS A 88 -0.91 16.80 4.85
CA CYS A 88 -0.38 15.45 4.67
C CYS A 88 -1.17 14.63 3.66
N ARG A 89 -2.48 14.84 3.61
CA ARG A 89 -3.34 14.08 2.71
C ARG A 89 -2.93 14.29 1.26
N LYS A 90 -2.44 15.49 0.97
CA LYS A 90 -2.02 15.86 -0.38
C LYS A 90 -0.68 15.22 -0.73
N ASP A 91 0.21 15.14 0.24
CA ASP A 91 1.58 14.66 0.02
C ASP A 91 1.62 13.14 -0.04
N ALA A 92 0.77 12.52 0.77
CA ALA A 92 0.87 11.10 1.07
C ALA A 92 0.98 10.20 -0.16
N GLN A 93 0.07 10.38 -1.11
CA GLN A 93 0.00 9.47 -2.25
C GLN A 93 1.07 9.74 -3.31
N THR A 94 1.75 10.88 -3.25
CA THR A 94 2.74 11.20 -4.26
C THR A 94 3.95 10.27 -4.16
N CYS A 95 4.08 9.62 -3.01
CA CYS A 95 5.04 8.54 -2.80
C CYS A 95 4.69 7.29 -3.61
N ASP A 96 4.32 7.46 -4.89
CA ASP A 96 3.71 6.35 -5.66
C ASP A 96 4.62 5.12 -5.77
N LYS A 97 5.76 5.24 -6.46
CA LYS A 97 6.66 4.09 -6.57
C LYS A 97 8.13 4.44 -6.32
N LYS A 98 8.72 5.15 -7.27
CA LYS A 98 10.17 5.31 -7.36
C LYS A 98 10.58 6.76 -7.56
N TYR A 99 10.26 7.26 -8.74
CA TYR A 99 10.76 8.54 -9.21
C TYR A 99 10.11 9.68 -8.44
N GLU A 100 8.89 9.46 -8.01
CA GLU A 100 8.13 10.49 -7.33
C GLU A 100 8.08 10.23 -5.82
N SER A 101 8.48 9.03 -5.39
CA SER A 101 8.49 8.71 -3.97
C SER A 101 9.59 9.49 -3.26
N ASP A 102 10.79 9.52 -3.85
CA ASP A 102 11.90 10.33 -3.34
C ASP A 102 11.48 11.79 -3.14
N LYS A 103 10.71 12.30 -4.09
CA LYS A 103 10.27 13.69 -4.05
C LYS A 103 9.22 13.88 -2.97
N CYS A 104 8.46 12.83 -2.74
CA CYS A 104 7.42 12.83 -1.73
C CYS A 104 8.01 12.71 -0.33
N LEU A 105 9.01 11.85 -0.20
CA LEU A 105 9.66 11.61 1.09
C LEU A 105 10.31 12.89 1.59
N ASN A 106 11.08 13.52 0.71
CA ASN A 106 11.70 14.81 0.99
C ASN A 106 10.68 15.86 1.46
N ALA A 107 9.43 15.70 1.02
CA ALA A 107 8.38 16.63 1.41
C ALA A 107 7.86 16.27 2.81
N ILE A 108 7.52 14.99 2.95
CA ILE A 108 6.96 14.42 4.18
C ILE A 108 7.75 14.81 5.43
N LYS A 109 9.07 14.98 5.31
CA LYS A 109 9.89 15.24 6.48
C LYS A 109 9.65 16.65 6.98
N GLU A 110 9.57 17.61 6.07
CA GLU A 110 9.41 19.00 6.43
C GLU A 110 7.98 19.28 6.87
N LYS A 111 7.05 18.43 6.44
CA LYS A 111 5.65 18.60 6.80
C LYS A 111 5.44 18.22 8.25
N TYR A 112 6.25 17.30 8.73
CA TYR A 112 6.22 16.87 10.12
C TYR A 112 7.43 17.42 10.87
N LYS A 113 7.88 18.60 10.48
CA LYS A 113 9.02 19.25 11.12
C LYS A 113 8.72 19.49 12.60
N PRO A 114 9.72 19.31 13.46
CA PRO A 114 9.57 19.55 14.90
C PRO A 114 9.46 21.04 15.21
N VAL A 115 8.49 21.39 16.05
CA VAL A 115 8.32 22.76 16.50
C VAL A 115 9.08 22.99 17.79
N VAL A 116 9.82 21.98 18.20
CA VAL A 116 10.58 22.03 19.44
C VAL A 116 11.84 22.87 19.27
N ASP A 117 12.23 23.57 20.31
CA ASP A 117 13.43 24.40 20.30
C ASP A 117 14.69 23.54 20.32
N PRO A 118 15.80 24.06 19.78
CA PRO A 118 17.06 23.30 19.60
C PRO A 118 17.67 22.83 20.92
N ASN A 119 18.53 21.83 20.83
CA ASN A 119 19.17 21.24 22.01
C ASN A 119 20.49 21.93 22.29
N PRO A 120 20.64 22.50 23.50
CA PRO A 120 21.88 23.15 23.91
C PRO A 120 23.01 22.13 24.05
N PRO A 121 24.11 22.33 23.30
CA PRO A 121 25.26 21.40 23.31
C PRO A 121 25.80 21.16 24.73
N ALA A 122 25.49 20.00 25.27
CA ALA A 122 25.91 19.63 26.61
C ALA A 122 26.09 18.13 26.70
N ALA A 1 -17.19 -10.03 -23.82
CA ALA A 1 -18.48 -10.75 -23.82
C ALA A 1 -18.24 -12.22 -24.16
N ASP A 2 -19.25 -12.87 -24.74
CA ASP A 2 -19.16 -14.27 -25.18
C ASP A 2 -19.18 -15.22 -23.98
N VAL A 3 -18.18 -15.09 -23.12
CA VAL A 3 -18.08 -15.89 -21.92
C VAL A 3 -18.94 -15.27 -20.82
N PHE A 4 -19.18 -16.03 -19.77
CA PHE A 4 -20.01 -15.56 -18.65
C PHE A 4 -19.23 -14.62 -17.74
N ASP A 5 -19.88 -14.15 -16.68
CA ASP A 5 -19.29 -13.19 -15.76
C ASP A 5 -18.04 -13.77 -15.10
N PRO A 6 -17.10 -12.89 -14.72
CA PRO A 6 -15.85 -13.30 -14.06
C PRO A 6 -16.10 -13.97 -12.71
N PRO A 7 -15.17 -14.85 -12.29
CA PRO A 7 -15.28 -15.56 -11.01
C PRO A 7 -15.33 -14.61 -9.82
N THR A 8 -16.30 -14.84 -8.94
CA THR A 8 -16.49 -13.97 -7.79
C THR A 8 -15.67 -14.48 -6.60
N GLN A 9 -14.37 -14.29 -6.69
CA GLN A 9 -13.46 -14.58 -5.60
C GLN A 9 -12.28 -13.61 -5.65
N TYR A 10 -12.49 -12.44 -5.07
CA TYR A 10 -11.47 -11.40 -5.07
C TYR A 10 -11.08 -11.01 -3.66
N GLY A 11 -10.05 -10.18 -3.54
CA GLY A 11 -9.57 -9.81 -2.23
C GLY A 11 -9.18 -8.34 -2.12
N TYR A 12 -8.23 -7.90 -2.94
CA TYR A 12 -7.66 -6.56 -2.77
C TYR A 12 -8.60 -5.48 -3.32
N ASP A 13 -9.43 -5.84 -4.29
CA ASP A 13 -10.34 -4.87 -4.91
C ASP A 13 -11.47 -5.60 -5.64
N GLY A 14 -11.24 -5.93 -6.90
CA GLY A 14 -12.24 -6.63 -7.68
C GLY A 14 -11.71 -7.94 -8.24
N LYS A 15 -10.40 -8.11 -8.15
CA LYS A 15 -9.75 -9.34 -8.55
C LYS A 15 -8.95 -9.88 -7.37
N PRO A 16 -8.47 -11.14 -7.45
CA PRO A 16 -7.54 -11.68 -6.46
C PRO A 16 -6.13 -11.16 -6.68
N LEU A 17 -5.18 -11.68 -5.93
CA LEU A 17 -3.79 -11.29 -6.10
C LEU A 17 -3.13 -12.13 -7.17
N ASP A 18 -2.51 -11.47 -8.13
CA ASP A 18 -1.86 -12.16 -9.24
C ASP A 18 -0.59 -11.43 -9.65
N ALA A 19 0.37 -12.20 -10.16
CA ALA A 19 1.66 -11.64 -10.55
C ALA A 19 1.54 -10.64 -11.69
N SER A 20 0.47 -10.74 -12.46
CA SER A 20 0.26 -9.86 -13.62
C SER A 20 0.32 -8.39 -13.23
N PHE A 21 -0.13 -8.07 -12.02
CA PHE A 21 -0.10 -6.70 -11.54
C PHE A 21 1.35 -6.21 -11.42
N CYS A 22 2.18 -7.03 -10.79
CA CYS A 22 3.58 -6.69 -10.59
C CYS A 22 4.33 -6.74 -11.91
N ARG A 23 3.87 -7.60 -12.82
CA ARG A 23 4.47 -7.73 -14.15
C ARG A 23 4.43 -6.41 -14.90
N THR A 24 3.36 -5.64 -14.71
CA THR A 24 3.22 -4.35 -15.36
C THR A 24 3.88 -3.23 -14.55
N ALA A 25 4.26 -3.55 -13.31
CA ALA A 25 4.86 -2.55 -12.43
C ALA A 25 6.34 -2.37 -12.75
N GLY A 26 7.03 -3.46 -13.05
CA GLY A 26 8.42 -3.39 -13.44
C GLY A 26 9.36 -3.29 -12.25
N SER A 27 9.21 -2.23 -11.45
CA SER A 27 10.10 -1.96 -10.33
C SER A 27 10.22 -3.16 -9.40
N ARG A 28 9.07 -3.75 -9.08
CA ARG A 28 9.03 -4.90 -8.19
C ARG A 28 8.42 -6.09 -8.90
N GLU A 29 8.74 -6.23 -10.18
CA GLU A 29 8.13 -7.26 -11.02
C GLU A 29 8.67 -8.62 -10.63
N LYS A 30 9.98 -8.77 -10.78
CA LYS A 30 10.64 -10.04 -10.49
C LYS A 30 10.53 -10.41 -9.02
N ASP A 31 10.73 -9.42 -8.16
CA ASP A 31 10.68 -9.64 -6.72
C ASP A 31 9.31 -10.17 -6.31
N CYS A 32 8.27 -9.55 -6.86
CA CYS A 32 6.89 -9.97 -6.62
C CYS A 32 6.60 -11.31 -7.30
N ARG A 33 7.19 -11.49 -8.47
CA ARG A 33 7.01 -12.69 -9.27
C ARG A 33 7.32 -13.94 -8.47
N LYS A 34 8.47 -13.94 -7.81
CA LYS A 34 8.89 -15.10 -7.01
C LYS A 34 8.03 -15.26 -5.76
N ASP A 35 7.57 -14.14 -5.21
CA ASP A 35 6.84 -14.16 -3.95
C ASP A 35 5.41 -14.66 -4.16
N VAL A 36 4.79 -14.21 -5.25
CA VAL A 36 3.41 -14.59 -5.56
C VAL A 36 3.34 -16.06 -5.99
N GLN A 37 4.28 -16.48 -6.83
CA GLN A 37 4.31 -17.87 -7.31
C GLN A 37 4.61 -18.83 -6.14
N ALA A 38 5.28 -18.30 -5.12
CA ALA A 38 5.54 -19.06 -3.90
C ALA A 38 4.26 -19.21 -3.08
N CYS A 39 3.45 -18.16 -3.08
CA CYS A 39 2.20 -18.19 -2.34
C CYS A 39 1.08 -18.76 -3.22
N ASP A 40 1.04 -20.08 -3.34
CA ASP A 40 -0.02 -20.75 -4.06
C ASP A 40 -1.34 -20.50 -3.39
N LYS A 41 -1.30 -20.68 -2.09
CA LYS A 41 -2.48 -20.65 -1.28
C LYS A 41 -2.69 -19.24 -0.77
N LYS A 42 -3.34 -18.43 -1.59
CA LYS A 42 -3.47 -17.01 -1.32
C LYS A 42 -4.67 -16.71 -0.43
N TYR A 43 -5.53 -17.70 -0.25
CA TYR A 43 -6.74 -17.51 0.53
C TYR A 43 -7.00 -18.77 1.36
N ASP A 44 -7.41 -18.54 2.59
CA ASP A 44 -7.66 -19.62 3.53
C ASP A 44 -9.09 -20.16 3.37
N ASP A 45 -9.33 -21.30 4.00
CA ASP A 45 -10.65 -21.95 3.97
C ASP A 45 -11.72 -21.04 4.54
N GLN A 46 -11.31 -20.10 5.37
CA GLN A 46 -12.23 -19.18 6.02
C GLN A 46 -12.55 -17.99 5.13
N GLY A 47 -11.91 -17.93 3.97
CA GLY A 47 -12.16 -16.84 3.04
C GLY A 47 -11.34 -15.60 3.34
N ARG A 48 -10.29 -15.78 4.13
CA ARG A 48 -9.39 -14.68 4.46
C ARG A 48 -8.05 -14.91 3.77
N GLU A 49 -7.23 -13.88 3.67
CA GLU A 49 -5.97 -14.01 2.94
C GLU A 49 -4.85 -14.47 3.88
N THR A 50 -3.88 -15.17 3.32
CA THR A 50 -2.82 -15.80 4.10
C THR A 50 -1.67 -14.84 4.41
N ALA A 51 -0.66 -15.35 5.11
CA ALA A 51 0.50 -14.55 5.49
C ALA A 51 1.27 -14.07 4.26
N CYS A 52 1.42 -14.95 3.29
CA CYS A 52 2.07 -14.59 2.05
C CYS A 52 1.21 -13.63 1.24
N ALA A 53 -0.10 -13.90 1.21
CA ALA A 53 -1.05 -13.04 0.51
C ALA A 53 -1.07 -11.62 1.07
N LYS A 54 -0.92 -11.48 2.38
CA LYS A 54 -0.95 -10.15 2.99
C LYS A 54 0.40 -9.51 2.81
N GLY A 55 1.41 -10.35 2.62
CA GLY A 55 2.75 -9.88 2.38
C GLY A 55 2.84 -9.14 1.06
N ILE A 56 1.98 -9.52 0.13
CA ILE A 56 1.89 -8.83 -1.15
C ILE A 56 1.24 -7.47 -0.95
N ARG A 57 0.18 -7.44 -0.14
CA ARG A 57 -0.54 -6.19 0.15
C ARG A 57 0.40 -5.13 0.71
N GLU A 58 1.32 -5.53 1.58
CA GLU A 58 2.21 -4.60 2.25
C GLU A 58 3.40 -4.20 1.38
N LYS A 59 4.05 -5.17 0.75
CA LYS A 59 5.25 -4.87 -0.03
C LYS A 59 4.90 -4.43 -1.44
N TYR A 60 4.14 -5.27 -2.14
CA TYR A 60 3.85 -5.08 -3.55
C TYR A 60 2.51 -4.38 -3.71
N LYS A 61 2.21 -3.51 -2.75
CA LYS A 61 0.95 -2.79 -2.66
C LYS A 61 0.45 -2.28 -4.02
N PRO A 62 -0.86 -2.40 -4.26
CA PRO A 62 -1.50 -1.86 -5.45
C PRO A 62 -1.56 -0.34 -5.41
N ALA A 63 -1.51 0.29 -6.58
CA ALA A 63 -1.72 1.73 -6.67
C ALA A 63 -3.15 2.03 -6.28
N VAL A 64 -3.34 2.35 -5.01
CA VAL A 64 -4.66 2.49 -4.44
C VAL A 64 -4.56 3.25 -3.12
N VAL A 65 -5.64 3.88 -2.68
CA VAL A 65 -5.61 4.63 -1.43
C VAL A 65 -6.02 3.72 -0.28
N TYR A 66 -5.04 3.34 0.53
CA TYR A 66 -5.26 2.47 1.69
C TYR A 66 -4.94 3.19 2.99
N GLY A 67 -5.37 2.59 4.09
CA GLY A 67 -4.97 3.06 5.39
C GLY A 67 -3.97 2.10 6.03
N TYR A 68 -3.51 2.42 7.24
CA TYR A 68 -2.53 1.57 7.93
C TYR A 68 -3.14 0.23 8.30
N ASP A 69 -4.46 0.16 8.22
CA ASP A 69 -5.21 -1.02 8.62
C ASP A 69 -5.44 -1.94 7.42
N GLY A 70 -4.93 -1.53 6.26
CA GLY A 70 -5.06 -2.33 5.06
C GLY A 70 -6.39 -2.12 4.36
N LYS A 71 -7.35 -1.55 5.09
CA LYS A 71 -8.68 -1.28 4.56
C LYS A 71 -8.67 0.02 3.76
N PRO A 72 -9.68 0.22 2.90
CA PRO A 72 -9.88 1.49 2.21
C PRO A 72 -10.22 2.61 3.18
N LEU A 73 -9.19 3.27 3.68
CA LEU A 73 -9.37 4.34 4.65
C LEU A 73 -8.45 5.49 4.26
N ASP A 74 -9.05 6.57 3.79
CA ASP A 74 -8.27 7.71 3.32
C ASP A 74 -7.56 8.36 4.49
N LEU A 75 -6.30 8.70 4.28
CA LEU A 75 -5.44 9.32 5.30
C LEU A 75 -5.52 8.62 6.66
N GLY A 76 -5.85 7.33 6.63
CA GLY A 76 -6.02 6.55 7.86
C GLY A 76 -4.79 6.54 8.73
N PHE A 77 -3.62 6.53 8.11
CA PHE A 77 -2.36 6.53 8.84
C PHE A 77 -2.00 7.95 9.26
N CYS A 78 -2.64 8.91 8.62
CA CYS A 78 -2.35 10.32 8.84
C CYS A 78 -3.27 10.89 9.91
N THR A 79 -4.26 10.10 10.32
CA THR A 79 -5.24 10.52 11.32
C THR A 79 -4.60 10.60 12.71
N LEU A 80 -3.31 10.31 12.78
CA LEU A 80 -2.57 10.42 14.02
C LEU A 80 -2.10 11.87 14.23
N ALA A 81 -2.42 12.72 13.27
CA ALA A 81 -2.07 14.13 13.34
C ALA A 81 -3.31 15.00 13.16
N GLY A 82 -3.12 16.31 13.28
CA GLY A 82 -4.24 17.24 13.13
C GLY A 82 -4.39 17.73 11.69
N ILE A 83 -3.87 18.92 11.43
CA ILE A 83 -3.94 19.50 10.09
C ILE A 83 -3.00 18.76 9.14
N ARG A 84 -1.93 18.21 9.72
CA ARG A 84 -0.92 17.48 8.95
C ARG A 84 -1.53 16.21 8.34
N GLU A 85 -2.68 15.82 8.87
CA GLU A 85 -3.47 14.71 8.32
C GLU A 85 -3.89 15.01 6.89
N VAL A 86 -4.38 16.22 6.70
CA VAL A 86 -4.85 16.68 5.40
C VAL A 86 -3.73 16.61 4.37
N ASP A 87 -2.57 17.14 4.74
CA ASP A 87 -1.40 17.12 3.87
C ASP A 87 -0.97 15.68 3.55
N CYS A 88 -0.81 14.89 4.60
CA CYS A 88 -0.27 13.54 4.49
C CYS A 88 -0.97 12.66 3.43
N ARG A 89 -2.28 12.79 3.28
CA ARG A 89 -3.00 11.92 2.35
C ARG A 89 -2.56 12.16 0.90
N LYS A 90 -2.15 13.38 0.60
CA LYS A 90 -1.67 13.72 -0.74
C LYS A 90 -0.25 13.19 -0.95
N ASP A 91 0.59 13.40 0.05
CA ASP A 91 2.02 13.15 -0.07
C ASP A 91 2.37 11.66 0.02
N ALA A 92 1.82 11.00 1.05
CA ALA A 92 2.22 9.65 1.41
C ALA A 92 2.10 8.65 0.26
N GLN A 93 0.96 8.65 -0.42
CA GLN A 93 0.67 7.68 -1.46
C GLN A 93 1.64 7.75 -2.65
N THR A 94 2.46 8.79 -2.70
CA THR A 94 3.40 8.96 -3.81
C THR A 94 4.60 8.03 -3.67
N CYS A 95 4.89 7.61 -2.43
CA CYS A 95 6.01 6.69 -2.13
C CYS A 95 5.80 5.29 -2.71
N ASP A 96 5.36 5.18 -3.96
CA ASP A 96 4.95 3.88 -4.50
C ASP A 96 6.11 3.00 -4.99
N LYS A 97 6.92 3.45 -5.97
CA LYS A 97 7.95 2.55 -6.49
C LYS A 97 9.37 3.10 -6.46
N LYS A 98 9.69 4.04 -7.34
CA LYS A 98 11.09 4.49 -7.49
C LYS A 98 11.21 6.00 -7.55
N TYR A 99 10.78 6.56 -8.67
CA TYR A 99 10.94 7.97 -8.96
C TYR A 99 9.99 8.79 -8.11
N GLU A 100 8.84 8.20 -7.83
CA GLU A 100 7.81 8.85 -7.05
C GLU A 100 8.15 8.82 -5.57
N SER A 101 9.00 7.86 -5.20
CA SER A 101 9.31 7.60 -3.80
C SER A 101 10.04 8.76 -3.15
N ASP A 102 11.18 9.16 -3.69
CA ASP A 102 11.98 10.22 -3.07
C ASP A 102 11.22 11.55 -3.06
N LYS A 103 10.42 11.78 -4.08
CA LYS A 103 9.58 12.97 -4.15
C LYS A 103 8.62 12.99 -2.96
N CYS A 104 8.10 11.82 -2.63
CA CYS A 104 7.19 11.65 -1.52
C CYS A 104 7.94 11.66 -0.20
N LEU A 105 9.10 11.01 -0.17
CA LEU A 105 9.89 10.87 1.03
C LEU A 105 10.27 12.24 1.57
N ASN A 106 10.79 13.09 0.70
CA ASN A 106 11.14 14.45 1.05
C ASN A 106 9.92 15.27 1.47
N ALA A 107 8.75 14.89 1.00
CA ALA A 107 7.52 15.59 1.34
C ALA A 107 7.05 15.17 2.74
N ILE A 108 7.02 13.86 2.94
CA ILE A 108 6.68 13.26 4.23
C ILE A 108 7.52 13.84 5.38
N LYS A 109 8.75 14.28 5.08
CA LYS A 109 9.65 14.74 6.12
C LYS A 109 9.24 16.12 6.63
N GLU A 110 8.86 16.99 5.71
CA GLU A 110 8.47 18.35 6.08
C GLU A 110 7.09 18.39 6.69
N LYS A 111 6.34 17.29 6.58
CA LYS A 111 5.00 17.22 7.15
C LYS A 111 5.06 17.32 8.67
N TYR A 112 6.13 16.80 9.26
CA TYR A 112 6.24 16.72 10.71
C TYR A 112 7.33 17.63 11.25
N LYS A 113 7.72 18.64 10.47
CA LYS A 113 8.72 19.61 10.91
C LYS A 113 8.16 20.48 12.06
N PRO A 114 9.03 20.86 13.00
CA PRO A 114 8.66 21.73 14.13
C PRO A 114 8.51 23.18 13.71
N VAL A 115 7.52 23.45 12.86
CA VAL A 115 7.26 24.79 12.36
C VAL A 115 6.73 25.72 13.46
N VAL A 116 6.26 25.12 14.54
CA VAL A 116 5.77 25.89 15.68
C VAL A 116 6.90 26.13 16.66
N ASP A 117 7.48 27.32 16.61
CA ASP A 117 8.57 27.69 17.51
C ASP A 117 8.06 27.76 18.95
N PRO A 118 8.96 27.54 19.92
CA PRO A 118 8.61 27.53 21.35
C PRO A 118 7.87 28.80 21.78
N ASN A 119 6.57 28.64 22.00
CA ASN A 119 5.73 29.73 22.44
C ASN A 119 5.73 29.81 23.97
N PRO A 120 5.17 30.90 24.55
CA PRO A 120 5.02 31.03 26.00
C PRO A 120 4.44 29.76 26.64
N PRO A 121 5.03 29.31 27.76
CA PRO A 121 4.65 28.06 28.43
C PRO A 121 3.16 27.98 28.76
N ALA A 122 2.49 27.01 28.16
CA ALA A 122 1.08 26.79 28.41
C ALA A 122 0.85 25.35 28.84
#